data_4EX4
#
_entry.id   4EX4
#
_cell.length_a   106.610
_cell.length_b   59.740
_cell.length_c   118.460
_cell.angle_alpha   90.00
_cell.angle_beta   100.97
_cell.angle_gamma   90.00
#
_symmetry.space_group_name_H-M   'P 1 21 1'
#
loop_
_entity.id
_entity.type
_entity.pdbx_description
1 polymer 'Malate synthase G'
2 non-polymer 'MAGNESIUM ION'
3 non-polymer 1,2-ETHANEDIOL
4 water water
#
_entity_poly.entity_id   1
_entity_poly.type   'polypeptide(L)'
_entity_poly.pdbx_seq_one_letter_code
;GPGSMTDRVSAGNLRVARVLYDFVNNEALPGTDINPNSFWSGVAKVVADLTPQNQSLLNSRDELQAQIDKWHRHRVIEPF
DVDAYRQFLIDIGYLLPEPDDFTISTSGVDDEITMTAGPQLVVPVLNARFALNAANARWGSLYDALYGTDTIPETEGAEK
GSEYNKIRGDKVIAYARKFMDQAVPLASDSWTNATGVSIFDGQLQIAIGTNSTGLASPEKFVGYNRQLRSSNWSVLLANH
GLHIEVLIDPESPIGKTDPVGIKDVILESAITTIMDFEDSVTAVDADDKVRGYRNWLGLNKGDLTEEVNKDGKTFTRVLN
ADRSYTTPDGGELTLPGRSLLFVRNVGHLTTSDAILVDGGDGQEKEVFEGIIDAVFTGLAAIHGLKTGEANGPLTNSRTG
SIYIVKPKMHGPAEVAFTCELFSRVEDVLGLPQGTLKVGIMDEERRTTLNLKACIKAAADRVVFINTGFLDRTGDEIHTS
MEAGPMIRKGAMKNSTWIKAYEDANVDIGLAAGFKGKAQIGKGMWAMTELMADMVEQKIGQPKAGATTAWVPSPTAATLH
AMHYHQVDVAAVQQELTGQRRATVDQLLTIPLAKKLAWAPEEIREEVDNDCQSILGYVVRWVDQGIGCSKVPDIHNVALM
EDRATLRISSQLLANWLRHGVITSEDVRASLERMAPLVDQQNAEDPAYRPMAPNFDDSIAFLAAQELILSGAQQPNGYTE
PILHRRRREFKAQNR
;
_entity_poly.pdbx_strand_id   A,B
#
loop_
_chem_comp.id
_chem_comp.type
_chem_comp.name
_chem_comp.formula
EDO non-polymer 1,2-ETHANEDIOL 'C2 H6 O2'
MG non-polymer 'MAGNESIUM ION' 'Mg 2'
#
# COMPACT_ATOMS: atom_id res chain seq x y z
N ASP A 7 15.27 -18.46 -4.60
CA ASP A 7 14.65 -17.22 -5.12
C ASP A 7 15.73 -16.13 -5.44
N ARG A 8 16.70 -16.55 -6.26
CA ARG A 8 17.63 -15.61 -6.93
C ARG A 8 17.64 -15.87 -8.44
N VAL A 9 17.66 -14.83 -9.25
CA VAL A 9 17.74 -14.98 -10.70
C VAL A 9 19.20 -14.75 -11.14
N SER A 10 19.73 -15.71 -11.89
CA SER A 10 21.04 -15.59 -12.51
C SER A 10 20.92 -14.55 -13.62
N ALA A 11 21.64 -13.45 -13.45
CA ALA A 11 21.78 -12.40 -14.45
C ALA A 11 23.31 -12.25 -14.73
N GLY A 12 23.82 -13.20 -15.51
CA GLY A 12 25.25 -13.36 -15.75
C GLY A 12 26.00 -13.69 -14.44
N ASN A 13 26.96 -12.85 -14.11
CA ASN A 13 27.70 -12.93 -12.86
C ASN A 13 26.90 -12.50 -11.61
N LEU A 14 25.77 -11.84 -11.80
CA LEU A 14 24.94 -11.36 -10.66
C LEU A 14 23.88 -12.41 -10.26
N ARG A 15 23.80 -12.76 -8.99
CA ARG A 15 22.73 -13.62 -8.53
C ARG A 15 21.77 -12.72 -7.71
N VAL A 16 20.70 -12.31 -8.39
CA VAL A 16 19.83 -11.26 -7.91
C VAL A 16 18.60 -11.79 -7.17
N ALA A 17 18.36 -11.26 -5.98
CA ALA A 17 17.18 -11.59 -5.23
C ALA A 17 15.97 -11.31 -6.11
N ARG A 18 15.07 -12.28 -6.21
CA ARG A 18 13.94 -12.19 -7.15
C ARG A 18 13.09 -10.97 -6.94
N VAL A 19 12.87 -10.61 -5.67
CA VAL A 19 12.08 -9.46 -5.35
C VAL A 19 12.71 -8.21 -6.00
N LEU A 20 14.04 -8.15 -6.06
CA LEU A 20 14.70 -7.02 -6.70
C LEU A 20 14.62 -7.13 -8.23
N TYR A 21 14.93 -8.31 -8.74
CA TYR A 21 14.90 -8.59 -10.17
C TYR A 21 13.53 -8.28 -10.80
N ASP A 22 12.49 -8.82 -10.21
CA ASP A 22 11.14 -8.52 -10.64
C ASP A 22 10.80 -7.04 -10.49
N PHE A 23 11.23 -6.38 -9.43
CA PHE A 23 10.88 -4.97 -9.31
C PHE A 23 11.49 -4.17 -10.47
N VAL A 24 12.72 -4.49 -10.79
CA VAL A 24 13.41 -3.76 -11.85
C VAL A 24 12.74 -3.99 -13.20
N ASN A 25 12.60 -5.26 -13.60
CA ASN A 25 12.05 -5.62 -14.91
C ASN A 25 10.60 -5.28 -15.07
N ASN A 26 9.79 -5.55 -14.03
CA ASN A 26 8.32 -5.31 -14.15
C ASN A 26 7.94 -3.83 -13.94
N GLU A 27 8.61 -3.12 -13.06
CA GLU A 27 8.14 -1.80 -12.67
C GLU A 27 9.05 -0.67 -13.09
N ALA A 28 10.37 -0.83 -12.92
CA ALA A 28 11.29 0.31 -13.16
C ALA A 28 11.75 0.53 -14.63
N LEU A 29 12.13 -0.54 -15.31
CA LEU A 29 12.63 -0.46 -16.69
C LEU A 29 11.64 -0.01 -17.77
N PRO A 30 10.38 -0.46 -17.72
CA PRO A 30 9.56 -0.03 -18.83
C PRO A 30 9.28 1.49 -18.81
N GLY A 31 9.41 2.13 -19.98
CA GLY A 31 9.34 3.59 -20.06
C GLY A 31 10.71 4.31 -20.07
N THR A 32 11.81 3.56 -19.88
CA THR A 32 13.18 4.16 -19.85
C THR A 32 13.92 3.99 -21.19
N ASP A 33 13.40 3.13 -22.05
CA ASP A 33 14.00 2.83 -23.37
C ASP A 33 15.31 2.03 -23.24
N ILE A 34 15.54 1.47 -22.06
CA ILE A 34 16.77 0.71 -21.80
C ILE A 34 16.48 -0.75 -21.97
N ASN A 35 17.18 -1.38 -22.90
CA ASN A 35 16.98 -2.79 -23.15
C ASN A 35 17.26 -3.57 -21.86
N PRO A 36 16.28 -4.37 -21.39
CA PRO A 36 16.55 -5.08 -20.13
C PRO A 36 17.84 -5.94 -20.13
N ASN A 37 18.12 -6.67 -21.20
CA ASN A 37 19.35 -7.46 -21.18
C ASN A 37 20.60 -6.57 -21.12
N SER A 38 20.59 -5.46 -21.86
CA SER A 38 21.73 -4.54 -21.83
C SER A 38 21.88 -4.00 -20.40
N PHE A 39 20.78 -3.74 -19.73
CA PHE A 39 20.82 -3.18 -18.38
C PHE A 39 21.57 -4.08 -17.44
N TRP A 40 21.17 -5.33 -17.34
CA TRP A 40 21.79 -6.22 -16.35
C TRP A 40 23.22 -6.53 -16.66
N SER A 41 23.54 -6.61 -17.96
CA SER A 41 24.91 -6.83 -18.43
C SER A 41 25.80 -5.63 -18.05
N GLY A 42 25.29 -4.43 -18.31
CA GLY A 42 26.01 -3.22 -18.00
C GLY A 42 26.16 -3.04 -16.47
N VAL A 43 25.16 -3.48 -15.73
CA VAL A 43 25.24 -3.35 -14.26
C VAL A 43 26.31 -4.31 -13.77
N ALA A 44 26.30 -5.54 -14.29
CA ALA A 44 27.36 -6.54 -14.01
C ALA A 44 28.77 -5.95 -14.19
N LYS A 45 28.95 -5.25 -15.31
CA LYS A 45 30.25 -4.65 -15.66
C LYS A 45 30.66 -3.51 -14.72
N VAL A 46 29.73 -2.62 -14.35
CA VAL A 46 30.05 -1.58 -13.39
C VAL A 46 30.53 -2.23 -12.11
N VAL A 47 29.81 -3.26 -11.66
CA VAL A 47 30.16 -3.94 -10.43
C VAL A 47 31.56 -4.56 -10.54
N ALA A 48 31.85 -5.27 -11.63
CA ALA A 48 33.15 -5.90 -11.80
C ALA A 48 34.25 -4.84 -11.78
N ASP A 49 34.09 -3.79 -12.59
CA ASP A 49 35.14 -2.75 -12.78
C ASP A 49 35.39 -1.87 -11.53
N LEU A 50 34.35 -1.57 -10.75
CA LEU A 50 34.53 -0.58 -9.67
C LEU A 50 34.70 -1.19 -8.27
N THR A 51 34.35 -2.45 -8.09
CA THR A 51 34.45 -3.08 -6.79
C THR A 51 35.87 -3.08 -6.20
N PRO A 52 36.91 -3.39 -7.01
CA PRO A 52 38.24 -3.37 -6.36
C PRO A 52 38.65 -1.97 -5.81
N GLN A 53 38.34 -0.94 -6.57
CA GLN A 53 38.64 0.39 -6.09
C GLN A 53 37.82 0.71 -4.82
N ASN A 54 36.56 0.31 -4.77
CA ASN A 54 35.71 0.52 -3.58
C ASN A 54 36.34 -0.12 -2.33
N GLN A 55 36.83 -1.33 -2.50
CA GLN A 55 37.38 -2.07 -1.39
C GLN A 55 38.72 -1.47 -0.97
N SER A 56 39.53 -1.12 -1.99
CA SER A 56 40.77 -0.40 -1.80
C SER A 56 40.61 0.89 -0.99
N LEU A 57 39.59 1.69 -1.31
CA LEU A 57 39.31 2.92 -0.55
C LEU A 57 39.00 2.60 0.91
N LEU A 58 38.23 1.55 1.14
CA LEU A 58 37.87 1.18 2.50
C LEU A 58 39.11 0.69 3.27
N ASN A 59 39.99 -0.05 2.61
CA ASN A 59 41.21 -0.52 3.21
C ASN A 59 42.07 0.67 3.61
N SER A 60 42.16 1.67 2.74
CA SER A 60 42.93 2.88 3.07
C SER A 60 42.35 3.50 4.35
N ARG A 61 41.03 3.52 4.50
CA ARG A 61 40.46 4.05 5.75
C ARG A 61 41.08 3.35 6.96
N ASP A 62 41.03 2.03 6.94
CA ASP A 62 41.46 1.20 8.05
C ASP A 62 42.95 1.37 8.32
N GLU A 63 43.73 1.48 7.25
CA GLU A 63 45.17 1.61 7.35
C GLU A 63 45.56 2.96 7.97
N LEU A 64 44.95 4.05 7.48
CA LEU A 64 45.15 5.35 8.09
C LEU A 64 44.75 5.36 9.60
N GLN A 65 43.60 4.78 9.92
CA GLN A 65 43.16 4.77 11.31
C GLN A 65 44.13 3.98 12.17
N ALA A 66 44.67 2.89 11.63
CA ALA A 66 45.66 2.09 12.37
C ALA A 66 46.89 2.92 12.67
N GLN A 67 47.32 3.68 11.71
CA GLN A 67 48.49 4.52 11.90
C GLN A 67 48.28 5.61 12.98
N ILE A 68 47.14 6.28 12.94
CA ILE A 68 46.81 7.34 13.89
C ILE A 68 46.71 6.75 15.31
N ASP A 69 45.94 5.69 15.48
CA ASP A 69 45.91 4.96 16.74
C ASP A 69 47.31 4.72 17.33
N LYS A 70 48.22 4.22 16.51
CA LYS A 70 49.54 3.88 16.97
C LYS A 70 50.33 5.12 17.34
N TRP A 71 50.19 6.16 16.52
CA TRP A 71 50.89 7.38 16.72
C TRP A 71 50.54 7.95 18.08
N HIS A 72 49.28 7.93 18.48
CA HIS A 72 48.88 8.45 19.79
C HIS A 72 49.34 7.65 20.98
N ARG A 73 49.69 6.37 20.80
CA ARG A 73 50.11 5.48 21.89
C ARG A 73 51.09 6.14 22.85
N HIS A 74 52.12 6.79 22.33
CA HIS A 74 53.11 7.44 23.19
C HIS A 74 53.10 8.94 23.18
N ARG A 75 52.46 9.58 22.20
CA ARG A 75 52.46 11.05 22.06
C ARG A 75 51.40 11.78 22.94
N VAL A 76 50.92 11.06 23.96
CA VAL A 76 49.69 11.41 24.72
C VAL A 76 49.64 12.76 25.51
N ILE A 77 50.65 13.63 25.38
CA ILE A 77 50.47 15.11 25.48
C ILE A 77 50.92 15.79 26.77
N PHE A 80 50.62 19.23 23.79
CA PHE A 80 50.42 18.39 22.59
C PHE A 80 51.19 18.86 21.37
N ASP A 81 52.07 18.00 20.84
CA ASP A 81 52.93 18.38 19.72
C ASP A 81 52.16 18.52 18.39
N VAL A 82 51.53 19.69 18.21
CA VAL A 82 50.65 19.97 17.04
C VAL A 82 51.39 19.88 15.70
N ASP A 83 52.61 20.41 15.66
CA ASP A 83 53.40 20.40 14.44
C ASP A 83 53.75 18.97 14.04
N ALA A 84 54.22 18.19 15.00
CA ALA A 84 54.59 16.82 14.70
C ALA A 84 53.36 16.05 14.20
N TYR A 85 52.21 16.30 14.82
CA TYR A 85 50.95 15.62 14.48
C TYR A 85 50.59 15.94 13.05
N ARG A 86 50.51 17.23 12.75
CA ARG A 86 50.16 17.68 11.41
C ARG A 86 51.12 17.10 10.35
N GLN A 87 52.42 17.16 10.60
CA GLN A 87 53.37 16.61 9.64
C GLN A 87 53.19 15.11 9.44
N PHE A 88 52.90 14.39 10.51
CA PHE A 88 52.52 12.95 10.42
C PHE A 88 51.31 12.70 9.52
N LEU A 89 50.27 13.51 9.68
CA LEU A 89 49.11 13.37 8.82
C LEU A 89 49.48 13.58 7.33
N ILE A 90 50.37 14.52 7.08
CA ILE A 90 50.92 14.76 5.74
C ILE A 90 51.69 13.54 5.28
N ASP A 91 52.61 13.06 6.10
CA ASP A 91 53.43 11.92 5.70
C ASP A 91 52.61 10.69 5.38
N ILE A 92 51.53 10.42 6.12
CA ILE A 92 50.74 9.24 5.80
C ILE A 92 49.70 9.44 4.69
N GLY A 93 49.59 10.64 4.13
CA GLY A 93 48.61 10.88 3.07
C GLY A 93 47.17 11.17 3.52
N TYR A 94 47.01 11.45 4.81
CA TYR A 94 45.72 11.87 5.39
C TYR A 94 45.42 13.30 5.02
N LEU A 95 46.39 14.19 5.20
CA LEU A 95 46.22 15.59 4.82
C LEU A 95 46.97 15.84 3.53
N LEU A 96 46.21 16.23 2.52
CA LEU A 96 46.72 16.41 1.19
C LEU A 96 46.84 17.88 0.85
N PRO A 97 47.64 18.23 -0.17
CA PRO A 97 47.74 19.65 -0.54
C PRO A 97 46.39 20.21 -1.02
N GLU A 98 46.15 21.48 -0.72
CA GLU A 98 45.06 22.27 -1.26
C GLU A 98 45.34 22.60 -2.71
N PRO A 99 44.38 22.34 -3.60
CA PRO A 99 44.60 22.82 -4.97
C PRO A 99 44.44 24.34 -5.07
N ASP A 100 44.71 24.90 -6.25
CA ASP A 100 44.53 26.35 -6.44
C ASP A 100 43.06 26.63 -6.59
N ASP A 101 42.71 27.90 -6.45
CA ASP A 101 41.34 28.35 -6.54
C ASP A 101 40.76 27.94 -7.87
N PHE A 102 39.48 27.62 -7.86
CA PHE A 102 38.71 27.26 -9.05
C PHE A 102 37.26 27.69 -8.85
N THR A 103 36.46 27.55 -9.90
CA THR A 103 35.02 27.74 -9.82
C THR A 103 34.35 26.46 -10.34
N ILE A 104 33.40 25.93 -9.59
CA ILE A 104 32.64 24.78 -10.10
C ILE A 104 31.94 25.13 -11.42
N SER A 105 31.73 24.13 -12.26
CA SER A 105 31.12 24.33 -13.60
C SER A 105 29.70 23.70 -13.72
N THR A 106 29.29 22.98 -12.68
CA THR A 106 28.03 22.26 -12.68
C THR A 106 26.91 23.10 -13.33
N SER A 107 26.28 22.55 -14.36
CA SER A 107 25.16 23.20 -15.02
C SER A 107 23.97 22.25 -15.19
N GLY A 108 22.90 22.74 -15.78
CA GLY A 108 21.65 22.00 -15.87
C GLY A 108 20.98 21.85 -14.51
N VAL A 109 21.20 22.80 -13.60
CA VAL A 109 20.70 22.66 -12.23
C VAL A 109 19.44 23.50 -12.08
N ASP A 110 18.49 23.03 -11.27
CA ASP A 110 17.23 23.72 -11.05
C ASP A 110 17.36 24.97 -10.18
N ASP A 111 16.41 25.87 -10.35
CA ASP A 111 16.36 27.16 -9.64
C ASP A 111 16.19 27.05 -8.17
N GLU A 112 15.50 25.99 -7.74
CA GLU A 112 15.40 25.68 -6.33
C GLU A 112 16.80 25.63 -5.64
N ILE A 113 17.82 25.21 -6.40
CA ILE A 113 19.18 25.01 -5.91
C ILE A 113 20.09 26.21 -6.21
N THR A 114 20.04 26.73 -7.43
CA THR A 114 20.91 27.83 -7.83
C THR A 114 20.46 29.22 -7.33
N MET A 115 19.15 29.44 -7.25
CA MET A 115 18.56 30.78 -7.13
C MET A 115 17.83 31.05 -5.84
N THR A 116 17.57 30.00 -5.07
CA THR A 116 16.67 30.11 -3.93
C THR A 116 17.40 29.73 -2.67
N ALA A 117 17.14 30.46 -1.60
CA ALA A 117 17.59 30.10 -0.28
C ALA A 117 16.38 29.67 0.51
N GLY A 118 16.39 28.46 1.06
CA GLY A 118 15.33 28.04 1.95
C GLY A 118 15.48 26.64 2.51
N PRO A 119 14.46 26.20 3.27
CA PRO A 119 14.54 24.96 4.03
C PRO A 119 14.71 23.71 3.15
N GLN A 120 15.28 22.66 3.69
CA GLN A 120 15.48 21.38 2.98
C GLN A 120 15.04 20.31 3.94
N LEU A 121 14.01 19.56 3.58
CA LEU A 121 13.48 18.53 4.43
C LEU A 121 14.18 17.19 4.16
N VAL A 122 14.39 16.39 5.20
CA VAL A 122 14.86 15.02 5.02
C VAL A 122 13.81 14.07 5.56
N VAL A 123 13.54 13.00 4.83
CA VAL A 123 12.48 12.05 5.19
C VAL A 123 12.88 10.61 4.84
N PRO A 124 12.46 9.63 5.65
CA PRO A 124 12.73 8.21 5.33
C PRO A 124 11.98 7.70 4.12
N VAL A 125 12.69 7.15 3.14
CA VAL A 125 12.07 6.85 1.85
C VAL A 125 11.12 5.67 2.01
N LEU A 126 11.37 4.86 3.05
CA LEU A 126 10.60 3.64 3.29
C LEU A 126 9.17 3.95 3.77
N ASN A 127 8.90 5.17 4.23
CA ASN A 127 7.57 5.51 4.72
C ASN A 127 6.83 6.41 3.68
N ALA A 128 5.95 5.76 2.93
CA ALA A 128 5.25 6.37 1.81
C ALA A 128 4.43 7.56 2.29
N ARG A 129 3.80 7.39 3.43
CA ARG A 129 2.98 8.44 3.99
C ARG A 129 3.80 9.67 4.26
N PHE A 130 4.92 9.47 4.95
CA PHE A 130 5.84 10.56 5.23
C PHE A 130 6.47 11.10 3.95
N ALA A 131 6.82 10.24 2.99
CA ALA A 131 7.46 10.74 1.75
C ALA A 131 6.50 11.67 1.00
N LEU A 132 5.26 11.26 0.87
CA LEU A 132 4.25 12.05 0.16
C LEU A 132 4.05 13.41 0.79
N ASN A 133 3.89 13.43 2.11
CA ASN A 133 3.78 14.66 2.84
C ASN A 133 5.02 15.54 2.63
N ALA A 134 6.22 14.92 2.59
CA ALA A 134 7.47 15.67 2.41
C ALA A 134 7.52 16.35 1.04
N ALA A 135 7.25 15.59 -0.03
CA ALA A 135 7.10 16.10 -1.37
C ALA A 135 6.03 17.18 -1.48
N ASN A 136 4.99 17.09 -0.68
CA ASN A 136 3.90 18.10 -0.71
C ASN A 136 4.17 19.32 0.19
N ALA A 137 5.25 19.24 0.95
CA ALA A 137 5.65 20.25 1.91
C ALA A 137 6.28 21.51 1.29
N ARG A 138 6.35 21.55 -0.03
CA ARG A 138 6.75 22.77 -0.75
C ARG A 138 5.83 23.94 -0.39
N TRP A 139 4.56 23.66 -0.10
CA TRP A 139 3.65 24.70 0.44
C TRP A 139 3.05 24.24 1.73
N GLY A 140 2.92 25.13 2.71
CA GLY A 140 2.28 24.81 4.00
C GLY A 140 1.61 26.03 4.61
N SER A 141 0.59 25.79 5.42
CA SER A 141 -0.11 26.80 6.19
C SER A 141 0.77 27.33 7.33
N LEU A 142 1.09 28.61 7.28
CA LEU A 142 1.67 29.26 8.44
C LEU A 142 0.68 29.19 9.62
N TYR A 143 -0.63 29.38 9.38
CA TYR A 143 -1.58 29.42 10.49
C TYR A 143 -1.57 28.09 11.24
N ASP A 144 -1.68 26.99 10.49
CA ASP A 144 -1.57 25.66 11.09
C ASP A 144 -0.25 25.44 11.83
N ALA A 145 0.86 25.84 11.20
CA ALA A 145 2.18 25.74 11.82
C ALA A 145 2.25 26.51 13.15
N LEU A 146 1.69 27.73 13.19
CA LEU A 146 1.68 28.53 14.42
C LEU A 146 0.75 27.93 15.46
N TYR A 147 -0.49 27.66 15.07
CA TYR A 147 -1.49 27.20 16.01
C TYR A 147 -1.08 25.86 16.56
N GLY A 148 -0.55 25.01 15.69
CA GLY A 148 -0.29 23.63 16.07
C GLY A 148 1.00 23.42 16.84
N THR A 149 1.79 24.47 17.03
CA THR A 149 3.08 24.36 17.74
C THR A 149 3.21 25.35 18.91
N ASP A 150 4.27 25.15 19.69
CA ASP A 150 4.56 25.99 20.83
C ASP A 150 5.16 27.33 20.46
N THR A 151 5.24 27.62 19.16
CA THR A 151 5.69 28.92 18.68
C THR A 151 4.71 29.98 19.18
N ILE A 152 3.45 29.59 19.33
CA ILE A 152 2.47 30.40 20.05
C ILE A 152 2.29 29.73 21.41
N PRO A 153 2.81 30.36 22.48
CA PRO A 153 2.68 29.80 23.82
C PRO A 153 1.25 29.52 24.22
N GLU A 154 1.05 28.57 25.13
CA GLU A 154 -0.28 28.25 25.63
C GLU A 154 -0.67 29.15 26.83
N THR A 155 0.07 30.25 27.02
CA THR A 155 -0.04 31.14 28.17
C THR A 155 -1.28 32.02 28.10
N GLU A 156 -2.03 32.08 29.21
CA GLU A 156 -3.39 32.65 29.26
C GLU A 156 -4.37 31.61 28.68
N SER A 162 -9.70 20.42 22.05
CA SER A 162 -10.99 19.93 21.57
C SER A 162 -11.53 20.77 20.40
N GLU A 163 -11.99 21.98 20.71
CA GLU A 163 -12.54 22.88 19.69
C GLU A 163 -11.51 23.98 19.40
N TYR A 164 -11.62 24.59 18.23
CA TYR A 164 -10.87 25.82 17.93
C TYR A 164 -10.94 26.78 19.11
N ASN A 165 -9.86 27.53 19.33
CA ASN A 165 -9.76 28.50 20.42
C ASN A 165 -9.40 29.86 19.83
N LYS A 166 -10.42 30.71 19.67
CA LYS A 166 -10.29 32.09 19.11
C LYS A 166 -9.21 33.00 19.71
N ILE A 167 -8.95 32.89 21.01
CA ILE A 167 -7.89 33.67 21.63
C ILE A 167 -6.51 33.17 21.12
N ARG A 168 -6.42 31.91 20.72
CA ARG A 168 -5.18 31.40 20.12
C ARG A 168 -5.11 31.81 18.66
N GLY A 169 -6.19 31.57 17.93
CA GLY A 169 -6.25 31.93 16.53
C GLY A 169 -5.90 33.39 16.31
N ASP A 170 -6.39 34.27 17.19
CA ASP A 170 -6.04 35.68 17.16
C ASP A 170 -4.55 35.94 17.36
N LYS A 171 -3.92 35.22 18.28
CA LYS A 171 -2.46 35.33 18.44
C LYS A 171 -1.78 34.91 17.16
N VAL A 172 -2.21 33.78 16.61
CA VAL A 172 -1.72 33.28 15.31
C VAL A 172 -1.81 34.36 14.22
N ILE A 173 -3.00 34.95 14.09
CA ILE A 173 -3.28 35.99 13.08
C ILE A 173 -2.33 37.16 13.26
N ALA A 174 -2.12 37.54 14.53
CA ALA A 174 -1.31 38.70 14.87
C ALA A 174 0.18 38.43 14.60
N TYR A 175 0.64 37.24 14.96
CA TYR A 175 1.99 36.77 14.60
C TYR A 175 2.25 36.81 13.09
N ALA A 176 1.31 36.34 12.30
CA ALA A 176 1.47 36.31 10.85
C ALA A 176 1.51 37.74 10.33
N ARG A 177 0.67 38.58 10.89
CA ARG A 177 0.63 39.99 10.56
C ARG A 177 1.99 40.63 10.74
N LYS A 178 2.60 40.40 11.89
CA LYS A 178 3.91 40.93 12.23
C LYS A 178 4.93 40.36 11.23
N PHE A 179 4.75 39.10 10.84
CA PHE A 179 5.60 38.46 9.81
C PHE A 179 5.42 39.15 8.46
N MET A 180 4.19 39.47 8.12
CA MET A 180 3.90 40.20 6.89
C MET A 180 4.61 41.56 6.81
N ASP A 181 4.72 42.27 7.94
CA ASP A 181 5.37 43.57 7.97
C ASP A 181 6.87 43.46 7.71
N GLN A 182 7.47 42.34 8.14
CA GLN A 182 8.88 42.03 7.83
C GLN A 182 9.06 41.72 6.33
N ALA A 183 8.32 40.73 5.84
CA ALA A 183 8.65 40.11 4.54
C ALA A 183 8.12 40.90 3.33
N VAL A 184 6.91 41.46 3.44
CA VAL A 184 6.32 42.28 2.34
C VAL A 184 5.80 43.63 2.87
N PRO A 185 6.72 44.52 3.28
CA PRO A 185 6.32 45.73 4.01
C PRO A 185 5.37 46.65 3.26
N LEU A 186 4.43 47.28 3.98
CA LEU A 186 3.57 48.31 3.42
C LEU A 186 4.35 49.60 3.11
N ALA A 187 3.86 50.41 2.16
CA ALA A 187 4.34 51.81 2.06
C ALA A 187 4.11 52.54 3.40
N SER A 188 2.88 52.47 3.90
CA SER A 188 2.53 53.03 5.21
C SER A 188 1.33 52.27 5.73
N SER A 190 1.52 48.97 9.99
CA SER A 190 1.40 47.53 10.05
C SER A 190 0.22 47.01 9.20
N TRP A 191 0.35 45.76 8.78
CA TRP A 191 -0.62 45.05 7.94
C TRP A 191 -1.91 44.82 8.64
N THR A 192 -1.81 44.73 9.97
CA THR A 192 -2.98 44.63 10.85
C THR A 192 -4.09 45.62 10.42
N ASN A 193 -3.71 46.90 10.23
CA ASN A 193 -4.65 47.98 9.97
C ASN A 193 -5.28 47.94 8.58
N ALA A 194 -4.85 46.99 7.76
CA ALA A 194 -5.41 46.84 6.41
C ALA A 194 -6.90 46.64 6.54
N THR A 195 -7.67 47.28 5.67
CA THR A 195 -9.11 47.11 5.66
C THR A 195 -9.55 46.21 4.50
N GLY A 196 -8.63 45.92 3.56
CA GLY A 196 -8.95 45.06 2.39
C GLY A 196 -7.87 45.16 1.32
N VAL A 197 -8.05 44.46 0.20
CA VAL A 197 -7.00 44.41 -0.85
C VAL A 197 -7.56 44.40 -2.29
N SER A 198 -6.91 45.09 -3.24
CA SER A 198 -7.45 45.14 -4.63
C SER A 198 -6.53 44.42 -5.65
N GLN A 203 -0.79 46.38 -9.78
CA GLN A 203 -0.34 46.76 -8.44
C GLN A 203 -1.42 46.51 -7.36
N LEU A 204 -0.99 45.91 -6.23
CA LEU A 204 -1.79 45.64 -5.03
C LEU A 204 -1.96 46.89 -4.15
N GLN A 205 -3.15 47.06 -3.52
CA GLN A 205 -3.43 48.16 -2.56
C GLN A 205 -4.10 47.64 -1.29
N ILE A 206 -3.77 48.21 -0.13
CA ILE A 206 -4.30 47.78 1.20
C ILE A 206 -5.15 48.86 1.94
N ALA A 207 -6.47 48.68 1.99
CA ALA A 207 -7.44 49.75 2.36
C ALA A 207 -6.95 50.90 3.27
N ALA A 216 5.63 48.77 0.19
CA ALA A 216 7.00 49.30 0.16
C ALA A 216 7.74 48.96 -1.13
N SER A 217 7.72 47.70 -1.53
CA SER A 217 8.29 47.30 -2.81
C SER A 217 7.16 46.66 -3.62
N PRO A 218 6.57 47.43 -4.56
CA PRO A 218 5.35 46.94 -5.22
C PRO A 218 5.55 45.68 -6.06
N GLU A 219 6.78 45.41 -6.45
CA GLU A 219 7.12 44.29 -7.35
C GLU A 219 7.04 42.94 -6.66
N LYS A 220 6.89 42.93 -5.34
CA LYS A 220 6.64 41.71 -4.57
C LYS A 220 5.21 41.15 -4.77
N PHE A 221 4.36 41.85 -5.53
CA PHE A 221 3.07 41.27 -6.00
C PHE A 221 3.35 40.54 -7.29
N VAL A 222 3.21 39.22 -7.26
CA VAL A 222 3.48 38.38 -8.42
C VAL A 222 2.25 37.71 -9.02
N GLY A 223 1.13 37.68 -8.31
CA GLY A 223 -0.07 37.11 -8.91
C GLY A 223 -1.24 36.90 -8.00
N TYR A 224 -2.22 36.13 -8.49
CA TYR A 224 -3.42 35.80 -7.73
C TYR A 224 -4.25 34.73 -8.43
N ASN A 225 -5.11 34.07 -7.64
CA ASN A 225 -6.05 33.04 -8.12
C ASN A 225 -7.28 33.07 -7.23
N VAL A 235 -4.07 36.01 -3.55
CA VAL A 235 -2.87 36.87 -3.70
C VAL A 235 -1.49 36.23 -3.38
N LEU A 236 -0.65 36.19 -4.41
CA LEU A 236 0.66 35.60 -4.39
C LEU A 236 1.69 36.73 -4.25
N LEU A 237 2.48 36.70 -3.16
CA LEU A 237 3.65 37.58 -3.01
C LEU A 237 5.00 36.79 -3.03
N ALA A 238 6.09 37.49 -3.37
CA ALA A 238 7.46 36.96 -3.31
C ALA A 238 8.42 37.91 -2.52
N ASN A 239 9.17 37.29 -1.61
CA ASN A 239 10.24 37.95 -0.91
C ASN A 239 11.43 37.00 -0.78
N HIS A 240 12.61 37.55 -1.06
CA HIS A 240 13.87 36.79 -1.09
C HIS A 240 13.79 35.55 -1.95
N GLY A 241 12.98 35.60 -3.00
CA GLY A 241 12.83 34.50 -3.95
C GLY A 241 11.91 33.38 -3.45
N LEU A 242 11.15 33.65 -2.41
CA LEU A 242 10.24 32.68 -1.82
C LEU A 242 8.81 33.21 -1.79
N HIS A 243 7.86 32.35 -2.08
CA HIS A 243 6.47 32.82 -2.20
C HIS A 243 5.65 32.77 -0.95
N ILE A 244 4.73 33.73 -0.86
CA ILE A 244 3.77 33.86 0.21
C ILE A 244 2.40 34.02 -0.45
N GLU A 245 1.43 33.29 0.06
CA GLU A 245 0.08 33.35 -0.50
C GLU A 245 -0.90 33.68 0.61
N VAL A 246 -1.61 34.81 0.46
CA VAL A 246 -2.64 35.23 1.44
C VAL A 246 -4.01 34.86 0.92
N LEU A 247 -4.65 33.88 1.57
CA LEU A 247 -6.02 33.43 1.22
C LEU A 247 -7.08 34.35 1.84
N ILE A 248 -7.95 34.89 0.99
CA ILE A 248 -8.97 35.83 1.44
C ILE A 248 -10.37 35.25 1.30
N LYS A 263 -8.00 35.00 6.36
CA LYS A 263 -8.20 33.51 6.32
C LYS A 263 -6.98 32.57 6.58
N ASP A 264 -5.90 32.71 5.82
CA ASP A 264 -4.69 31.91 6.04
C ASP A 264 -3.52 32.56 5.30
N VAL A 265 -2.30 32.21 5.68
CA VAL A 265 -1.10 32.62 4.96
C VAL A 265 -0.31 31.33 4.65
N ILE A 266 -0.12 31.03 3.38
CA ILE A 266 0.64 29.85 2.96
C ILE A 266 2.02 30.30 2.60
N LEU A 267 3.02 29.52 3.02
CA LEU A 267 4.44 29.83 2.74
C LEU A 267 5.05 28.69 1.93
N GLU A 268 5.74 29.05 0.87
CA GLU A 268 6.56 28.12 0.19
C GLU A 268 7.60 27.73 1.24
N SER A 269 7.67 26.44 1.54
CA SER A 269 8.36 25.95 2.74
C SER A 269 9.55 25.01 2.40
N ALA A 270 9.30 23.71 2.22
CA ALA A 270 10.38 22.77 1.84
C ALA A 270 10.69 22.89 0.35
N ILE A 271 11.60 23.79 -0.01
CA ILE A 271 11.96 24.02 -1.42
C ILE A 271 12.52 22.73 -2.01
N THR A 272 13.29 22.01 -1.23
CA THR A 272 13.82 20.74 -1.69
C THR A 272 13.66 19.73 -0.59
N THR A 273 13.67 18.47 -0.99
CA THR A 273 13.47 17.36 -0.09
C THR A 273 14.39 16.22 -0.44
N ILE A 274 15.07 15.70 0.60
CA ILE A 274 15.94 14.52 0.45
C ILE A 274 15.20 13.26 0.89
N MET A 275 14.95 12.41 -0.10
CA MET A 275 14.36 11.09 0.10
C MET A 275 15.51 10.16 0.50
N ASP A 276 15.47 9.74 1.75
CA ASP A 276 16.59 9.09 2.42
C ASP A 276 16.59 7.59 2.41
N PHE A 277 17.59 6.99 1.77
CA PHE A 277 17.85 5.57 1.92
C PHE A 277 18.88 5.25 3.03
N GLU A 278 19.49 6.29 3.61
CA GLU A 278 20.62 6.06 4.51
C GLU A 278 20.20 6.15 6.00
N ASP A 279 20.64 7.14 6.74
CA ASP A 279 20.59 7.07 8.23
C ASP A 279 19.24 7.09 8.87
N SER A 280 18.22 7.50 8.13
CA SER A 280 16.87 7.56 8.70
C SER A 280 16.01 6.32 8.40
N VAL A 281 16.54 5.34 7.67
CA VAL A 281 15.79 4.12 7.40
C VAL A 281 16.54 2.85 7.82
N THR A 282 15.77 1.80 8.07
CA THR A 282 16.27 0.48 8.38
C THR A 282 15.99 -0.36 7.16
N ALA A 283 17.05 -0.85 6.52
CA ALA A 283 16.92 -1.60 5.30
C ALA A 283 18.12 -2.53 5.20
N VAL A 284 17.89 -3.80 5.53
CA VAL A 284 18.95 -4.71 5.75
C VAL A 284 18.89 -5.90 4.84
N ASP A 285 17.93 -5.93 3.91
CA ASP A 285 17.80 -7.03 2.95
C ASP A 285 17.04 -6.52 1.72
N ALA A 286 16.86 -7.41 0.75
CA ALA A 286 16.34 -7.05 -0.58
C ALA A 286 14.88 -6.60 -0.43
N ASP A 287 14.19 -7.21 0.53
CA ASP A 287 12.79 -6.79 0.84
C ASP A 287 12.70 -5.33 1.21
N ASP A 288 13.56 -4.91 2.16
CA ASP A 288 13.54 -3.54 2.62
C ASP A 288 14.04 -2.58 1.53
N LYS A 289 15.15 -2.93 0.85
CA LYS A 289 15.65 -2.08 -0.21
C LYS A 289 14.60 -1.82 -1.29
N VAL A 290 13.95 -2.88 -1.74
CA VAL A 290 12.94 -2.83 -2.78
C VAL A 290 11.75 -1.95 -2.34
N ARG A 291 11.33 -2.04 -1.08
CA ARG A 291 10.33 -1.09 -0.57
C ARG A 291 10.80 0.32 -0.84
N GLY A 292 12.08 0.59 -0.56
CA GLY A 292 12.62 1.92 -0.69
C GLY A 292 12.64 2.33 -2.16
N TYR A 293 13.17 1.46 -3.01
CA TYR A 293 13.25 1.77 -4.43
C TYR A 293 11.88 1.99 -5.12
N ARG A 294 10.86 1.28 -4.63
CA ARG A 294 9.52 1.38 -5.20
C ARG A 294 8.88 2.71 -4.84
N ASN A 295 9.06 3.15 -3.60
CA ASN A 295 8.59 4.46 -3.20
C ASN A 295 9.25 5.57 -4.02
N TRP A 296 10.55 5.45 -4.19
CA TRP A 296 11.33 6.40 -4.97
C TRP A 296 10.87 6.41 -6.43
N LEU A 297 10.61 5.23 -6.99
CA LEU A 297 10.08 5.06 -8.34
C LEU A 297 8.73 5.74 -8.47
N GLY A 298 7.88 5.46 -7.52
CA GLY A 298 6.60 6.11 -7.44
C GLY A 298 6.62 7.62 -7.35
N LEU A 299 7.58 8.21 -6.61
CA LEU A 299 7.66 9.68 -6.51
C LEU A 299 8.08 10.27 -7.85
N ASN A 300 8.91 9.55 -8.58
CA ASN A 300 9.42 10.05 -9.86
C ASN A 300 8.41 9.85 -11.02
N LYS A 301 7.73 8.70 -11.07
CA LYS A 301 6.55 8.57 -11.93
C LYS A 301 5.58 9.70 -11.61
N GLY A 302 5.33 9.86 -10.32
CA GLY A 302 4.44 10.85 -9.80
C GLY A 302 3.10 10.26 -9.43
N ASP A 303 3.03 8.93 -9.33
CA ASP A 303 1.77 8.30 -9.02
C ASP A 303 1.79 7.49 -7.71
N LEU A 304 2.78 7.73 -6.85
CA LEU A 304 2.81 7.13 -5.52
C LEU A 304 1.57 7.56 -4.79
N THR A 305 0.82 6.61 -4.25
CA THR A 305 -0.29 6.95 -3.41
C THR A 305 -0.29 6.09 -2.16
N GLU A 306 -0.95 6.59 -1.13
CA GLU A 306 -1.01 5.88 0.14
C GLU A 306 -2.33 6.13 0.84
N GLU A 307 -3.00 5.04 1.28
CA GLU A 307 -4.26 5.15 2.00
C GLU A 307 -4.00 5.57 3.44
N VAL A 308 -4.79 6.52 3.92
CA VAL A 308 -4.72 6.97 5.31
C VAL A 308 -6.08 6.82 5.93
N ASN A 309 -6.16 6.03 6.99
CA ASN A 309 -7.41 5.69 7.67
C ASN A 309 -7.38 6.30 9.07
N LYS A 310 -8.41 7.08 9.39
CA LYS A 310 -8.50 7.82 10.65
C LYS A 310 -9.94 8.02 10.94
N ASP A 311 -10.32 7.78 12.18
CA ASP A 311 -11.71 8.00 12.61
C ASP A 311 -12.70 7.30 11.72
N GLY A 312 -12.41 6.05 11.38
CA GLY A 312 -13.30 5.25 10.56
C GLY A 312 -13.47 5.70 9.11
N LYS A 313 -12.65 6.64 8.65
CA LYS A 313 -12.69 7.22 7.28
C LYS A 313 -11.35 6.98 6.62
N THR A 314 -11.33 6.77 5.31
CA THR A 314 -10.07 6.65 4.59
C THR A 314 -9.98 7.71 3.49
N PHE A 315 -8.84 8.39 3.40
CA PHE A 315 -8.56 9.28 2.29
C PHE A 315 -7.26 8.76 1.68
N THR A 316 -7.07 8.96 0.38
CA THR A 316 -5.78 8.55 -0.22
C THR A 316 -4.88 9.78 -0.34
N ARG A 317 -3.69 9.64 0.19
CA ARG A 317 -2.65 10.65 0.01
C ARG A 317 -2.00 10.56 -1.39
N VAL A 318 -2.02 11.69 -2.10
CA VAL A 318 -1.46 11.80 -3.44
C VAL A 318 -0.50 12.99 -3.58
N LEU A 319 0.29 13.04 -4.65
CA LEU A 319 1.16 14.19 -4.88
C LEU A 319 0.38 15.40 -5.39
N ASN A 320 0.77 16.58 -4.94
CA ASN A 320 0.10 17.79 -5.35
C ASN A 320 0.44 18.26 -6.78
N ALA A 321 -0.55 18.87 -7.45
CA ALA A 321 -0.38 19.42 -8.80
C ALA A 321 0.48 20.65 -8.66
N ASP A 322 1.07 21.06 -9.77
CA ASP A 322 1.71 22.39 -9.82
C ASP A 322 0.62 23.46 -9.69
N ARG A 323 1.00 24.72 -9.41
CA ARG A 323 0.01 25.75 -9.07
C ARG A 323 -0.03 26.94 -10.03
N SER A 324 -1.20 27.20 -10.62
CA SER A 324 -1.40 28.25 -11.60
C SER A 324 -1.91 29.53 -10.93
N TYR A 325 -1.49 30.66 -11.46
CA TYR A 325 -1.92 31.95 -10.97
C TYR A 325 -2.11 32.89 -12.17
N THR A 326 -2.93 33.93 -11.98
CA THR A 326 -3.02 35.02 -12.97
C THR A 326 -1.94 36.04 -12.62
N THR A 327 -1.06 36.37 -13.57
CA THR A 327 -0.06 37.41 -13.35
C THR A 327 -0.70 38.81 -13.39
N PRO A 328 -0.06 39.82 -12.78
CA PRO A 328 -0.74 41.11 -12.68
C PRO A 328 -1.03 41.77 -14.04
N ASP A 329 -0.15 41.55 -15.01
CA ASP A 329 -0.37 41.91 -16.42
C ASP A 329 -1.51 41.12 -17.09
N GLY A 330 -2.10 40.15 -16.38
CA GLY A 330 -3.15 39.31 -16.94
C GLY A 330 -2.65 38.04 -17.60
N GLY A 331 -1.33 37.83 -17.64
CA GLY A 331 -0.76 36.57 -18.16
C GLY A 331 -0.93 35.36 -17.24
N GLU A 332 -0.22 34.28 -17.54
CA GLU A 332 -0.27 33.05 -16.72
C GLU A 332 1.09 32.73 -16.06
N LEU A 333 1.08 32.34 -14.77
CA LEU A 333 2.27 31.81 -14.09
C LEU A 333 1.99 30.43 -13.49
N THR A 334 2.89 29.48 -13.74
CA THR A 334 2.84 28.16 -13.11
C THR A 334 4.03 28.00 -12.18
N LEU A 335 3.80 27.68 -10.90
CA LEU A 335 4.91 27.40 -9.94
C LEU A 335 4.90 25.91 -9.54
N PRO A 336 6.08 25.35 -9.23
CA PRO A 336 6.13 23.99 -8.67
C PRO A 336 5.24 23.83 -7.44
N GLY A 337 4.44 22.78 -7.46
CA GLY A 337 3.61 22.39 -6.32
C GLY A 337 4.34 21.46 -5.37
N ARG A 338 5.44 20.87 -5.83
CA ARG A 338 6.16 19.91 -5.02
C ARG A 338 7.60 20.37 -4.77
N SER A 339 8.17 19.88 -3.67
CA SER A 339 9.59 20.00 -3.38
C SER A 339 10.38 19.31 -4.46
N LEU A 340 11.46 19.96 -4.90
CA LEU A 340 12.41 19.34 -5.79
C LEU A 340 13.09 18.23 -5.01
N LEU A 341 13.08 17.02 -5.57
CA LEU A 341 13.55 15.81 -4.86
C LEU A 341 15.00 15.49 -5.13
N PHE A 342 15.72 15.24 -4.03
CA PHE A 342 17.02 14.59 -4.02
C PHE A 342 16.82 13.20 -3.43
N VAL A 343 17.78 12.31 -3.64
CA VAL A 343 17.80 11.04 -2.96
C VAL A 343 19.14 10.87 -2.25
N ARG A 344 19.11 10.49 -0.96
CA ARG A 344 20.36 10.18 -0.28
C ARG A 344 20.63 8.70 -0.38
N ASN A 345 21.64 8.38 -1.18
CA ASN A 345 22.10 7.01 -1.32
C ASN A 345 22.92 6.67 -0.06
N VAL A 346 23.24 5.41 0.14
CA VAL A 346 24.28 5.08 1.14
C VAL A 346 25.66 5.37 0.60
N GLY A 347 26.63 5.38 1.53
CA GLY A 347 28.02 5.69 1.22
C GLY A 347 28.74 4.45 0.73
N HIS A 348 30.08 4.45 0.87
CA HIS A 348 30.92 3.40 0.30
C HIS A 348 31.11 2.17 1.12
N LEU A 349 30.71 2.19 2.38
CA LEU A 349 31.04 1.06 3.28
C LEU A 349 30.30 -0.26 3.03
N THR A 350 28.98 -0.21 3.08
CA THR A 350 28.14 -1.43 3.32
C THR A 350 27.95 -2.22 2.05
N THR A 351 27.67 -3.51 2.22
CA THR A 351 27.40 -4.42 1.14
C THR A 351 25.98 -4.92 1.42
N SER A 352 25.37 -5.52 0.43
CA SER A 352 23.99 -5.97 0.50
C SER A 352 23.86 -7.31 -0.18
N ASP A 353 23.10 -8.22 0.40
CA ASP A 353 22.91 -9.53 -0.30
C ASP A 353 21.72 -9.55 -1.21
N ALA A 354 21.24 -8.36 -1.54
CA ALA A 354 20.24 -8.25 -2.60
C ALA A 354 20.83 -8.74 -3.95
N ILE A 355 22.13 -8.55 -4.13
CA ILE A 355 22.83 -9.23 -5.21
C ILE A 355 24.06 -9.94 -4.68
N LEU A 356 24.26 -11.19 -5.06
CA LEU A 356 25.55 -11.90 -4.81
C LEU A 356 26.34 -12.01 -6.13
N VAL A 357 27.65 -11.77 -6.05
CA VAL A 357 28.43 -11.53 -7.25
C VAL A 357 29.46 -12.60 -7.52
N ASP A 358 29.42 -13.16 -8.72
CA ASP A 358 30.51 -14.02 -9.23
C ASP A 358 31.57 -13.17 -9.95
N GLY A 359 32.81 -13.71 -9.96
CA GLY A 359 33.94 -13.11 -10.64
C GLY A 359 34.77 -12.17 -9.79
N GLY A 360 35.64 -11.40 -10.46
CA GLY A 360 36.53 -10.48 -9.76
C GLY A 360 37.37 -11.28 -8.77
N ASP A 361 37.54 -10.72 -7.57
CA ASP A 361 38.42 -11.27 -6.53
C ASP A 361 37.63 -12.05 -5.45
N GLY A 362 36.33 -12.22 -5.66
CA GLY A 362 35.45 -12.80 -4.64
C GLY A 362 34.76 -14.12 -4.95
N GLN A 363 34.00 -14.59 -3.96
CA GLN A 363 33.19 -15.82 -4.06
C GLN A 363 31.73 -15.47 -3.69
N GLU A 364 30.87 -15.38 -4.68
CA GLU A 364 29.49 -14.92 -4.41
C GLU A 364 29.48 -13.80 -3.37
N LYS A 365 30.18 -12.72 -3.68
CA LYS A 365 30.37 -11.63 -2.74
C LYS A 365 29.12 -10.75 -2.74
N GLU A 366 28.68 -10.33 -1.56
CA GLU A 366 27.61 -9.34 -1.47
C GLU A 366 28.04 -8.08 -2.23
N VAL A 367 27.12 -7.47 -2.94
CA VAL A 367 27.46 -6.33 -3.76
C VAL A 367 27.59 -5.10 -2.88
N PHE A 368 28.43 -4.15 -3.28
CA PHE A 368 28.54 -2.91 -2.55
C PHE A 368 27.19 -2.16 -2.70
N GLU A 369 26.62 -1.77 -1.57
CA GLU A 369 25.33 -1.12 -1.51
C GLU A 369 25.27 0.23 -2.21
N GLY A 370 26.34 1.03 -2.05
CA GLY A 370 26.38 2.32 -2.67
C GLY A 370 26.39 2.18 -4.19
N ILE A 371 27.04 1.15 -4.71
CA ILE A 371 27.01 0.91 -6.18
C ILE A 371 25.55 0.65 -6.63
N ILE A 372 24.86 -0.25 -5.93
CA ILE A 372 23.51 -0.58 -6.37
C ILE A 372 22.53 0.57 -6.12
N ASP A 373 22.75 1.34 -5.10
CA ASP A 373 21.90 2.50 -4.90
C ASP A 373 22.02 3.42 -6.10
N ALA A 374 23.24 3.69 -6.57
CA ALA A 374 23.40 4.62 -7.73
C ALA A 374 22.64 4.07 -8.92
N VAL A 375 22.76 2.78 -9.13
CA VAL A 375 22.05 2.14 -10.26
C VAL A 375 20.52 2.23 -10.14
N PHE A 376 19.97 1.76 -9.02
CA PHE A 376 18.52 1.64 -8.89
C PHE A 376 17.80 2.96 -8.61
N THR A 377 18.42 3.85 -7.83
CA THR A 377 17.85 5.18 -7.63
C THR A 377 17.97 6.02 -8.88
N GLY A 378 19.06 5.82 -9.62
CA GLY A 378 19.26 6.46 -10.92
C GLY A 378 18.21 5.99 -11.89
N LEU A 379 18.05 4.68 -12.01
CA LEU A 379 17.07 4.11 -12.95
C LEU A 379 15.64 4.63 -12.71
N ALA A 380 15.18 4.54 -11.46
CA ALA A 380 13.84 5.02 -11.09
C ALA A 380 13.63 6.49 -11.40
N ALA A 381 14.69 7.28 -11.20
CA ALA A 381 14.63 8.71 -11.41
C ALA A 381 14.51 9.12 -12.87
N ILE A 382 14.76 8.22 -13.81
CA ILE A 382 14.55 8.55 -15.24
C ILE A 382 13.10 9.00 -15.49
N HIS A 383 12.17 8.38 -14.78
CA HIS A 383 10.73 8.69 -14.93
C HIS A 383 10.36 10.07 -14.48
N GLY A 384 11.25 10.65 -13.66
CA GLY A 384 11.10 12.02 -13.17
C GLY A 384 11.62 13.06 -14.13
N LEU A 385 12.24 12.58 -15.20
CA LEU A 385 12.74 13.41 -16.28
C LEU A 385 11.95 13.26 -17.55
N LYS A 386 11.40 12.07 -17.79
CA LYS A 386 10.69 11.77 -19.04
C LYS A 386 9.20 12.01 -18.96
N THR A 387 8.60 12.22 -20.12
CA THR A 387 7.21 12.61 -20.22
C THR A 387 6.39 11.70 -21.15
N GLY A 388 6.89 10.50 -21.46
CA GLY A 388 6.07 9.54 -22.19
C GLY A 388 4.95 8.94 -21.35
N GLU A 389 4.10 8.14 -22.02
CA GLU A 389 2.99 7.46 -21.37
C GLU A 389 3.34 6.56 -20.19
N ALA A 390 4.47 5.88 -20.27
CA ALA A 390 4.91 4.94 -19.25
C ALA A 390 5.69 5.59 -18.10
N ASN A 391 5.89 6.92 -18.13
CA ASN A 391 6.73 7.59 -17.16
C ASN A 391 5.96 8.33 -16.06
N GLY A 392 4.65 8.16 -16.02
CA GLY A 392 3.82 8.76 -14.97
C GLY A 392 3.37 10.20 -15.22
N PRO A 393 2.56 10.74 -14.32
CA PRO A 393 2.03 12.08 -14.59
C PRO A 393 2.90 13.26 -14.25
N LEU A 394 3.95 13.10 -13.45
CA LEU A 394 4.76 14.22 -12.96
C LEU A 394 6.26 14.05 -13.15
N THR A 395 6.95 15.18 -13.30
CA THR A 395 8.40 15.23 -13.45
C THR A 395 8.94 16.02 -12.25
N ASN A 396 10.22 15.77 -11.98
CA ASN A 396 10.92 16.35 -10.86
C ASN A 396 11.69 17.59 -11.34
N SER A 397 12.87 17.36 -11.89
CA SER A 397 13.69 18.47 -12.44
C SER A 397 13.01 19.11 -13.65
N ARG A 398 13.21 20.41 -13.81
CA ARG A 398 12.87 21.09 -15.07
C ARG A 398 14.08 21.21 -16.00
N THR A 399 15.22 20.67 -15.62
CA THR A 399 16.49 21.03 -16.29
C THR A 399 17.34 19.82 -16.68
N GLY A 400 16.76 18.62 -16.68
CA GLY A 400 17.46 17.40 -17.01
C GLY A 400 18.43 16.80 -15.97
N SER A 401 18.37 17.23 -14.71
CA SER A 401 19.21 16.66 -13.65
C SER A 401 18.51 15.74 -12.64
N ILE A 402 19.30 14.79 -12.12
CA ILE A 402 18.94 13.94 -11.01
C ILE A 402 19.93 14.24 -9.86
N TYR A 403 19.45 14.32 -8.61
CA TYR A 403 20.26 14.82 -7.51
C TYR A 403 20.43 13.74 -6.45
N ILE A 404 21.64 13.21 -6.35
CA ILE A 404 21.97 12.21 -5.31
C ILE A 404 22.87 12.82 -4.24
N VAL A 405 22.40 12.78 -2.99
CA VAL A 405 23.20 13.06 -1.84
C VAL A 405 24.10 11.83 -1.56
N LYS A 406 25.41 12.05 -1.49
CA LYS A 406 26.38 10.98 -1.16
C LYS A 406 26.98 11.19 0.19
N PRO A 407 26.64 10.32 1.16
CA PRO A 407 27.14 10.54 2.50
C PRO A 407 28.44 9.80 2.85
N LYS A 408 29.01 10.18 3.99
CA LYS A 408 30.10 9.41 4.68
C LYS A 408 31.36 9.17 3.81
N MET A 409 31.64 10.11 2.92
CA MET A 409 32.84 10.04 2.14
C MET A 409 34.03 10.63 2.95
N HIS A 410 35.18 9.96 2.82
CA HIS A 410 36.46 10.36 3.43
C HIS A 410 37.49 10.75 2.38
N GLY A 411 37.58 12.03 2.02
CA GLY A 411 38.71 12.51 1.24
C GLY A 411 38.44 12.56 -0.26
N PRO A 412 39.29 13.25 -1.01
CA PRO A 412 39.06 13.48 -2.44
C PRO A 412 39.07 12.27 -3.33
N ALA A 413 39.91 11.27 -3.06
CA ALA A 413 39.83 10.07 -3.88
C ALA A 413 38.45 9.42 -3.77
N GLU A 414 37.84 9.48 -2.59
CA GLU A 414 36.53 8.87 -2.39
C GLU A 414 35.43 9.66 -3.14
N VAL A 415 35.59 10.98 -3.24
CA VAL A 415 34.73 11.82 -4.08
C VAL A 415 34.95 11.52 -5.56
N ALA A 416 36.21 11.37 -5.99
CA ALA A 416 36.47 11.02 -7.38
C ALA A 416 35.83 9.68 -7.73
N PHE A 417 35.86 8.71 -6.82
CA PHE A 417 35.27 7.39 -7.07
C PHE A 417 33.74 7.49 -7.22
N THR A 418 33.11 8.31 -6.39
CA THR A 418 31.69 8.57 -6.51
C THR A 418 31.35 9.15 -7.87
N CYS A 419 32.17 10.07 -8.36
CA CYS A 419 31.92 10.64 -9.65
C CYS A 419 32.09 9.63 -10.78
N GLU A 420 33.06 8.74 -10.68
CA GLU A 420 33.23 7.69 -11.66
C GLU A 420 32.04 6.73 -11.61
N LEU A 421 31.61 6.34 -10.42
CA LEU A 421 30.37 5.50 -10.30
C LEU A 421 29.22 6.13 -11.05
N PHE A 422 29.01 7.41 -10.79
CA PHE A 422 27.86 8.10 -11.37
C PHE A 422 28.04 8.08 -12.90
N SER A 423 29.28 8.31 -13.34
CA SER A 423 29.58 8.34 -14.78
C SER A 423 29.26 7.01 -15.44
N ARG A 424 29.63 5.92 -14.76
CA ARG A 424 29.39 4.58 -15.27
C ARG A 424 27.91 4.19 -15.27
N VAL A 425 27.19 4.66 -14.26
CA VAL A 425 25.77 4.44 -14.18
C VAL A 425 25.03 5.17 -15.29
N GLU A 426 25.41 6.42 -15.53
CA GLU A 426 24.81 7.20 -16.58
C GLU A 426 25.01 6.48 -17.90
N ASP A 427 26.19 5.90 -18.08
CA ASP A 427 26.44 5.12 -19.28
C ASP A 427 25.49 3.91 -19.44
N VAL A 428 25.30 3.13 -18.39
CA VAL A 428 24.40 1.96 -18.50
C VAL A 428 22.97 2.42 -18.80
N LEU A 429 22.56 3.50 -18.14
CA LEU A 429 21.19 4.01 -18.17
C LEU A 429 20.87 4.82 -19.44
N GLY A 430 21.91 5.24 -20.15
CA GLY A 430 21.71 6.11 -21.33
C GLY A 430 21.31 7.55 -20.94
N LEU A 431 21.59 7.93 -19.68
CA LEU A 431 21.48 9.32 -19.29
C LEU A 431 22.71 10.04 -19.78
N PRO A 432 22.54 11.30 -20.25
CA PRO A 432 23.73 12.06 -20.60
C PRO A 432 24.72 12.10 -19.48
N GLN A 433 26.01 12.03 -19.82
CA GLN A 433 27.05 12.20 -18.81
C GLN A 433 26.82 13.48 -18.05
N GLY A 434 26.94 13.39 -16.73
CA GLY A 434 26.75 14.54 -15.88
C GLY A 434 25.33 14.75 -15.38
N THR A 435 24.38 13.90 -15.75
CA THR A 435 23.01 14.02 -15.28
C THR A 435 22.89 13.79 -13.74
N LEU A 436 23.58 12.78 -13.21
CA LEU A 436 23.58 12.54 -11.78
C LEU A 436 24.47 13.52 -11.06
N LYS A 437 23.87 14.54 -10.47
CA LYS A 437 24.58 15.54 -9.76
C LYS A 437 24.72 15.04 -8.31
N VAL A 438 25.69 15.56 -7.57
CA VAL A 438 26.00 15.06 -6.21
C VAL A 438 25.92 16.15 -5.14
N GLY A 439 25.20 15.84 -4.08
CA GLY A 439 25.26 16.61 -2.87
C GLY A 439 26.27 15.97 -1.95
N ILE A 440 27.34 16.73 -1.70
CA ILE A 440 28.41 16.25 -0.86
C ILE A 440 28.17 16.59 0.61
N MET A 441 28.07 15.55 1.41
CA MET A 441 28.03 15.70 2.84
C MET A 441 29.46 15.91 3.29
N ASP A 442 29.69 17.01 3.98
CA ASP A 442 30.98 17.26 4.60
C ASP A 442 30.77 16.77 6.03
N GLU A 443 31.06 15.50 6.28
CA GLU A 443 30.69 14.91 7.58
C GLU A 443 31.69 13.90 8.06
N GLU A 444 32.89 13.95 7.49
CA GLU A 444 34.00 13.08 7.93
C GLU A 444 35.24 13.93 7.99
N ARG A 445 36.05 13.76 9.04
CA ARG A 445 37.25 14.58 9.21
C ARG A 445 38.20 14.63 8.00
N ARG A 446 38.49 13.51 7.36
CA ARG A 446 39.37 13.52 6.16
C ARG A 446 38.77 14.27 5.00
N THR A 447 37.47 14.49 5.04
CA THR A 447 36.84 15.29 4.00
C THR A 447 36.99 16.74 4.41
N THR A 448 36.59 17.08 5.63
CA THR A 448 36.67 18.47 6.09
C THR A 448 38.09 19.06 5.86
N LEU A 449 39.10 18.29 6.23
CA LEU A 449 40.50 18.72 6.16
CA LEU A 449 40.49 18.72 6.17
C LEU A 449 41.01 18.79 4.73
N ASN A 450 40.30 18.14 3.80
CA ASN A 450 40.65 18.18 2.35
C ASN A 450 39.52 18.69 1.49
N LEU A 451 38.76 19.64 2.04
CA LEU A 451 37.43 19.93 1.49
C LEU A 451 37.52 20.55 0.08
N LYS A 452 38.47 21.45 -0.09
CA LYS A 452 38.66 22.14 -1.37
C LYS A 452 39.01 21.11 -2.45
N ALA A 453 39.86 20.14 -2.14
CA ALA A 453 40.18 19.10 -3.11
C ALA A 453 38.95 18.21 -3.33
N CYS A 454 38.12 18.03 -2.30
CA CYS A 454 36.93 17.17 -2.41
C CYS A 454 35.92 17.77 -3.40
N ILE A 455 35.74 19.08 -3.30
CA ILE A 455 34.88 19.82 -4.19
C ILE A 455 35.44 19.84 -5.61
N LYS A 456 36.71 20.16 -5.75
CA LYS A 456 37.35 20.07 -7.06
C LYS A 456 37.18 18.69 -7.71
N ALA A 457 37.27 17.61 -6.93
CA ALA A 457 37.07 16.26 -7.47
C ALA A 457 35.66 16.10 -8.05
N ALA A 458 34.70 16.91 -7.63
CA ALA A 458 33.31 16.87 -8.17
C ALA A 458 32.87 18.21 -8.75
N ALA A 459 33.80 18.97 -9.31
CA ALA A 459 33.55 20.36 -9.74
C ALA A 459 32.45 20.48 -10.81
N ASP A 460 32.28 19.42 -11.59
CA ASP A 460 31.35 19.36 -12.69
C ASP A 460 29.98 18.78 -12.28
N ARG A 461 29.86 18.25 -11.05
CA ARG A 461 28.65 17.57 -10.62
C ARG A 461 28.04 18.10 -9.31
N VAL A 462 28.80 18.87 -8.53
CA VAL A 462 28.39 19.22 -7.14
C VAL A 462 27.25 20.27 -7.21
N VAL A 463 26.19 19.97 -6.45
CA VAL A 463 25.07 20.89 -6.29
C VAL A 463 24.90 21.27 -4.84
N PHE A 464 25.52 20.53 -3.94
CA PHE A 464 25.72 21.13 -2.63
C PHE A 464 26.88 20.61 -1.86
N ILE A 465 27.22 21.35 -0.81
CA ILE A 465 27.90 20.79 0.35
C ILE A 465 27.05 21.05 1.59
N ASN A 466 27.17 20.18 2.58
CA ASN A 466 26.41 20.34 3.81
C ASN A 466 27.24 19.86 4.98
N THR A 467 27.20 20.60 6.06
CA THR A 467 27.85 20.19 7.28
C THR A 467 26.94 19.24 8.07
N GLY A 468 27.19 17.93 7.85
CA GLY A 468 26.50 16.85 8.58
C GLY A 468 27.14 16.74 9.94
N PHE A 469 26.82 17.71 10.79
CA PHE A 469 27.57 17.83 12.06
C PHE A 469 27.52 16.65 13.05
N LEU A 470 26.58 15.74 12.89
CA LEU A 470 26.41 14.65 13.87
C LEU A 470 27.38 13.49 13.56
N ASP A 471 27.39 13.09 12.30
CA ASP A 471 28.40 12.13 11.85
C ASP A 471 29.82 12.70 12.09
N ARG A 472 29.98 14.01 11.87
CA ARG A 472 31.28 14.63 11.85
C ARG A 472 31.89 14.57 13.23
N THR A 473 31.05 14.66 14.25
CA THR A 473 31.48 14.61 15.62
C THR A 473 31.82 13.16 15.97
N GLY A 474 31.00 12.23 15.50
CA GLY A 474 31.31 10.81 15.62
C GLY A 474 32.69 10.48 15.06
N ASP A 475 32.97 10.92 13.85
CA ASP A 475 34.28 10.71 13.26
C ASP A 475 35.40 11.38 14.04
N GLU A 476 35.11 12.56 14.61
CA GLU A 476 36.12 13.31 15.37
C GLU A 476 36.54 12.41 16.58
N ILE A 477 35.55 11.84 17.24
CA ILE A 477 35.82 11.03 18.42
C ILE A 477 36.59 9.77 18.00
N HIS A 478 36.14 9.10 16.93
CA HIS A 478 36.78 7.83 16.57
C HIS A 478 38.17 8.02 16.13
N THR A 479 38.37 9.09 15.37
CA THR A 479 39.66 9.27 14.74
C THR A 479 40.75 9.46 15.80
N SER A 480 40.43 10.21 16.83
CA SER A 480 41.36 10.54 17.89
C SER A 480 41.07 9.71 19.15
N MET A 481 40.35 8.61 18.99
CA MET A 481 40.04 7.67 20.08
C MET A 481 41.21 7.44 21.07
N GLU A 482 42.40 7.17 20.56
CA GLU A 482 43.55 6.89 21.36
C GLU A 482 44.20 8.14 22.00
N ALA A 483 43.78 9.33 21.61
CA ALA A 483 44.39 10.55 22.10
C ALA A 483 44.09 10.77 23.57
N GLY A 484 42.93 10.31 24.03
CA GLY A 484 42.54 10.55 25.42
C GLY A 484 41.04 10.81 25.48
N PRO A 485 40.53 11.07 26.67
CA PRO A 485 39.08 11.17 26.81
C PRO A 485 38.61 12.47 26.21
N MET A 486 37.47 12.40 25.52
CA MET A 486 36.88 13.55 24.83
C MET A 486 35.95 14.35 25.73
N ILE A 487 35.80 15.63 25.44
CA ILE A 487 34.82 16.46 26.15
C ILE A 487 33.44 15.88 25.94
N ARG A 488 32.50 16.29 26.78
CA ARG A 488 31.07 15.89 26.64
C ARG A 488 30.39 16.32 25.33
N LYS A 489 29.41 15.53 24.86
CA LYS A 489 28.66 15.87 23.62
C LYS A 489 28.23 17.31 23.57
N GLY A 490 27.72 17.83 24.68
CA GLY A 490 27.25 19.22 24.74
C GLY A 490 28.37 20.22 24.81
N ALA A 491 29.58 19.83 25.19
CA ALA A 491 30.72 20.76 25.13
C ALA A 491 31.25 20.91 23.69
N MET A 492 31.02 19.89 22.84
CA MET A 492 31.47 19.89 21.45
C MET A 492 30.98 21.10 20.62
N LYS A 493 29.76 21.55 20.88
CA LYS A 493 29.15 22.72 20.26
C LYS A 493 30.04 23.95 20.32
N ASN A 494 30.75 24.11 21.43
CA ASN A 494 31.62 25.27 21.69
C ASN A 494 33.11 24.94 21.47
N SER A 495 33.44 23.88 20.74
CA SER A 495 34.86 23.50 20.54
C SER A 495 35.53 24.25 19.39
N THR A 496 36.85 24.32 19.43
CA THR A 496 37.56 25.05 18.37
C THR A 496 37.31 24.38 17.03
N TRP A 497 37.37 23.06 17.00
CA TRP A 497 37.26 22.35 15.75
C TRP A 497 35.92 22.51 15.08
N ILE A 498 34.83 22.49 15.84
CA ILE A 498 33.52 22.47 15.20
C ILE A 498 33.24 23.83 14.61
N LYS A 499 33.75 24.88 15.29
CA LYS A 499 33.58 26.24 14.80
C LYS A 499 34.32 26.45 13.48
N ALA A 500 35.55 25.91 13.37
CA ALA A 500 36.31 25.98 12.12
C ALA A 500 35.69 25.14 11.01
N TYR A 501 35.24 23.93 11.37
CA TYR A 501 34.46 23.06 10.46
C TYR A 501 33.25 23.74 9.78
N GLU A 502 32.43 24.43 10.56
CA GLU A 502 31.24 25.13 10.03
C GLU A 502 31.59 26.29 9.15
N ASP A 503 32.58 27.08 9.59
CA ASP A 503 33.00 28.27 8.88
C ASP A 503 33.81 27.98 7.64
N ALA A 504 34.78 27.08 7.75
CA ALA A 504 35.55 26.61 6.60
C ALA A 504 34.67 26.14 5.44
N ASN A 505 33.65 25.40 5.79
CA ASN A 505 32.75 24.82 4.82
C ASN A 505 32.13 25.90 3.95
N VAL A 506 31.63 26.92 4.60
CA VAL A 506 31.05 28.07 3.89
C VAL A 506 32.11 28.84 3.08
N ASP A 507 33.23 29.16 3.73
CA ASP A 507 34.31 29.89 3.04
C ASP A 507 34.75 29.15 1.78
N ILE A 508 34.96 27.86 1.90
CA ILE A 508 35.53 27.07 0.81
C ILE A 508 34.48 26.97 -0.28
N GLY A 509 33.23 26.74 0.14
CA GLY A 509 32.12 26.83 -0.75
C GLY A 509 32.05 28.10 -1.56
N LEU A 510 32.01 29.25 -0.88
CA LEU A 510 31.90 30.50 -1.62
C LEU A 510 33.14 30.70 -2.50
N ALA A 511 34.34 30.40 -1.98
CA ALA A 511 35.57 30.54 -2.74
C ALA A 511 35.55 29.66 -4.00
N ALA A 512 34.84 28.52 -3.96
CA ALA A 512 34.70 27.69 -5.17
C ALA A 512 33.55 28.12 -6.09
N GLY A 513 32.96 29.28 -5.81
CA GLY A 513 31.89 29.88 -6.61
C GLY A 513 30.51 29.28 -6.47
N PHE A 514 30.19 28.75 -5.29
CA PHE A 514 28.83 28.22 -5.03
C PHE A 514 27.71 29.27 -5.10
N LYS A 515 27.98 30.54 -4.79
CA LYS A 515 26.88 31.48 -4.74
C LYS A 515 26.25 31.46 -6.09
N GLY A 516 24.93 31.27 -6.13
CA GLY A 516 24.25 31.27 -7.42
C GLY A 516 24.34 29.99 -8.22
N LYS A 517 25.02 28.96 -7.71
CA LYS A 517 25.18 27.70 -8.47
C LYS A 517 24.86 26.42 -7.67
N ALA A 518 25.08 26.45 -6.36
CA ALA A 518 24.92 25.23 -5.57
C ALA A 518 24.72 25.63 -4.14
N GLN A 519 24.03 24.81 -3.40
CA GLN A 519 23.69 25.11 -2.03
C GLN A 519 24.88 24.93 -1.13
N ILE A 520 24.81 25.66 -0.03
CA ILE A 520 25.68 25.52 1.09
C ILE A 520 24.76 25.36 2.28
N GLY A 521 24.81 24.16 2.84
CA GLY A 521 23.80 23.68 3.79
C GLY A 521 24.36 23.41 5.17
N LYS A 522 23.50 23.58 6.16
CA LYS A 522 23.84 23.19 7.52
C LYS A 522 22.78 22.20 8.04
N GLY A 523 22.94 21.78 9.28
CA GLY A 523 22.37 20.55 9.78
C GLY A 523 21.01 20.60 10.41
N MET A 524 20.60 19.44 10.86
CA MET A 524 19.24 19.15 11.26
C MET A 524 18.90 19.80 12.61
N TRP A 525 17.68 20.31 12.77
CA TRP A 525 17.12 20.67 14.06
C TRP A 525 16.37 19.47 14.56
N ALA A 526 16.84 18.92 15.66
CA ALA A 526 16.38 17.60 16.13
C ALA A 526 15.15 17.70 17.06
N MET A 527 14.94 18.85 17.72
CA MET A 527 13.86 18.93 18.71
C MET A 527 12.52 19.34 18.10
N THR A 528 11.72 18.28 17.86
CA THR A 528 10.54 18.35 17.03
C THR A 528 9.38 19.11 17.67
N GLU A 529 9.29 19.14 19.00
CA GLU A 529 8.21 19.83 19.72
CA GLU A 529 8.19 19.86 19.66
C GLU A 529 8.61 21.26 20.09
N LEU A 530 9.93 21.54 20.07
CA LEU A 530 10.48 22.80 20.52
C LEU A 530 10.72 23.75 19.33
N MET A 531 9.60 24.23 18.80
CA MET A 531 9.57 25.07 17.64
C MET A 531 9.81 26.56 17.98
N ALA A 532 9.41 26.99 19.19
CA ALA A 532 9.76 28.36 19.67
C ALA A 532 11.27 28.44 19.74
N ASP A 533 11.91 27.43 20.30
CA ASP A 533 13.35 27.43 20.26
C ASP A 533 13.88 27.41 18.79
N MET A 534 13.31 26.62 17.90
CA MET A 534 13.85 26.57 16.54
C MET A 534 13.73 27.93 15.85
N VAL A 535 12.57 28.55 15.96
CA VAL A 535 12.32 29.89 15.37
C VAL A 535 13.30 30.91 15.96
N GLU A 536 13.57 30.80 17.25
CA GLU A 536 14.60 31.62 17.84
C GLU A 536 16.01 31.27 17.34
N GLN A 537 16.42 30.00 17.45
CA GLN A 537 17.84 29.64 17.29
C GLN A 537 18.31 29.42 15.85
N LYS A 538 17.50 28.73 15.05
CA LYS A 538 17.92 28.30 13.72
C LYS A 538 18.15 29.45 12.74
N ILE A 539 17.80 30.69 13.10
CA ILE A 539 18.04 31.86 12.24
C ILE A 539 19.53 32.02 12.07
N GLY A 540 20.29 31.45 13.00
CA GLY A 540 21.78 31.46 12.93
C GLY A 540 22.37 30.88 11.66
N GLN A 541 21.68 29.88 11.09
CA GLN A 541 22.23 29.21 9.90
C GLN A 541 22.15 30.06 8.66
N PRO A 542 20.97 30.65 8.37
CA PRO A 542 21.01 31.59 7.23
C PRO A 542 21.87 32.81 7.46
N LYS A 543 22.00 33.23 8.73
CA LYS A 543 22.85 34.37 9.10
C LYS A 543 24.31 34.03 8.91
N ALA A 544 24.62 32.75 8.84
CA ALA A 544 26.01 32.29 8.63
C ALA A 544 26.26 32.04 7.17
N GLY A 545 25.30 32.36 6.31
CA GLY A 545 25.50 32.26 4.87
C GLY A 545 25.07 30.95 4.28
N ALA A 546 24.45 30.09 5.08
CA ALA A 546 23.88 28.84 4.58
C ALA A 546 22.62 29.15 3.76
N THR A 547 22.65 28.82 2.47
CA THR A 547 21.43 28.93 1.64
C THR A 547 20.42 27.80 1.93
N THR A 548 20.79 26.77 2.68
CA THR A 548 19.79 25.84 3.15
C THR A 548 20.17 25.24 4.51
N ALA A 549 19.18 24.74 5.20
CA ALA A 549 19.47 23.95 6.36
C ALA A 549 18.38 22.94 6.57
N TRP A 550 18.69 21.88 7.31
CA TRP A 550 17.83 20.72 7.44
C TRP A 550 16.76 20.88 8.51
N VAL A 551 15.54 20.47 8.16
CA VAL A 551 14.35 20.51 9.04
C VAL A 551 13.73 19.14 9.12
N PRO A 552 13.05 18.82 10.24
CA PRO A 552 12.58 17.45 10.45
C PRO A 552 11.17 17.10 9.96
N SER A 553 10.36 18.09 9.65
CA SER A 553 9.00 17.84 9.26
C SER A 553 8.47 19.00 8.43
N PRO A 554 7.34 18.78 7.73
CA PRO A 554 6.70 19.88 6.99
C PRO A 554 6.42 21.13 7.80
N THR A 555 5.95 20.96 9.02
CA THR A 555 5.67 22.09 9.92
C THR A 555 6.95 22.87 10.25
N ALA A 556 8.02 22.17 10.57
CA ALA A 556 9.30 22.84 10.80
C ALA A 556 9.80 23.57 9.56
N ALA A 557 9.59 22.98 8.39
CA ALA A 557 9.94 23.63 7.12
C ALA A 557 9.19 24.97 7.00
N THR A 558 7.91 24.99 7.34
CA THR A 558 7.12 26.23 7.21
C THR A 558 7.65 27.29 8.17
N LEU A 559 7.97 26.88 9.40
CA LEU A 559 8.45 27.85 10.38
C LEU A 559 9.89 28.33 10.03
N HIS A 560 10.77 27.43 9.65
CA HIS A 560 12.11 27.81 9.23
C HIS A 560 12.12 28.69 8.00
N ALA A 561 11.14 28.58 7.12
CA ALA A 561 11.08 29.44 5.94
C ALA A 561 11.00 30.91 6.35
N MET A 562 10.42 31.19 7.52
CA MET A 562 10.31 32.57 7.93
C MET A 562 11.70 33.17 8.06
N HIS A 563 12.70 32.35 8.40
CA HIS A 563 14.06 32.86 8.66
C HIS A 563 14.67 33.41 7.38
N TYR A 564 14.29 32.81 6.26
CA TYR A 564 14.88 33.20 4.98
C TYR A 564 14.21 34.47 4.47
N HIS A 565 12.99 34.76 4.98
CA HIS A 565 12.36 36.08 4.74
C HIS A 565 13.00 37.16 5.56
N GLN A 566 13.44 36.81 6.77
CA GLN A 566 14.07 37.77 7.70
C GLN A 566 15.55 38.05 7.34
N VAL A 567 16.22 37.06 6.75
CA VAL A 567 17.65 37.15 6.43
C VAL A 567 17.83 37.08 4.89
N ASP A 568 18.50 38.07 4.34
CA ASP A 568 18.84 38.10 2.94
C ASP A 568 20.13 37.28 2.75
N VAL A 569 19.99 35.97 2.61
CA VAL A 569 21.17 35.09 2.57
C VAL A 569 22.16 35.49 1.46
N ALA A 570 21.64 35.93 0.29
CA ALA A 570 22.48 36.41 -0.82
C ALA A 570 23.43 37.57 -0.36
N ALA A 571 22.87 38.56 0.33
CA ALA A 571 23.67 39.68 0.85
C ALA A 571 24.64 39.19 1.93
N VAL A 572 24.20 38.26 2.78
CA VAL A 572 25.11 37.70 3.78
C VAL A 572 26.28 37.00 3.09
N GLN A 573 25.98 36.20 2.07
CA GLN A 573 27.01 35.52 1.30
C GLN A 573 28.00 36.47 0.62
N GLN A 574 27.46 37.55 0.07
CA GLN A 574 28.27 38.58 -0.54
C GLN A 574 29.23 39.27 0.47
N GLU A 575 28.74 39.56 1.68
CA GLU A 575 29.63 40.08 2.75
C GLU A 575 30.68 39.03 3.17
N LEU A 576 30.35 37.75 3.10
CA LEU A 576 31.34 36.70 3.42
C LEU A 576 32.38 36.48 2.33
N THR A 577 32.14 36.97 1.13
CA THR A 577 32.99 36.65 0.00
C THR A 577 34.42 37.12 0.25
N GLY A 578 35.37 36.23 0.02
CA GLY A 578 36.78 36.52 0.22
C GLY A 578 37.35 36.25 1.62
N GLN A 579 36.50 36.24 2.63
CA GLN A 579 36.99 36.09 4.00
C GLN A 579 37.56 34.67 4.25
N ARG A 580 38.62 34.60 5.05
CA ARG A 580 39.18 33.34 5.50
C ARG A 580 39.10 33.23 7.02
N ARG A 581 38.08 32.50 7.51
CA ARG A 581 37.73 32.60 8.94
C ARG A 581 38.14 31.40 9.74
N ALA A 582 38.73 30.41 9.10
CA ALA A 582 39.13 29.21 9.85
C ALA A 582 40.49 28.74 9.37
N THR A 583 41.17 27.95 10.19
CA THR A 583 42.45 27.44 9.82
C THR A 583 42.52 25.93 9.96
N VAL A 584 43.45 25.31 9.25
CA VAL A 584 43.80 23.89 9.44
C VAL A 584 44.21 23.59 10.90
N ASP A 585 44.94 24.51 11.54
CA ASP A 585 45.38 24.26 12.92
C ASP A 585 44.14 24.24 13.86
N GLN A 586 43.15 25.09 13.58
CA GLN A 586 41.88 25.03 14.32
C GLN A 586 41.17 23.70 14.15
N LEU A 587 41.07 23.23 12.92
CA LEU A 587 40.41 21.97 12.62
C LEU A 587 41.11 20.80 13.29
N LEU A 588 42.42 20.93 13.47
CA LEU A 588 43.24 19.87 13.98
C LEU A 588 43.31 19.94 15.50
N THR A 589 42.58 20.85 16.12
CA THR A 589 42.55 20.90 17.57
C THR A 589 41.59 19.83 18.11
N ILE A 590 42.17 18.71 18.56
CA ILE A 590 41.38 17.55 19.01
C ILE A 590 40.65 17.96 20.28
N PRO A 591 39.34 17.65 20.40
CA PRO A 591 38.63 18.14 21.59
C PRO A 591 38.80 17.23 22.84
N LEU A 592 40.03 17.15 23.31
CA LEU A 592 40.36 16.37 24.47
C LEU A 592 39.89 17.15 25.70
N ALA A 593 39.43 16.42 26.72
CA ALA A 593 39.03 17.02 27.99
C ALA A 593 40.30 17.24 28.81
N LYS A 594 40.41 18.34 29.51
CA LYS A 594 41.52 18.59 30.39
C LYS A 594 41.35 17.77 31.68
N LYS A 595 42.34 17.77 32.55
CA LYS A 595 42.14 17.01 33.75
C LYS A 595 41.29 17.77 34.74
N LEU A 596 40.57 17.01 35.55
CA LEU A 596 39.60 17.63 36.43
C LEU A 596 38.52 18.36 35.67
N ALA A 597 38.14 17.82 34.54
CA ALA A 597 37.08 18.43 33.73
C ALA A 597 35.71 18.26 34.38
N TRP A 598 35.48 17.14 35.09
CA TRP A 598 34.14 16.76 35.52
C TRP A 598 34.01 16.32 36.93
N ALA A 599 33.08 16.91 37.66
CA ALA A 599 32.56 16.30 38.92
C ALA A 599 31.89 14.96 38.58
N PRO A 600 31.93 13.94 39.48
CA PRO A 600 31.32 12.63 39.11
C PRO A 600 29.85 12.67 38.61
N GLU A 601 29.07 13.67 39.02
CA GLU A 601 27.65 13.78 38.61
C GLU A 601 27.56 14.13 37.13
N GLU A 602 28.51 14.91 36.64
CA GLU A 602 28.56 15.29 35.23
C GLU A 602 28.83 14.08 34.36
N ILE A 603 29.83 13.27 34.75
CA ILE A 603 30.14 11.99 34.12
C ILE A 603 28.88 11.10 34.07
N ARG A 604 28.18 11.02 35.22
CA ARG A 604 27.02 10.13 35.30
C ARG A 604 25.87 10.64 34.44
N GLU A 605 25.63 11.94 34.39
CA GLU A 605 24.59 12.49 33.54
C GLU A 605 24.86 12.19 32.06
N GLU A 606 26.10 12.33 31.63
CA GLU A 606 26.48 12.00 30.25
C GLU A 606 26.21 10.54 29.96
N VAL A 607 26.63 9.65 30.86
CA VAL A 607 26.49 8.20 30.62
C VAL A 607 25.00 7.81 30.48
N ASP A 608 24.17 8.18 31.44
CA ASP A 608 22.75 7.82 31.36
C ASP A 608 22.08 8.45 30.13
N ASN A 609 22.43 9.71 29.86
CA ASN A 609 21.84 10.40 28.70
C ASN A 609 22.17 9.63 27.40
N ASP A 610 23.44 9.31 27.21
CA ASP A 610 23.88 8.55 26.06
C ASP A 610 23.26 7.14 25.97
N CYS A 611 23.20 6.43 27.09
CA CYS A 611 22.62 5.07 27.10
C CYS A 611 21.09 5.12 26.79
N GLN A 612 20.38 6.11 27.33
CA GLN A 612 18.95 6.19 27.08
C GLN A 612 18.69 6.44 25.57
N SER A 613 19.49 7.32 25.02
CA SER A 613 19.38 7.68 23.62
CA SER A 613 19.39 7.69 23.60
C SER A 613 19.75 6.54 22.66
N ILE A 614 20.83 5.82 22.95
CA ILE A 614 21.17 4.61 22.20
C ILE A 614 20.01 3.61 22.30
N LEU A 615 19.57 3.35 23.52
CA LEU A 615 18.50 2.34 23.72
C LEU A 615 17.19 2.71 23.08
N GLY A 616 16.74 3.95 23.29
CA GLY A 616 15.49 4.41 22.68
C GLY A 616 15.46 4.30 21.16
N TYR A 617 16.58 4.61 20.54
CA TYR A 617 16.66 4.54 19.07
C TYR A 617 16.84 3.08 18.63
N VAL A 618 17.76 2.35 19.26
CA VAL A 618 18.06 0.99 18.79
C VAL A 618 16.85 0.02 18.92
N VAL A 619 16.06 0.13 19.99
CA VAL A 619 14.94 -0.81 20.20
C VAL A 619 13.92 -0.73 19.10
N ARG A 620 13.65 0.45 18.59
CA ARG A 620 12.76 0.61 17.43
C ARG A 620 13.39 0.18 16.11
N TRP A 621 14.71 0.36 16.01
CA TRP A 621 15.48 -0.05 14.85
C TRP A 621 15.46 -1.55 14.74
N VAL A 622 15.87 -2.21 15.80
CA VAL A 622 16.00 -3.65 15.78
C VAL A 622 14.63 -4.40 15.79
N ASP A 623 13.70 -3.97 16.63
CA ASP A 623 12.47 -4.76 16.79
C ASP A 623 11.43 -4.38 15.75
N GLN A 624 11.46 -3.16 15.26
CA GLN A 624 10.40 -2.71 14.31
C GLN A 624 10.89 -2.28 12.93
N GLY A 625 12.21 -2.16 12.72
CA GLY A 625 12.72 -1.72 11.44
C GLY A 625 12.37 -0.28 11.16
N ILE A 626 12.35 0.52 12.21
CA ILE A 626 12.05 1.93 12.15
C ILE A 626 13.34 2.72 12.44
N GLY A 627 13.73 3.56 11.51
CA GLY A 627 15.05 4.15 11.45
C GLY A 627 15.09 5.61 11.81
N CYS A 628 13.95 6.21 12.04
CA CYS A 628 13.91 7.55 12.50
C CYS A 628 12.84 7.64 13.59
N SER A 629 13.31 7.64 14.84
CA SER A 629 12.41 7.73 16.00
C SER A 629 12.60 9.01 16.84
N LYS A 630 11.45 9.64 17.14
CA LYS A 630 11.35 10.62 18.23
C LYS A 630 11.64 9.96 19.55
N VAL A 631 12.74 10.35 20.20
CA VAL A 631 13.15 9.73 21.47
C VAL A 631 13.49 10.77 22.54
N PRO A 632 12.75 10.73 23.66
CA PRO A 632 12.89 11.62 24.80
C PRO A 632 14.18 11.46 25.58
N ASP A 633 15.01 12.48 25.66
CA ASP A 633 16.26 12.34 26.41
C ASP A 633 16.09 12.34 27.95
N ILE A 634 17.19 12.17 28.66
CA ILE A 634 17.14 12.16 30.12
C ILE A 634 16.63 13.51 30.69
N HIS A 635 16.67 14.58 29.91
CA HIS A 635 16.05 15.83 30.29
C HIS A 635 14.64 15.96 29.70
N ASN A 636 13.98 14.84 29.38
CA ASN A 636 12.59 14.79 28.83
C ASN A 636 12.40 15.06 27.30
N VAL A 637 13.11 16.04 26.76
CA VAL A 637 12.91 16.56 25.38
C VAL A 637 12.83 15.54 24.23
N ALA A 638 11.80 15.65 23.39
CA ALA A 638 11.62 14.75 22.24
C ALA A 638 12.61 15.06 21.11
N LEU A 639 13.49 14.11 20.80
CA LEU A 639 14.48 14.27 19.72
C LEU A 639 14.27 13.36 18.52
N MET A 640 14.54 13.89 17.34
CA MET A 640 14.82 13.09 16.15
C MET A 640 16.14 12.31 16.23
N GLU A 641 16.06 11.08 16.71
CA GLU A 641 17.25 10.20 16.69
C GLU A 641 17.38 9.53 15.29
N ASP A 642 18.59 9.52 14.74
CA ASP A 642 18.91 8.85 13.48
C ASP A 642 20.28 8.24 13.67
N ARG A 643 20.70 7.40 12.74
CA ARG A 643 21.86 6.57 12.96
C ARG A 643 23.09 7.33 13.40
N ALA A 644 23.25 8.54 12.88
CA ALA A 644 24.33 9.41 13.28
C ALA A 644 24.27 9.81 14.76
N THR A 645 23.08 9.93 15.34
CA THR A 645 22.96 10.28 16.76
C THR A 645 23.52 9.14 17.56
N LEU A 646 23.28 7.94 17.08
CA LEU A 646 23.87 6.75 17.62
C LEU A 646 25.41 6.70 17.56
N ARG A 647 25.96 7.13 16.42
CA ARG A 647 27.40 7.09 16.19
C ARG A 647 28.07 7.93 17.27
N ILE A 648 27.56 9.14 17.47
CA ILE A 648 28.12 10.10 18.43
C ILE A 648 28.10 9.50 19.84
N SER A 649 26.95 8.98 20.27
CA SER A 649 26.76 8.53 21.66
C SER A 649 27.62 7.31 21.97
N SER A 650 27.63 6.37 21.01
CA SER A 650 28.34 5.13 21.21
C SER A 650 29.85 5.35 21.19
N GLN A 651 30.30 6.28 20.34
CA GLN A 651 31.73 6.55 20.26
C GLN A 651 32.22 7.29 21.48
N LEU A 652 31.40 8.20 22.01
CA LEU A 652 31.79 8.95 23.18
CA LEU A 652 31.76 8.94 23.18
C LEU A 652 31.90 7.95 24.32
N LEU A 653 30.95 7.04 24.43
CA LEU A 653 31.01 6.08 25.53
C LEU A 653 32.18 5.13 25.38
N ALA A 654 32.42 4.69 24.14
CA ALA A 654 33.54 3.84 23.83
C ALA A 654 34.87 4.49 24.22
N ASN A 655 34.99 5.79 23.94
CA ASN A 655 36.14 6.60 24.29
C ASN A 655 36.32 6.75 25.81
N TRP A 656 35.22 6.96 26.52
CA TRP A 656 35.31 7.07 27.97
C TRP A 656 35.72 5.76 28.60
N LEU A 657 35.19 4.64 28.09
CA LEU A 657 35.63 3.29 28.52
C LEU A 657 37.13 3.04 28.27
N ARG A 658 37.58 3.36 27.06
CA ARG A 658 38.96 3.14 26.69
C ARG A 658 39.92 3.86 27.59
N HIS A 659 39.52 5.01 28.13
CA HIS A 659 40.41 5.83 28.92
C HIS A 659 40.04 5.83 30.38
N GLY A 660 39.18 4.89 30.78
CA GLY A 660 38.85 4.69 32.20
C GLY A 660 38.10 5.81 32.91
N VAL A 661 37.54 6.76 32.17
CA VAL A 661 36.56 7.71 32.73
C VAL A 661 35.37 6.97 33.36
N ILE A 662 34.97 5.85 32.73
CA ILE A 662 33.91 4.98 33.19
C ILE A 662 34.31 3.51 32.97
N THR A 663 33.64 2.64 33.71
CA THR A 663 33.85 1.19 33.56
C THR A 663 32.77 0.48 32.73
N SER A 664 33.15 -0.70 32.27
CA SER A 664 32.24 -1.64 31.65
C SER A 664 31.02 -1.83 32.54
N GLU A 665 31.26 -2.03 33.84
CA GLU A 665 30.22 -2.16 34.84
C GLU A 665 29.31 -0.93 34.87
N ASP A 666 29.86 0.29 34.85
CA ASP A 666 29.02 1.49 34.79
C ASP A 666 28.10 1.47 33.55
N VAL A 667 28.64 1.01 32.41
CA VAL A 667 27.87 1.03 31.17
C VAL A 667 26.70 0.08 31.28
N ARG A 668 26.93 -1.15 31.72
CA ARG A 668 25.89 -2.15 31.84
C ARG A 668 24.79 -1.63 32.78
N ALA A 669 25.23 -1.10 33.92
CA ALA A 669 24.34 -0.53 34.93
C ALA A 669 23.45 0.58 34.38
N SER A 670 24.06 1.51 33.69
CA SER A 670 23.28 2.58 33.02
C SER A 670 22.29 2.01 31.97
N LEU A 671 22.77 1.12 31.08
CA LEU A 671 21.86 0.49 30.13
C LEU A 671 20.65 -0.19 30.82
N GLU A 672 20.92 -1.01 31.85
CA GLU A 672 19.84 -1.66 32.59
C GLU A 672 18.88 -0.67 33.25
N ARG A 673 19.40 0.43 33.77
CA ARG A 673 18.57 1.46 34.38
C ARG A 673 17.72 2.20 33.33
N MET A 674 18.29 2.45 32.16
CA MET A 674 17.56 3.19 31.13
C MET A 674 16.56 2.32 30.33
N ALA A 675 16.78 1.01 30.33
CA ALA A 675 15.88 0.09 29.61
C ALA A 675 14.45 0.28 29.98
N PRO A 676 14.13 0.19 31.28
CA PRO A 676 12.73 0.34 31.64
C PRO A 676 12.16 1.73 31.45
N LEU A 677 13.00 2.76 31.44
CA LEU A 677 12.53 4.08 31.15
C LEU A 677 12.04 4.11 29.67
N VAL A 678 12.83 3.47 28.80
CA VAL A 678 12.49 3.36 27.38
C VAL A 678 11.25 2.50 27.20
N ASP A 679 11.16 1.39 27.97
CA ASP A 679 9.99 0.54 27.90
C ASP A 679 8.78 1.42 28.25
N GLN A 680 8.89 2.19 29.35
CA GLN A 680 7.80 3.06 29.83
C GLN A 680 7.38 4.08 28.75
N GLN A 681 8.36 4.71 28.11
CA GLN A 681 8.08 5.67 27.03
C GLN A 681 7.32 5.02 25.87
N ASN A 682 7.56 3.73 25.62
CA ASN A 682 6.91 3.03 24.51
C ASN A 682 5.63 2.25 24.88
N ALA A 683 5.19 2.40 26.14
CA ALA A 683 4.14 1.55 26.73
C ALA A 683 2.78 1.56 25.99
N GLU A 684 2.35 2.74 25.54
CA GLU A 684 1.04 2.87 24.89
C GLU A 684 1.08 2.37 23.42
N ASP A 685 2.24 1.89 22.96
CA ASP A 685 2.39 1.33 21.60
C ASP A 685 2.21 -0.16 21.66
N PRO A 686 1.14 -0.68 21.02
CA PRO A 686 0.88 -2.14 21.14
C PRO A 686 1.85 -3.00 20.35
N ALA A 687 2.56 -2.42 19.40
CA ALA A 687 3.61 -3.14 18.67
C ALA A 687 4.91 -3.29 19.50
N TYR A 688 5.00 -2.64 20.66
CA TYR A 688 6.26 -2.63 21.40
C TYR A 688 6.36 -3.80 22.33
N ARG A 689 7.56 -4.37 22.42
CA ARG A 689 7.84 -5.47 23.32
C ARG A 689 8.90 -5.00 24.37
N PRO A 690 8.62 -5.09 25.69
CA PRO A 690 9.60 -4.48 26.63
C PRO A 690 10.95 -5.20 26.66
N MET A 691 12.04 -4.45 26.86
CA MET A 691 13.38 -5.01 27.03
C MET A 691 13.58 -5.61 28.42
N ALA A 692 13.09 -4.93 29.45
CA ALA A 692 13.19 -5.43 30.81
C ALA A 692 12.13 -6.46 31.07
N PRO A 693 12.37 -7.39 32.02
CA PRO A 693 13.58 -7.53 32.85
C PRO A 693 14.64 -8.49 32.23
N ASN A 694 14.32 -9.10 31.09
CA ASN A 694 15.18 -10.14 30.53
C ASN A 694 16.19 -9.58 29.52
N PHE A 695 17.05 -8.70 30.04
CA PHE A 695 17.88 -7.83 29.18
C PHE A 695 18.67 -8.69 28.21
N ASP A 696 19.24 -9.80 28.69
CA ASP A 696 20.11 -10.66 27.85
C ASP A 696 19.34 -11.51 26.84
N ASP A 697 18.02 -11.58 26.98
CA ASP A 697 17.17 -12.19 25.97
C ASP A 697 16.70 -11.18 24.92
N SER A 698 16.96 -9.90 25.11
CA SER A 698 16.57 -8.87 24.11
C SER A 698 17.67 -8.60 23.08
N ILE A 699 17.38 -8.85 21.80
CA ILE A 699 18.38 -8.61 20.77
C ILE A 699 18.66 -7.09 20.67
N ALA A 700 17.62 -6.29 20.87
CA ALA A 700 17.74 -4.85 20.89
C ALA A 700 18.72 -4.43 21.98
N PHE A 701 18.49 -4.91 23.21
CA PHE A 701 19.36 -4.55 24.29
C PHE A 701 20.80 -4.94 23.97
N LEU A 702 21.02 -6.16 23.48
CA LEU A 702 22.38 -6.67 23.21
C LEU A 702 23.04 -5.84 22.11
N ALA A 703 22.21 -5.38 21.17
CA ALA A 703 22.65 -4.51 20.08
C ALA A 703 23.14 -3.18 20.66
N ALA A 704 22.38 -2.58 21.60
CA ALA A 704 22.86 -1.33 22.23
C ALA A 704 24.15 -1.54 23.01
N GLN A 705 24.22 -2.62 23.79
CA GLN A 705 25.42 -2.98 24.53
C GLN A 705 26.60 -3.18 23.60
N GLU A 706 26.41 -3.92 22.52
CA GLU A 706 27.52 -4.20 21.60
C GLU A 706 28.02 -2.94 20.89
N LEU A 707 27.12 -2.01 20.58
CA LEU A 707 27.54 -0.72 19.97
C LEU A 707 28.53 0.05 20.83
N ILE A 708 28.40 -0.05 22.18
CA ILE A 708 29.24 0.70 23.08
C ILE A 708 30.50 -0.12 23.40
N LEU A 709 30.31 -1.33 23.91
CA LEU A 709 31.44 -2.20 24.31
C LEU A 709 32.38 -2.59 23.16
N SER A 710 31.85 -2.69 21.93
CA SER A 710 32.68 -2.93 20.73
C SER A 710 32.85 -1.68 19.89
N GLY A 711 32.31 -0.57 20.34
CA GLY A 711 32.35 0.64 19.53
C GLY A 711 33.72 1.06 19.01
N ALA A 712 34.77 0.83 19.83
CA ALA A 712 36.12 1.20 19.48
C ALA A 712 36.61 0.38 18.29
N GLN A 713 36.01 -0.79 18.05
CA GLN A 713 36.45 -1.65 16.95
C GLN A 713 35.64 -1.45 15.69
N GLN A 714 34.63 -0.57 15.67
CA GLN A 714 33.84 -0.42 14.43
C GLN A 714 34.55 0.50 13.49
N PRO A 715 34.54 0.18 12.20
CA PRO A 715 35.31 1.03 11.29
C PRO A 715 34.80 2.47 11.30
N ASN A 716 35.68 3.40 11.64
CA ASN A 716 35.34 4.83 11.80
C ASN A 716 34.15 5.09 12.68
N GLY A 717 33.89 4.15 13.57
CA GLY A 717 32.77 4.26 14.47
C GLY A 717 31.42 3.97 13.87
N TYR A 718 31.37 3.41 12.67
CA TYR A 718 30.08 3.18 11.99
C TYR A 718 29.23 2.10 12.64
N THR A 719 27.92 2.40 12.69
CA THR A 719 26.93 1.58 13.43
C THR A 719 26.29 0.46 12.60
N GLU A 720 26.43 0.54 11.27
CA GLU A 720 25.77 -0.39 10.40
C GLU A 720 26.16 -1.86 10.58
N PRO A 721 27.46 -2.15 10.66
CA PRO A 721 27.78 -3.57 10.76
C PRO A 721 27.02 -4.24 11.94
N ILE A 722 27.10 -3.64 13.12
CA ILE A 722 26.35 -4.17 14.28
C ILE A 722 24.83 -4.12 14.08
N LEU A 723 24.31 -2.99 13.61
CA LEU A 723 22.86 -2.81 13.51
C LEU A 723 22.24 -3.71 12.43
N HIS A 724 22.93 -3.83 11.29
CA HIS A 724 22.42 -4.66 10.18
C HIS A 724 22.38 -6.10 10.65
N ARG A 725 23.49 -6.55 11.23
CA ARG A 725 23.59 -7.90 11.84
C ARG A 725 22.45 -8.18 12.83
N ARG A 726 22.20 -7.22 13.71
CA ARG A 726 21.21 -7.43 14.75
C ARG A 726 19.77 -7.38 14.25
N ARG A 727 19.48 -6.45 13.33
CA ARG A 727 18.17 -6.48 12.65
C ARG A 727 17.93 -7.80 11.91
N ARG A 728 18.90 -8.28 11.15
CA ARG A 728 18.71 -9.56 10.47
C ARG A 728 18.42 -10.69 11.50
N GLU A 729 19.17 -10.70 12.61
CA GLU A 729 18.99 -11.68 13.67
C GLU A 729 17.56 -11.61 14.19
N PHE A 730 17.01 -10.40 14.39
CA PHE A 730 15.67 -10.27 14.90
C PHE A 730 14.67 -10.83 13.88
N LYS A 731 14.81 -10.45 12.60
CA LYS A 731 13.95 -10.95 11.55
C LYS A 731 13.95 -12.47 11.48
N ALA A 732 15.13 -13.11 11.58
CA ALA A 732 15.25 -14.58 11.51
C ALA A 732 14.78 -15.27 12.85
N GLN A 733 14.59 -14.50 13.91
CA GLN A 733 14.04 -15.03 15.16
C GLN A 733 12.53 -15.05 15.05
N ASP B 7 -13.67 20.50 -5.06
CA ASP B 7 -13.61 21.47 -6.21
C ASP B 7 -13.74 20.73 -7.55
N ARG B 8 -14.97 20.53 -8.02
CA ARG B 8 -15.22 19.67 -9.17
C ARG B 8 -14.68 20.25 -10.47
N VAL B 9 -14.36 19.38 -11.41
CA VAL B 9 -13.87 19.78 -12.71
C VAL B 9 -15.03 19.68 -13.70
N SER B 10 -15.33 20.76 -14.40
CA SER B 10 -16.34 20.75 -15.45
C SER B 10 -15.88 20.08 -16.75
N ALA B 11 -16.62 19.08 -17.19
CA ALA B 11 -16.48 18.44 -18.51
C ALA B 11 -17.85 18.45 -19.18
N GLY B 12 -18.10 19.41 -20.07
CA GLY B 12 -19.45 19.65 -20.58
C GLY B 12 -20.40 19.81 -19.41
N ASN B 13 -21.51 19.10 -19.46
CA ASN B 13 -22.51 19.15 -18.41
C ASN B 13 -22.17 18.30 -17.14
N LEU B 14 -20.99 17.67 -17.10
CA LEU B 14 -20.56 16.89 -15.93
C LEU B 14 -19.78 17.77 -14.96
N ARG B 15 -19.97 17.56 -13.67
CA ARG B 15 -19.18 18.25 -12.69
C ARG B 15 -18.55 17.15 -11.89
N VAL B 16 -17.32 16.83 -12.28
CA VAL B 16 -16.61 15.63 -11.81
C VAL B 16 -15.76 15.92 -10.60
N ALA B 17 -15.90 15.16 -9.51
CA ALA B 17 -15.00 15.30 -8.35
C ALA B 17 -13.54 15.23 -8.81
N ARG B 18 -12.77 16.13 -8.28
CA ARG B 18 -11.40 16.28 -8.66
C ARG B 18 -10.61 15.01 -8.41
N VAL B 19 -10.90 14.29 -7.33
CA VAL B 19 -10.14 13.10 -7.01
C VAL B 19 -10.38 12.02 -8.07
N LEU B 20 -11.58 11.99 -8.62
CA LEU B 20 -11.88 11.12 -9.73
C LEU B 20 -11.29 11.59 -11.03
N TYR B 21 -11.53 12.84 -11.36
CA TYR B 21 -11.01 13.41 -12.57
C TYR B 21 -9.49 13.21 -12.71
N ASP B 22 -8.77 13.52 -11.63
CA ASP B 22 -7.30 13.38 -11.65
C ASP B 22 -6.90 11.91 -11.77
N PHE B 23 -7.58 11.02 -11.04
CA PHE B 23 -7.25 9.62 -11.14
C PHE B 23 -7.39 9.09 -12.59
N VAL B 24 -8.45 9.51 -13.26
CA VAL B 24 -8.70 9.07 -14.62
C VAL B 24 -7.58 9.58 -15.56
N ASN B 25 -7.33 10.87 -15.54
CA ASN B 25 -6.40 11.48 -16.46
C ASN B 25 -4.94 11.12 -16.13
N ASN B 26 -4.59 11.12 -14.83
CA ASN B 26 -3.19 10.87 -14.43
C ASN B 26 -2.79 9.42 -14.47
N GLU B 27 -3.72 8.52 -14.12
CA GLU B 27 -3.35 7.10 -13.89
C GLU B 27 -4.08 6.12 -14.80
N ALA B 28 -5.36 6.33 -15.12
CA ALA B 28 -6.09 5.32 -15.92
C ALA B 28 -5.91 5.49 -17.46
N LEU B 29 -6.05 6.71 -17.98
CA LEU B 29 -6.02 6.92 -19.45
C LEU B 29 -4.65 6.66 -20.08
N PRO B 30 -3.53 7.10 -19.45
CA PRO B 30 -2.32 6.91 -20.24
C PRO B 30 -2.01 5.45 -20.55
N GLY B 31 -1.75 5.15 -21.81
CA GLY B 31 -1.51 3.79 -22.30
C GLY B 31 -2.76 3.11 -22.89
N THR B 32 -3.90 3.78 -22.83
CA THR B 32 -5.12 3.22 -23.44
C THR B 32 -5.35 3.69 -24.84
N ASP B 33 -4.60 4.71 -25.26
CA ASP B 33 -4.73 5.30 -26.59
C ASP B 33 -6.04 6.08 -26.71
N ILE B 34 -6.74 6.32 -25.61
CA ILE B 34 -7.97 7.11 -25.72
C ILE B 34 -7.60 8.59 -25.54
N ASN B 35 -8.10 9.44 -26.42
CA ASN B 35 -7.85 10.86 -26.27
C ASN B 35 -8.64 11.36 -25.05
N PRO B 36 -7.98 12.03 -24.12
CA PRO B 36 -8.72 12.31 -22.86
C PRO B 36 -9.91 13.27 -23.04
N ASN B 37 -9.85 14.16 -24.02
CA ASN B 37 -11.00 15.02 -24.32
C ASN B 37 -12.19 14.22 -24.81
N SER B 38 -11.90 13.37 -25.78
CA SER B 38 -12.89 12.54 -26.41
C SER B 38 -13.44 11.61 -25.39
N PHE B 39 -12.61 11.23 -24.42
CA PHE B 39 -13.07 10.38 -23.36
C PHE B 39 -14.16 11.07 -22.56
N TRP B 40 -13.88 12.24 -22.00
CA TRP B 40 -14.91 12.95 -21.24
C TRP B 40 -16.11 13.37 -22.00
N SER B 41 -15.93 13.77 -23.23
CA SER B 41 -17.07 14.00 -24.16
C SER B 41 -17.94 12.80 -24.35
N GLY B 42 -17.31 11.67 -24.63
CA GLY B 42 -18.05 10.43 -24.83
C GLY B 42 -18.80 9.98 -23.59
N VAL B 43 -18.17 10.11 -22.43
CA VAL B 43 -18.80 9.79 -21.16
C VAL B 43 -20.04 10.66 -20.92
N ALA B 44 -19.91 11.97 -21.13
CA ALA B 44 -21.03 12.93 -20.96
C ALA B 44 -22.20 12.51 -21.82
N LYS B 45 -21.88 12.07 -23.03
CA LYS B 45 -22.89 11.72 -23.99
C LYS B 45 -23.57 10.43 -23.59
N VAL B 46 -22.82 9.43 -23.10
CA VAL B 46 -23.45 8.20 -22.66
C VAL B 46 -24.45 8.48 -21.49
N VAL B 47 -24.01 9.26 -20.51
CA VAL B 47 -24.83 9.64 -19.35
C VAL B 47 -26.10 10.39 -19.83
N ALA B 48 -25.94 11.29 -20.78
CA ALA B 48 -27.09 12.03 -21.32
C ALA B 48 -28.05 11.07 -22.01
N ASP B 49 -27.53 10.16 -22.85
CA ASP B 49 -28.41 9.26 -23.61
C ASP B 49 -29.09 8.21 -22.77
N LEU B 50 -28.38 7.66 -21.78
CA LEU B 50 -28.85 6.47 -21.08
C LEU B 50 -29.54 6.69 -19.76
N THR B 51 -29.37 7.87 -19.17
CA THR B 51 -29.99 8.21 -17.88
C THR B 51 -31.53 8.13 -17.82
N PRO B 52 -32.28 8.63 -18.82
CA PRO B 52 -33.77 8.53 -18.78
C PRO B 52 -34.30 7.09 -18.84
N GLN B 53 -33.71 6.27 -19.69
CA GLN B 53 -33.95 4.83 -19.76
CA GLN B 53 -34.06 4.85 -19.71
C GLN B 53 -33.73 4.18 -18.36
N ASN B 54 -32.57 4.50 -17.79
CA ASN B 54 -32.18 3.90 -16.50
C ASN B 54 -33.29 4.26 -15.49
N GLN B 55 -33.68 5.53 -15.43
CA GLN B 55 -34.77 5.97 -14.56
C GLN B 55 -36.12 5.34 -14.95
N SER B 56 -36.49 5.23 -16.21
CA SER B 56 -37.77 4.56 -16.53
C SER B 56 -37.80 3.12 -15.98
N LEU B 57 -36.69 2.40 -16.11
CA LEU B 57 -36.62 1.01 -15.65
C LEU B 57 -36.78 1.04 -14.14
N LEU B 58 -36.11 1.95 -13.46
CA LEU B 58 -36.33 2.05 -12.00
C LEU B 58 -37.83 2.39 -11.69
N ASN B 59 -38.40 3.32 -12.44
CA ASN B 59 -39.82 3.66 -12.25
C ASN B 59 -40.70 2.44 -12.41
N SER B 60 -40.46 1.64 -13.46
CA SER B 60 -41.25 0.41 -13.67
C SER B 60 -41.18 -0.62 -12.56
N ARG B 61 -40.01 -0.74 -11.94
CA ARG B 61 -39.91 -1.58 -10.75
C ARG B 61 -40.98 -1.16 -9.74
N ASP B 62 -41.00 0.12 -9.41
CA ASP B 62 -41.88 0.63 -8.36
C ASP B 62 -43.35 0.44 -8.71
N GLU B 63 -43.70 0.72 -9.97
CA GLU B 63 -45.07 0.63 -10.50
C GLU B 63 -45.58 -0.82 -10.43
N LEU B 64 -44.72 -1.75 -10.81
CA LEU B 64 -45.06 -3.17 -10.70
C LEU B 64 -45.29 -3.55 -9.25
N GLN B 65 -44.40 -3.12 -8.36
CA GLN B 65 -44.52 -3.50 -6.96
C GLN B 65 -45.73 -2.84 -6.30
N ALA B 66 -46.03 -1.60 -6.67
CA ALA B 66 -47.28 -0.97 -6.24
C ALA B 66 -48.47 -1.86 -6.64
N GLN B 67 -48.51 -2.31 -7.90
CA GLN B 67 -49.68 -3.08 -8.41
C GLN B 67 -49.85 -4.41 -7.65
N ILE B 68 -48.71 -5.08 -7.46
CA ILE B 68 -48.68 -6.32 -6.69
C ILE B 68 -49.12 -6.12 -5.23
N ASP B 69 -48.62 -5.09 -4.58
CA ASP B 69 -49.08 -4.73 -3.23
C ASP B 69 -50.62 -4.56 -3.15
N LYS B 70 -51.20 -3.78 -4.08
CA LYS B 70 -52.64 -3.55 -4.11
C LYS B 70 -53.41 -4.86 -4.38
N TRP B 71 -52.94 -5.65 -5.34
CA TRP B 71 -53.55 -6.95 -5.61
C TRP B 71 -53.65 -7.84 -4.41
N HIS B 72 -52.62 -7.93 -3.56
CA HIS B 72 -52.72 -8.82 -2.38
C HIS B 72 -53.57 -8.24 -1.29
N ARG B 73 -53.59 -6.91 -1.18
CA ARG B 73 -54.42 -6.22 -0.19
C ARG B 73 -55.90 -6.52 -0.40
N HIS B 74 -56.35 -6.38 -1.65
CA HIS B 74 -57.70 -6.73 -2.06
C HIS B 74 -58.03 -8.22 -1.92
N ARG B 75 -57.03 -9.09 -1.91
CA ARG B 75 -57.26 -10.54 -1.78
C ARG B 75 -56.67 -11.08 -0.47
N VAL B 76 -56.92 -10.36 0.62
CA VAL B 76 -56.33 -10.69 1.92
C VAL B 76 -56.96 -11.96 2.53
N ILE B 77 -58.30 -12.02 2.56
CA ILE B 77 -59.05 -13.04 3.31
C ILE B 77 -59.27 -14.38 2.62
N GLU B 78 -59.15 -14.42 1.30
CA GLU B 78 -59.31 -15.66 0.53
C GLU B 78 -58.00 -16.44 0.57
N PRO B 79 -58.07 -17.76 0.31
CA PRO B 79 -56.81 -18.47 0.04
C PRO B 79 -56.28 -18.10 -1.34
N PHE B 80 -54.97 -18.17 -1.48
CA PHE B 80 -54.27 -17.75 -2.67
C PHE B 80 -54.76 -18.40 -3.98
N ASP B 81 -55.25 -17.61 -4.94
CA ASP B 81 -55.60 -18.16 -6.27
C ASP B 81 -54.40 -18.15 -7.21
N VAL B 82 -53.85 -19.34 -7.46
CA VAL B 82 -52.61 -19.53 -8.20
C VAL B 82 -52.73 -19.05 -9.65
N ASP B 83 -53.87 -19.33 -10.29
CA ASP B 83 -54.07 -19.01 -11.69
C ASP B 83 -54.44 -17.54 -11.94
N ALA B 84 -55.25 -16.99 -11.05
CA ALA B 84 -55.60 -15.56 -11.06
C ALA B 84 -54.36 -14.67 -10.83
N TYR B 85 -53.51 -15.11 -9.91
CA TYR B 85 -52.27 -14.42 -9.62
C TYR B 85 -51.35 -14.39 -10.87
N ARG B 86 -51.24 -15.53 -11.51
CA ARG B 86 -50.36 -15.72 -12.63
C ARG B 86 -50.83 -14.87 -13.79
N GLN B 87 -52.13 -14.88 -14.06
CA GLN B 87 -52.70 -14.05 -15.12
C GLN B 87 -52.50 -12.58 -14.78
N PHE B 88 -52.55 -12.25 -13.49
CA PHE B 88 -52.30 -10.89 -13.07
C PHE B 88 -50.86 -10.43 -13.42
N LEU B 89 -49.88 -11.23 -13.05
CA LEU B 89 -48.51 -10.91 -13.40
C LEU B 89 -48.33 -10.78 -14.93
N ILE B 90 -49.04 -11.59 -15.71
CA ILE B 90 -49.00 -11.46 -17.15
C ILE B 90 -49.65 -10.15 -17.60
N ASP B 91 -50.82 -9.82 -17.07
CA ASP B 91 -51.51 -8.57 -17.48
C ASP B 91 -50.71 -7.30 -17.22
N ILE B 92 -49.99 -7.24 -16.12
CA ILE B 92 -49.18 -6.04 -15.77
C ILE B 92 -47.77 -6.02 -16.38
N GLY B 93 -47.38 -7.09 -17.10
CA GLY B 93 -46.08 -7.18 -17.76
C GLY B 93 -44.87 -7.63 -16.93
N TYR B 94 -45.14 -8.16 -15.75
CA TYR B 94 -44.15 -8.78 -14.89
C TYR B 94 -43.73 -10.15 -15.46
N LEU B 95 -44.72 -10.98 -15.83
CA LEU B 95 -44.45 -12.30 -16.38
C LEU B 95 -44.63 -12.17 -17.89
N LEU B 96 -43.51 -12.23 -18.61
CA LEU B 96 -43.48 -12.09 -20.06
C LEU B 96 -43.37 -13.42 -20.77
N PRO B 97 -43.69 -13.43 -22.07
CA PRO B 97 -43.62 -14.69 -22.78
C PRO B 97 -42.21 -15.31 -22.80
N GLU B 98 -42.18 -16.62 -22.82
CA GLU B 98 -40.94 -17.32 -22.91
C GLU B 98 -40.56 -17.44 -24.40
N PRO B 99 -39.35 -16.97 -24.79
CA PRO B 99 -38.94 -17.01 -26.18
C PRO B 99 -38.63 -18.40 -26.63
N ASP B 100 -38.53 -18.56 -27.94
CA ASP B 100 -38.17 -19.84 -28.50
C ASP B 100 -36.75 -20.19 -28.14
N ASP B 101 -36.48 -21.49 -28.07
CA ASP B 101 -35.15 -21.99 -27.82
C ASP B 101 -34.11 -21.27 -28.66
N PHE B 102 -32.99 -20.98 -28.02
CA PHE B 102 -31.88 -20.35 -28.67
C PHE B 102 -30.62 -20.84 -27.99
N THR B 103 -29.48 -20.62 -28.63
CA THR B 103 -28.19 -20.92 -28.10
C THR B 103 -27.40 -19.63 -28.07
N ILE B 104 -26.71 -19.38 -26.96
CA ILE B 104 -25.88 -18.20 -26.85
C ILE B 104 -24.75 -18.23 -27.89
N SER B 105 -24.26 -17.06 -28.26
CA SER B 105 -23.17 -16.97 -29.26
C SER B 105 -21.87 -16.31 -28.75
N THR B 106 -21.76 -16.14 -27.45
CA THR B 106 -20.66 -15.47 -26.83
C THR B 106 -19.39 -16.10 -27.29
N SER B 107 -18.46 -15.27 -27.77
CA SER B 107 -17.19 -15.75 -28.22
C SER B 107 -16.03 -14.85 -27.72
N GLY B 108 -14.80 -15.30 -27.92
CA GLY B 108 -13.65 -14.57 -27.37
C GLY B 108 -13.50 -14.75 -25.87
N VAL B 109 -13.99 -15.88 -25.37
CA VAL B 109 -14.05 -16.14 -23.93
C VAL B 109 -12.87 -17.04 -23.52
N ASP B 110 -12.33 -16.80 -22.32
CA ASP B 110 -11.17 -17.58 -21.86
C ASP B 110 -11.53 -19.04 -21.42
N ASP B 111 -10.53 -19.89 -21.49
CA ASP B 111 -10.67 -21.28 -21.10
C ASP B 111 -11.18 -21.49 -19.65
N GLU B 112 -10.87 -20.56 -18.76
CA GLU B 112 -11.29 -20.70 -17.37
C GLU B 112 -12.82 -20.71 -17.29
N ILE B 113 -13.47 -20.05 -18.24
CA ILE B 113 -14.89 -19.95 -18.28
C ILE B 113 -15.49 -21.06 -19.15
N THR B 114 -14.92 -21.34 -20.32
CA THR B 114 -15.50 -22.26 -21.29
C THR B 114 -15.21 -23.72 -21.00
N MET B 115 -14.00 -24.00 -20.51
CA MET B 115 -13.50 -25.37 -20.46
C MET B 115 -13.21 -25.87 -19.08
N THR B 116 -13.53 -25.10 -18.06
CA THR B 116 -13.06 -25.48 -16.72
C THR B 116 -14.17 -25.37 -15.72
N ALA B 117 -14.31 -26.37 -14.87
CA ALA B 117 -15.17 -26.25 -13.69
C ALA B 117 -14.29 -26.18 -12.47
N GLY B 118 -14.60 -25.19 -11.63
CA GLY B 118 -13.94 -25.02 -10.39
C GLY B 118 -14.43 -23.79 -9.64
N PRO B 119 -13.81 -23.54 -8.48
CA PRO B 119 -14.25 -22.47 -7.58
C PRO B 119 -14.12 -21.08 -8.19
N GLN B 120 -14.93 -20.16 -7.70
CA GLN B 120 -14.87 -18.76 -8.09
C GLN B 120 -14.92 -17.96 -6.80
N LEU B 121 -13.90 -17.18 -6.54
CA LEU B 121 -13.77 -16.47 -5.27
C LEU B 121 -14.35 -15.08 -5.52
N VAL B 122 -14.88 -14.45 -4.48
CA VAL B 122 -15.35 -13.07 -4.52
C VAL B 122 -14.60 -12.32 -3.42
N VAL B 123 -14.18 -11.08 -3.69
CA VAL B 123 -13.35 -10.36 -2.74
C VAL B 123 -13.62 -8.88 -2.81
N PRO B 124 -13.64 -8.18 -1.66
CA PRO B 124 -13.89 -6.72 -1.79
C PRO B 124 -12.70 -5.99 -2.45
N VAL B 125 -12.97 -5.23 -3.52
CA VAL B 125 -11.90 -4.65 -4.31
C VAL B 125 -11.19 -3.53 -3.61
N LEU B 126 -11.88 -2.96 -2.63
CA LEU B 126 -11.33 -1.90 -1.81
C LEU B 126 -10.24 -2.34 -0.85
N ASN B 127 -10.06 -3.64 -0.61
CA ASN B 127 -8.99 -4.10 0.31
C ASN B 127 -7.86 -4.68 -0.52
N ALA B 128 -6.80 -3.91 -0.75
CA ALA B 128 -5.75 -4.30 -1.69
C ALA B 128 -5.05 -5.61 -1.30
N ARG B 129 -4.86 -5.81 -0.02
CA ARG B 129 -4.21 -7.04 0.49
C ARG B 129 -5.07 -8.27 0.19
N PHE B 130 -6.36 -8.18 0.50
CA PHE B 130 -7.32 -9.23 0.11
C PHE B 130 -7.42 -9.43 -1.42
N ALA B 131 -7.51 -8.32 -2.15
CA ALA B 131 -7.54 -8.37 -3.61
C ALA B 131 -6.37 -9.18 -4.13
N LEU B 132 -5.16 -8.83 -3.66
CA LEU B 132 -3.93 -9.49 -4.12
C LEU B 132 -3.94 -10.95 -3.76
N ASN B 133 -4.31 -11.27 -2.52
CA ASN B 133 -4.35 -12.66 -2.10
C ASN B 133 -5.34 -13.44 -2.99
N ALA B 134 -6.43 -12.80 -3.38
CA ALA B 134 -7.48 -13.48 -4.18
C ALA B 134 -7.00 -13.74 -5.61
N ALA B 135 -6.37 -12.74 -6.24
CA ALA B 135 -5.77 -12.92 -7.57
C ALA B 135 -4.72 -14.00 -7.54
N ASN B 136 -4.02 -14.13 -6.42
CA ASN B 136 -2.97 -15.16 -6.31
C ASN B 136 -3.48 -16.52 -5.91
N ALA B 137 -4.79 -16.60 -5.68
CA ALA B 137 -5.43 -17.79 -5.12
C ALA B 137 -5.67 -18.86 -6.20
N ARG B 138 -5.33 -18.53 -7.43
CA ARG B 138 -5.31 -19.51 -8.51
C ARG B 138 -4.61 -20.80 -8.14
N TRP B 139 -3.56 -20.69 -7.32
CA TRP B 139 -2.80 -21.84 -6.78
C TRP B 139 -2.75 -21.76 -5.27
N GLY B 140 -3.00 -22.87 -4.58
CA GLY B 140 -3.01 -22.85 -3.11
C GLY B 140 -2.51 -24.17 -2.56
N SER B 141 -1.83 -24.11 -1.44
CA SER B 141 -1.29 -25.28 -0.81
C SER B 141 -2.40 -26.12 -0.18
N LEU B 142 -2.51 -27.36 -0.59
CA LEU B 142 -3.48 -28.23 0.07
C LEU B 142 -3.05 -28.57 1.50
N TYR B 143 -1.74 -28.72 1.75
CA TYR B 143 -1.25 -28.96 3.11
C TYR B 143 -1.65 -27.81 4.04
N ASP B 144 -1.39 -26.56 3.64
CA ASP B 144 -1.72 -25.45 4.52
C ASP B 144 -3.19 -25.36 4.74
N ALA B 145 -3.98 -25.55 3.68
CA ALA B 145 -5.42 -25.51 3.82
C ALA B 145 -5.94 -26.57 4.80
N LEU B 146 -5.34 -27.76 4.76
CA LEU B 146 -5.80 -28.87 5.60
C LEU B 146 -5.29 -28.64 7.04
N TYR B 147 -4.02 -28.36 7.19
CA TYR B 147 -3.43 -28.09 8.49
C TYR B 147 -4.19 -26.95 9.17
N GLY B 148 -4.40 -25.86 8.45
CA GLY B 148 -4.92 -24.65 9.07
C GLY B 148 -6.40 -24.55 9.40
N THR B 149 -7.19 -25.55 9.01
CA THR B 149 -8.65 -25.50 9.19
C THR B 149 -9.13 -26.73 9.95
N ASP B 150 -10.44 -26.80 10.26
CA ASP B 150 -10.98 -27.96 10.98
C ASP B 150 -11.23 -29.13 10.06
N THR B 151 -10.91 -29.03 8.77
CA THR B 151 -11.05 -30.15 7.84
C THR B 151 -10.30 -31.37 8.32
N ILE B 152 -9.20 -31.17 9.02
CA ILE B 152 -8.56 -32.22 9.78
C ILE B 152 -8.92 -31.98 11.27
N PRO B 153 -9.60 -32.94 11.91
CA PRO B 153 -10.05 -32.67 13.28
C PRO B 153 -8.89 -32.48 14.26
N GLU B 154 -9.07 -31.59 15.23
CA GLU B 154 -8.05 -31.37 16.27
C GLU B 154 -8.12 -32.35 17.43
N THR B 155 -8.50 -33.59 17.15
CA THR B 155 -8.51 -34.64 18.19
C THR B 155 -7.41 -35.65 17.99
N GLU B 156 -7.21 -36.45 19.05
CA GLU B 156 -6.25 -37.56 19.08
C GLU B 156 -4.82 -37.02 19.05
N GLY B 157 -4.57 -35.97 19.83
CA GLY B 157 -3.27 -35.30 19.86
C GLY B 157 -2.89 -34.55 18.59
N ALA B 158 -3.88 -34.23 17.76
CA ALA B 158 -3.63 -33.59 16.45
C ALA B 158 -3.93 -32.08 16.47
N GLU B 159 -3.72 -31.44 17.62
CA GLU B 159 -4.12 -30.06 17.83
C GLU B 159 -3.17 -29.12 17.10
N LYS B 160 -3.69 -27.97 16.67
CA LYS B 160 -2.86 -26.85 16.23
C LYS B 160 -2.19 -26.26 17.48
N GLY B 161 -1.09 -25.52 17.30
CA GLY B 161 -0.41 -24.93 18.45
C GLY B 161 0.73 -23.98 18.16
N SER B 162 1.45 -23.64 19.23
CA SER B 162 2.60 -22.73 19.19
C SER B 162 3.59 -23.20 18.14
N GLU B 163 3.82 -24.51 18.12
CA GLU B 163 4.77 -25.12 17.18
C GLU B 163 4.03 -26.03 16.20
N TYR B 164 4.64 -26.26 15.05
CA TYR B 164 4.20 -27.30 14.13
C TYR B 164 4.02 -28.62 14.89
N ASN B 165 2.89 -29.30 14.65
CA ASN B 165 2.59 -30.59 15.31
C ASN B 165 2.62 -31.75 14.33
N LYS B 166 3.68 -32.55 14.42
CA LYS B 166 3.91 -33.74 13.60
C LYS B 166 2.70 -34.65 13.44
N ILE B 167 1.97 -34.86 14.54
CA ILE B 167 0.81 -35.77 14.49
C ILE B 167 -0.25 -35.22 13.55
N ARG B 168 -0.44 -33.90 13.57
CA ARG B 168 -1.43 -33.27 12.74
C ARG B 168 -0.94 -33.27 11.31
N GLY B 169 0.34 -33.05 11.15
CA GLY B 169 0.96 -33.05 9.84
C GLY B 169 0.78 -34.38 9.17
N ASP B 170 1.05 -35.48 9.87
CA ASP B 170 0.83 -36.83 9.26
C ASP B 170 -0.63 -37.07 8.90
N LYS B 171 -1.55 -36.50 9.66
CA LYS B 171 -2.98 -36.55 9.32
C LYS B 171 -3.23 -35.83 7.97
N VAL B 172 -2.63 -34.64 7.82
CA VAL B 172 -2.69 -33.86 6.58
C VAL B 172 -2.11 -34.64 5.42
N ILE B 173 -0.91 -35.18 5.62
CA ILE B 173 -0.27 -35.98 4.59
C ILE B 173 -1.16 -37.15 4.10
N ALA B 174 -1.77 -37.90 5.02
CA ALA B 174 -2.57 -39.06 4.66
C ALA B 174 -3.87 -38.62 3.98
N TYR B 175 -4.41 -37.48 4.40
CA TYR B 175 -5.60 -36.94 3.74
C TYR B 175 -5.30 -36.66 2.27
N ALA B 176 -4.18 -36.00 2.04
CA ALA B 176 -3.76 -35.66 0.69
C ALA B 176 -3.44 -36.90 -0.16
N ARG B 177 -2.83 -37.95 0.42
CA ARG B 177 -2.62 -39.20 -0.32
C ARG B 177 -3.95 -39.80 -0.79
N LYS B 178 -4.93 -39.81 0.11
CA LYS B 178 -6.28 -40.25 -0.21
C LYS B 178 -6.79 -39.46 -1.44
N PHE B 179 -6.65 -38.14 -1.37
CA PHE B 179 -7.02 -37.29 -2.47
C PHE B 179 -6.26 -37.66 -3.78
N MET B 180 -4.98 -37.99 -3.71
CA MET B 180 -4.27 -38.33 -4.96
C MET B 180 -4.76 -39.66 -5.51
N ASP B 181 -5.05 -40.60 -4.60
CA ASP B 181 -5.60 -41.91 -4.94
C ASP B 181 -6.94 -41.74 -5.63
N GLN B 182 -7.62 -40.65 -5.34
CA GLN B 182 -8.90 -40.38 -5.99
C GLN B 182 -8.73 -39.72 -7.34
N ALA B 183 -7.97 -38.62 -7.42
CA ALA B 183 -7.92 -37.80 -8.63
C ALA B 183 -6.88 -38.25 -9.66
N VAL B 184 -5.79 -38.81 -9.17
CA VAL B 184 -4.63 -39.15 -10.01
C VAL B 184 -4.08 -40.52 -9.58
N PRO B 185 -4.95 -41.56 -9.61
CA PRO B 185 -4.64 -42.86 -9.06
C PRO B 185 -3.44 -43.51 -9.75
N LEU B 186 -2.69 -44.30 -8.98
CA LEU B 186 -1.67 -45.18 -9.57
C LEU B 186 -2.40 -46.35 -10.27
N ALA B 187 -1.71 -46.98 -11.23
CA ALA B 187 -2.32 -48.07 -12.01
C ALA B 187 -2.79 -49.22 -11.12
N SER B 188 -1.94 -49.74 -10.25
CA SER B 188 -2.35 -50.94 -9.48
C SER B 188 -2.08 -50.83 -7.98
N ASP B 189 -1.96 -49.62 -7.46
CA ASP B 189 -1.58 -49.45 -6.07
C ASP B 189 -2.02 -48.08 -5.55
N SER B 190 -1.68 -47.82 -4.29
CA SER B 190 -1.97 -46.56 -3.62
C SER B 190 -0.71 -45.71 -3.51
N TRP B 191 -0.89 -44.40 -3.66
CA TRP B 191 0.16 -43.43 -3.29
C TRP B 191 0.66 -43.54 -1.87
N THR B 192 -0.09 -44.12 -0.98
CA THR B 192 0.47 -44.39 0.37
C THR B 192 1.73 -45.28 0.35
N ASN B 193 1.79 -46.22 -0.58
CA ASN B 193 2.93 -47.16 -0.63
C ASN B 193 4.03 -46.70 -1.59
N ALA B 194 3.89 -45.48 -2.13
CA ALA B 194 4.92 -44.93 -3.04
C ALA B 194 6.21 -44.55 -2.29
N THR B 195 7.36 -44.76 -2.93
CA THR B 195 8.65 -44.51 -2.32
C THR B 195 9.54 -43.68 -3.22
N GLY B 196 8.95 -43.17 -4.29
CA GLY B 196 9.68 -42.37 -5.27
C GLY B 196 8.85 -42.05 -6.50
N VAL B 197 9.29 -41.02 -7.22
CA VAL B 197 8.66 -40.59 -8.46
C VAL B 197 9.75 -40.18 -9.41
N SER B 198 9.61 -40.43 -10.71
CA SER B 198 10.62 -40.01 -11.68
C SER B 198 10.04 -39.96 -13.10
N ILE B 199 10.83 -39.56 -14.07
CA ILE B 199 10.32 -39.41 -15.44
C ILE B 199 11.12 -40.39 -16.28
N PHE B 200 10.44 -41.21 -17.07
CA PHE B 200 11.11 -42.18 -17.96
C PHE B 200 10.35 -42.22 -19.29
N ASP B 201 11.03 -41.85 -20.37
CA ASP B 201 10.47 -41.95 -21.72
C ASP B 201 9.11 -41.23 -21.76
N GLY B 202 9.11 -39.96 -21.37
CA GLY B 202 7.94 -39.12 -21.51
C GLY B 202 6.82 -39.43 -20.53
N GLN B 203 7.08 -40.34 -19.59
CA GLN B 203 6.04 -40.85 -18.70
C GLN B 203 6.44 -40.70 -17.26
N LEU B 204 5.46 -40.49 -16.39
CA LEU B 204 5.70 -40.45 -14.96
C LEU B 204 5.81 -41.87 -14.40
N GLN B 205 6.93 -42.18 -13.74
CA GLN B 205 7.17 -43.51 -13.11
C GLN B 205 7.14 -43.33 -11.58
N ILE B 206 6.30 -44.11 -10.89
CA ILE B 206 6.22 -44.05 -9.42
C ILE B 206 6.84 -45.32 -8.82
N ALA B 207 7.79 -45.16 -7.91
CA ALA B 207 8.44 -46.34 -7.30
C ALA B 207 7.55 -46.86 -6.18
N ILE B 208 7.45 -48.19 -6.09
CA ILE B 208 6.89 -48.91 -4.97
C ILE B 208 8.00 -49.88 -4.52
N GLY B 209 8.89 -49.35 -3.68
CA GLY B 209 10.14 -50.00 -3.36
C GLY B 209 10.94 -50.18 -4.64
N THR B 210 11.36 -51.41 -4.91
CA THR B 210 12.15 -51.73 -6.09
C THR B 210 11.32 -52.12 -7.31
N ASN B 211 10.00 -52.06 -7.21
CA ASN B 211 9.13 -52.19 -8.37
C ASN B 211 8.66 -50.78 -8.72
N SER B 212 8.01 -50.61 -9.86
CA SER B 212 7.42 -49.29 -10.17
C SER B 212 6.10 -49.49 -10.83
N THR B 213 5.28 -48.45 -10.81
CA THR B 213 4.05 -48.45 -11.59
C THR B 213 3.90 -47.09 -12.29
N GLY B 214 2.89 -46.99 -13.14
CA GLY B 214 2.52 -45.74 -13.80
C GLY B 214 1.21 -45.23 -13.23
N LEU B 215 0.75 -44.08 -13.75
CA LEU B 215 -0.56 -43.56 -13.41
C LEU B 215 -1.61 -44.44 -14.11
N ALA B 216 -2.75 -44.66 -13.44
CA ALA B 216 -3.93 -45.30 -14.10
C ALA B 216 -4.25 -44.63 -15.44
N SER B 217 -4.11 -43.31 -15.50
CA SER B 217 -4.27 -42.52 -16.73
C SER B 217 -3.01 -41.68 -17.03
N PRO B 218 -2.08 -42.24 -17.82
CA PRO B 218 -0.76 -41.63 -18.06
C PRO B 218 -0.85 -40.21 -18.60
N GLU B 219 -1.92 -39.93 -19.33
CA GLU B 219 -2.19 -38.58 -19.87
C GLU B 219 -2.46 -37.52 -18.79
N LYS B 220 -2.70 -37.96 -17.53
CA LYS B 220 -2.82 -37.01 -16.42
C LYS B 220 -1.49 -36.28 -16.07
N PHE B 221 -0.36 -36.87 -16.50
CA PHE B 221 0.96 -36.26 -16.37
C PHE B 221 1.15 -35.19 -17.46
N VAL B 222 1.28 -33.95 -17.02
CA VAL B 222 1.27 -32.82 -17.92
C VAL B 222 2.61 -32.07 -18.01
N GLY B 223 3.43 -32.17 -16.97
CA GLY B 223 4.74 -31.56 -16.99
C GLY B 223 5.46 -31.65 -15.68
N TYR B 224 6.60 -30.97 -15.64
CA TYR B 224 7.39 -30.87 -14.45
C TYR B 224 8.31 -29.67 -14.54
N ASN B 225 8.93 -29.39 -13.41
CA ASN B 225 9.86 -28.31 -13.31
C ASN B 225 10.95 -28.76 -12.36
N ARG B 226 12.19 -28.70 -12.85
CA ARG B 226 13.38 -29.23 -12.15
C ARG B 226 14.54 -28.24 -12.30
N SER B 231 17.68 -30.18 -5.47
CA SER B 231 16.93 -31.12 -4.63
C SER B 231 15.39 -30.90 -4.75
N ASN B 232 14.98 -29.67 -5.03
CA ASN B 232 13.58 -29.23 -5.03
C ASN B 232 13.00 -29.21 -6.45
N TRP B 233 11.90 -29.93 -6.69
CA TRP B 233 11.32 -29.94 -8.02
C TRP B 233 9.88 -30.30 -7.95
N SER B 234 9.19 -30.29 -9.08
CA SER B 234 7.75 -30.50 -8.98
C SER B 234 7.16 -31.23 -10.19
N VAL B 235 6.10 -31.98 -9.94
CA VAL B 235 5.42 -32.73 -10.99
C VAL B 235 4.08 -32.08 -11.22
N LEU B 236 3.73 -31.84 -12.49
CA LEU B 236 2.44 -31.26 -12.83
C LEU B 236 1.42 -32.30 -13.39
N LEU B 237 0.28 -32.42 -12.71
CA LEU B 237 -0.79 -33.32 -13.08
C LEU B 237 -2.07 -32.55 -13.38
N ALA B 238 -3.00 -33.18 -14.09
CA ALA B 238 -4.32 -32.60 -14.38
C ALA B 238 -5.42 -33.70 -14.33
N ASN B 239 -6.55 -33.29 -13.78
CA ASN B 239 -7.72 -34.15 -13.65
C ASN B 239 -8.93 -33.23 -13.71
N HIS B 240 -9.93 -33.62 -14.50
CA HIS B 240 -11.10 -32.77 -14.75
C HIS B 240 -10.73 -31.36 -15.09
N GLY B 241 -9.68 -31.20 -15.92
CA GLY B 241 -9.28 -29.89 -16.44
C GLY B 241 -8.68 -28.97 -15.38
N LEU B 242 -8.37 -29.51 -14.19
CA LEU B 242 -7.70 -28.73 -13.14
C LEU B 242 -6.32 -29.30 -12.77
N HIS B 243 -5.35 -28.43 -12.55
CA HIS B 243 -4.01 -28.89 -12.19
C HIS B 243 -3.73 -29.16 -10.73
N ILE B 244 -2.88 -30.17 -10.50
CA ILE B 244 -2.38 -30.55 -9.18
C ILE B 244 -0.86 -30.55 -9.31
N GLU B 245 -0.19 -29.74 -8.50
CA GLU B 245 1.26 -29.73 -8.47
C GLU B 245 1.79 -30.38 -7.20
N VAL B 246 2.57 -31.42 -7.41
CA VAL B 246 3.23 -32.14 -6.33
C VAL B 246 4.67 -31.63 -6.21
N LEU B 247 4.98 -31.04 -5.06
CA LEU B 247 6.29 -30.47 -4.75
C LEU B 247 7.13 -31.51 -4.01
N ILE B 248 8.29 -31.79 -4.57
CA ILE B 248 9.19 -32.85 -4.07
C ILE B 248 10.47 -32.15 -3.65
N ASP B 249 10.88 -32.36 -2.39
CA ASP B 249 12.18 -31.94 -1.89
C ASP B 249 12.63 -32.79 -0.72
N PRO B 250 13.40 -33.85 -1.02
CA PRO B 250 13.78 -34.75 0.07
C PRO B 250 14.61 -34.08 1.19
N GLU B 251 15.20 -32.92 0.94
CA GLU B 251 15.96 -32.14 1.94
C GLU B 251 15.14 -31.13 2.72
N SER B 252 13.87 -30.96 2.39
CA SER B 252 13.05 -30.02 3.12
C SER B 252 12.55 -30.66 4.42
N PRO B 253 12.16 -29.83 5.40
CA PRO B 253 11.62 -30.31 6.67
C PRO B 253 10.53 -31.37 6.52
N ILE B 254 9.52 -31.10 5.67
CA ILE B 254 8.44 -32.06 5.51
C ILE B 254 8.83 -33.20 4.55
N GLY B 255 9.55 -32.88 3.48
CA GLY B 255 9.93 -33.89 2.50
C GLY B 255 10.85 -34.97 3.03
N LYS B 256 11.70 -34.62 4.00
CA LYS B 256 12.58 -35.60 4.67
C LYS B 256 11.77 -36.62 5.49
N THR B 257 10.53 -36.26 5.88
CA THR B 257 9.66 -37.17 6.64
C THR B 257 8.83 -38.11 5.73
N ASP B 258 8.92 -37.93 4.41
CA ASP B 258 7.99 -38.53 3.46
C ASP B 258 8.77 -39.47 2.53
N PRO B 259 8.34 -40.74 2.41
CA PRO B 259 9.15 -41.67 1.62
C PRO B 259 9.33 -41.26 0.15
N VAL B 260 8.40 -40.49 -0.43
CA VAL B 260 8.59 -39.98 -1.79
C VAL B 260 9.38 -38.66 -1.80
N GLY B 261 9.57 -38.04 -0.63
CA GLY B 261 10.14 -36.68 -0.58
C GLY B 261 9.13 -35.55 -0.84
N ILE B 262 7.82 -35.85 -0.80
CA ILE B 262 6.78 -34.82 -1.00
C ILE B 262 6.69 -33.81 0.15
N LYS B 263 6.81 -32.52 -0.18
CA LYS B 263 6.74 -31.45 0.82
C LYS B 263 5.38 -30.80 0.81
N ASP B 264 4.70 -30.83 -0.34
CA ASP B 264 3.39 -30.21 -0.45
C ASP B 264 2.67 -30.68 -1.72
N VAL B 265 1.39 -30.38 -1.76
CA VAL B 265 0.55 -30.64 -2.91
C VAL B 265 -0.17 -29.32 -3.07
N ILE B 266 -0.02 -28.73 -4.25
CA ILE B 266 -0.62 -27.44 -4.59
C ILE B 266 -1.77 -27.65 -5.57
N LEU B 267 -2.95 -27.14 -5.24
CA LEU B 267 -4.10 -27.31 -6.14
C LEU B 267 -4.39 -26.02 -6.87
N GLU B 268 -4.67 -26.15 -8.17
CA GLU B 268 -5.29 -25.08 -8.93
C GLU B 268 -6.67 -24.87 -8.29
N SER B 269 -6.92 -23.67 -7.75
CA SER B 269 -8.02 -23.39 -6.80
C SER B 269 -9.02 -22.33 -7.31
N ALA B 270 -8.76 -21.05 -7.06
CA ALA B 270 -9.68 -20.02 -7.53
C ALA B 270 -9.38 -19.74 -9.01
N ILE B 271 -10.12 -20.41 -9.89
CA ILE B 271 -9.86 -20.37 -11.32
C ILE B 271 -10.17 -18.97 -11.83
N THR B 272 -11.22 -18.41 -11.23
CA THR B 272 -11.67 -17.06 -11.51
C THR B 272 -11.94 -16.40 -10.19
N THR B 273 -11.77 -15.07 -10.17
CA THR B 273 -12.04 -14.26 -9.02
C THR B 273 -12.83 -13.02 -9.42
N ILE B 274 -13.87 -12.71 -8.65
CA ILE B 274 -14.66 -11.53 -8.87
C ILE B 274 -14.20 -10.45 -7.91
N MET B 275 -13.66 -9.38 -8.48
CA MET B 275 -13.28 -8.21 -7.71
C MET B 275 -14.52 -7.34 -7.58
N ASP B 276 -14.98 -7.13 -6.35
CA ASP B 276 -16.26 -6.61 -6.07
C ASP B 276 -16.33 -5.14 -5.64
N PHE B 277 -17.15 -4.38 -6.33
CA PHE B 277 -17.52 -3.02 -5.99
C PHE B 277 -18.90 -2.89 -5.34
N GLU B 278 -19.65 -4.00 -5.27
CA GLU B 278 -21.05 -3.98 -4.85
C GLU B 278 -21.17 -4.46 -3.36
N ASP B 279 -21.84 -5.58 -3.13
CA ASP B 279 -22.31 -5.90 -1.78
C ASP B 279 -21.26 -6.11 -0.72
N SER B 280 -20.02 -6.40 -1.08
CA SER B 280 -18.94 -6.60 -0.07
C SER B 280 -18.10 -5.38 0.25
N VAL B 281 -18.40 -4.24 -0.38
CA VAL B 281 -17.66 -3.05 -0.09
C VAL B 281 -18.52 -1.92 0.38
N THR B 282 -17.94 -1.00 1.15
CA THR B 282 -18.61 0.25 1.51
C THR B 282 -18.00 1.34 0.70
N ALA B 283 -18.69 1.83 -0.33
CA ALA B 283 -18.16 2.93 -1.10
C ALA B 283 -19.23 3.96 -1.36
N VAL B 284 -19.17 5.08 -0.65
CA VAL B 284 -20.29 6.02 -0.63
C VAL B 284 -20.01 7.44 -1.14
N ASP B 285 -18.79 7.73 -1.60
CA ASP B 285 -18.43 9.06 -2.18
C ASP B 285 -17.29 8.81 -3.17
N ALA B 286 -16.85 9.86 -3.85
CA ALA B 286 -15.76 9.73 -4.85
C ALA B 286 -14.48 9.13 -4.27
N ASP B 287 -14.17 9.50 -3.02
CA ASP B 287 -12.93 9.07 -2.42
C ASP B 287 -12.98 7.53 -2.35
N ASP B 288 -14.07 6.97 -1.82
CA ASP B 288 -14.22 5.53 -1.76
C ASP B 288 -14.22 4.90 -3.14
N LYS B 289 -14.90 5.52 -4.08
CA LYS B 289 -14.99 4.93 -5.39
C LYS B 289 -13.65 4.92 -6.06
N VAL B 290 -12.90 6.00 -5.97
CA VAL B 290 -11.55 6.04 -6.58
C VAL B 290 -10.62 5.00 -5.97
N ARG B 291 -10.65 4.79 -4.66
CA ARG B 291 -9.83 3.71 -4.07
C ARG B 291 -10.10 2.38 -4.75
N GLY B 292 -11.39 2.05 -4.97
CA GLY B 292 -11.71 0.82 -5.67
C GLY B 292 -11.20 0.80 -7.09
N TYR B 293 -11.48 1.90 -7.83
CA TYR B 293 -11.06 1.94 -9.24
C TYR B 293 -9.56 1.84 -9.34
N ARG B 294 -8.85 2.48 -8.39
CA ARG B 294 -7.39 2.42 -8.34
C ARG B 294 -6.88 1.01 -8.13
N ASN B 295 -7.47 0.27 -7.19
CA ASN B 295 -7.07 -1.12 -6.98
C ASN B 295 -7.30 -1.99 -8.24
N TRP B 296 -8.44 -1.76 -8.89
CA TRP B 296 -8.84 -2.51 -10.09
C TRP B 296 -7.87 -2.18 -11.24
N LEU B 297 -7.50 -0.90 -11.36
CA LEU B 297 -6.46 -0.49 -12.32
C LEU B 297 -5.16 -1.23 -12.08
N GLY B 298 -4.71 -1.16 -10.83
CA GLY B 298 -3.54 -1.89 -10.34
C GLY B 298 -3.49 -3.37 -10.70
N LEU B 299 -4.60 -4.08 -10.59
CA LEU B 299 -4.64 -5.53 -10.86
C LEU B 299 -4.51 -5.80 -12.35
N ASN B 300 -5.14 -4.92 -13.12
CA ASN B 300 -5.05 -4.97 -14.58
C ASN B 300 -3.75 -4.50 -15.17
N LYS B 301 -3.16 -3.47 -14.63
CA LYS B 301 -1.74 -3.19 -14.96
C LYS B 301 -0.86 -4.38 -14.62
N GLY B 302 -1.03 -4.87 -13.39
CA GLY B 302 -0.25 -5.99 -12.86
C GLY B 302 0.75 -5.56 -11.81
N ASP B 303 0.69 -4.31 -11.42
CA ASP B 303 1.70 -3.72 -10.54
C ASP B 303 1.10 -3.32 -9.18
N LEU B 304 -0.07 -3.82 -8.82
CA LEU B 304 -0.63 -3.49 -7.53
C LEU B 304 0.24 -4.16 -6.46
N THR B 305 0.71 -3.39 -5.50
CA THR B 305 1.47 -3.95 -4.37
C THR B 305 0.92 -3.39 -3.07
N GLU B 306 1.11 -4.12 -1.98
CA GLU B 306 0.69 -3.70 -0.65
C GLU B 306 1.63 -4.24 0.41
N GLU B 307 2.13 -3.38 1.30
CA GLU B 307 3.06 -3.78 2.35
C GLU B 307 2.28 -4.47 3.46
N VAL B 308 2.79 -5.59 3.95
CA VAL B 308 2.18 -6.27 5.05
C VAL B 308 3.25 -6.31 6.16
N ASN B 309 2.87 -5.74 7.30
CA ASN B 309 3.71 -5.63 8.47
C ASN B 309 3.16 -6.56 9.54
N LYS B 310 3.98 -7.49 10.02
CA LYS B 310 3.63 -8.35 11.15
C LYS B 310 4.88 -8.74 11.92
N ASP B 311 4.75 -8.90 13.24
CA ASP B 311 5.88 -9.31 14.08
C ASP B 311 7.10 -8.43 13.88
N GLY B 312 6.90 -7.14 13.65
CA GLY B 312 8.02 -6.22 13.51
C GLY B 312 8.79 -6.23 12.17
N LYS B 313 8.25 -6.90 11.15
CA LYS B 313 8.90 -7.03 9.84
C LYS B 313 7.92 -6.61 8.78
N THR B 314 8.41 -6.20 7.60
CA THR B 314 7.51 -5.86 6.52
C THR B 314 7.84 -6.63 5.25
N PHE B 315 6.80 -7.15 4.61
CA PHE B 315 6.92 -7.80 3.30
C PHE B 315 5.90 -7.16 2.35
N THR B 316 6.24 -7.09 1.06
CA THR B 316 5.34 -6.53 0.07
C THR B 316 4.63 -7.64 -0.65
N ARG B 317 3.31 -7.64 -0.53
CA ARG B 317 2.50 -8.60 -1.30
C ARG B 317 2.49 -8.10 -2.75
N VAL B 318 2.78 -9.01 -3.69
CA VAL B 318 2.78 -8.74 -5.13
C VAL B 318 2.03 -9.84 -5.85
N LEU B 319 1.68 -9.60 -7.11
CA LEU B 319 0.94 -10.55 -7.90
C LEU B 319 1.91 -11.58 -8.42
N ASN B 320 1.53 -12.84 -8.37
CA ASN B 320 2.43 -13.91 -8.87
C ASN B 320 2.61 -13.94 -10.40
N ALA B 321 3.77 -14.40 -10.83
CA ALA B 321 4.07 -14.66 -12.24
C ALA B 321 3.29 -15.87 -12.76
N ASP B 322 3.20 -15.96 -14.07
CA ASP B 322 2.70 -17.19 -14.71
C ASP B 322 3.71 -18.32 -14.38
N ARG B 323 3.32 -19.56 -14.59
CA ARG B 323 4.12 -20.70 -14.19
C ARG B 323 4.58 -21.48 -15.43
N SER B 324 5.85 -21.84 -15.46
CA SER B 324 6.40 -22.55 -16.59
C SER B 324 6.85 -23.95 -16.22
N TYR B 325 6.73 -24.85 -17.19
CA TYR B 325 7.07 -26.26 -17.00
C TYR B 325 7.67 -26.84 -18.28
N THR B 326 8.32 -27.97 -18.12
CA THR B 326 8.74 -28.81 -19.21
C THR B 326 7.64 -29.80 -19.44
N THR B 327 7.23 -30.00 -20.69
CA THR B 327 6.16 -30.92 -20.97
C THR B 327 6.79 -32.33 -21.12
N PRO B 328 5.97 -33.39 -21.14
CA PRO B 328 6.52 -34.74 -21.36
C PRO B 328 7.33 -34.91 -22.65
N ASP B 329 6.85 -34.40 -23.80
CA ASP B 329 7.62 -34.53 -25.08
C ASP B 329 8.78 -33.52 -25.13
N GLY B 330 9.10 -32.94 -23.98
CA GLY B 330 10.27 -32.10 -23.80
C GLY B 330 10.10 -30.69 -24.31
N GLY B 331 8.87 -30.22 -24.52
CA GLY B 331 8.62 -28.81 -24.85
C GLY B 331 8.36 -27.96 -23.60
N GLU B 332 7.93 -26.72 -23.79
CA GLU B 332 7.66 -25.79 -22.69
C GLU B 332 6.18 -25.40 -22.56
N LEU B 333 5.68 -25.34 -21.33
CA LEU B 333 4.26 -25.03 -21.09
C LEU B 333 4.17 -23.85 -20.12
N THR B 334 3.29 -22.89 -20.40
CA THR B 334 2.99 -21.79 -19.49
C THR B 334 1.57 -21.82 -19.08
N LEU B 335 1.34 -21.86 -17.77
CA LEU B 335 -0.02 -21.81 -17.21
C LEU B 335 -0.23 -20.48 -16.49
N PRO B 336 -1.48 -20.01 -16.44
CA PRO B 336 -1.74 -18.78 -15.74
C PRO B 336 -1.43 -18.94 -14.28
N GLY B 337 -0.65 -18.01 -13.72
CA GLY B 337 -0.33 -18.03 -12.27
C GLY B 337 -1.35 -17.28 -11.45
N ARG B 338 -2.25 -16.55 -12.10
CA ARG B 338 -3.25 -15.75 -11.36
C ARG B 338 -4.70 -16.11 -11.76
N SER B 339 -5.68 -15.80 -10.91
CA SER B 339 -7.08 -16.08 -11.26
C SER B 339 -7.49 -15.13 -12.38
N LEU B 340 -8.28 -15.65 -13.31
CA LEU B 340 -8.89 -14.81 -14.29
C LEU B 340 -9.84 -13.88 -13.58
N LEU B 341 -9.69 -12.57 -13.81
CA LEU B 341 -10.44 -11.54 -13.02
C LEU B 341 -11.71 -11.08 -13.67
N PHE B 342 -12.82 -11.10 -12.91
CA PHE B 342 -14.07 -10.44 -13.26
C PHE B 342 -14.13 -9.21 -12.37
N VAL B 343 -14.98 -8.27 -12.69
CA VAL B 343 -15.27 -7.16 -11.76
C VAL B 343 -16.79 -7.12 -11.57
N ARG B 344 -17.27 -7.09 -10.32
CA ARG B 344 -18.72 -6.87 -10.08
C ARG B 344 -19.00 -5.37 -9.93
N ASN B 345 -19.63 -4.80 -10.94
CA ASN B 345 -20.09 -3.43 -10.90
C ASN B 345 -21.31 -3.35 -10.00
N VAL B 346 -21.74 -2.16 -9.62
CA VAL B 346 -23.09 -2.04 -9.04
C VAL B 346 -24.17 -2.20 -10.11
N GLY B 347 -25.41 -2.41 -9.68
CA GLY B 347 -26.55 -2.58 -10.57
C GLY B 347 -27.11 -1.23 -11.04
N HIS B 348 -28.42 -1.19 -11.28
CA HIS B 348 -29.06 -0.03 -11.89
C HIS B 348 -29.56 1.01 -10.94
N LEU B 349 -29.68 0.68 -9.64
CA LEU B 349 -30.42 1.56 -8.73
C LEU B 349 -29.69 2.84 -8.36
N THR B 350 -28.46 2.70 -7.85
CA THR B 350 -27.79 3.75 -7.06
C THR B 350 -27.17 4.88 -7.88
N THR B 351 -27.09 6.05 -7.24
CA THR B 351 -26.47 7.20 -7.80
C THR B 351 -25.29 7.55 -6.94
N SER B 352 -24.41 8.35 -7.51
CA SER B 352 -23.17 8.72 -6.87
C SER B 352 -22.91 10.18 -7.11
N ASP B 353 -22.48 10.88 -6.07
CA ASP B 353 -22.10 12.27 -6.23
C ASP B 353 -20.63 12.40 -6.61
N ALA B 354 -20.00 11.32 -7.07
CA ALA B 354 -18.72 11.43 -7.72
C ALA B 354 -18.77 12.31 -9.00
N ILE B 355 -19.87 12.21 -9.74
CA ILE B 355 -20.18 13.16 -10.80
C ILE B 355 -21.57 13.74 -10.55
N LEU B 356 -21.68 15.06 -10.52
CA LEU B 356 -22.99 15.72 -10.63
C LEU B 356 -23.24 16.14 -12.08
N VAL B 357 -24.48 16.02 -12.52
CA VAL B 357 -24.85 16.13 -13.93
C VAL B 357 -25.98 17.15 -14.12
N ASP B 358 -25.82 18.09 -15.07
CA ASP B 358 -26.89 19.06 -15.57
C ASP B 358 -28.27 18.49 -15.81
N ASP B 361 -34.78 20.55 -16.62
CA ASP B 361 -33.44 20.28 -17.05
C ASP B 361 -32.57 21.53 -16.99
N GLY B 362 -32.38 22.15 -15.81
CA GLY B 362 -32.81 21.63 -14.49
C GLY B 362 -31.74 21.21 -13.47
N GLN B 363 -32.10 20.24 -12.64
CA GLN B 363 -31.33 19.93 -11.43
C GLN B 363 -29.94 19.36 -11.79
N GLU B 364 -28.96 19.66 -10.94
CA GLU B 364 -27.66 18.99 -10.98
C GLU B 364 -27.81 17.70 -10.19
N LYS B 365 -28.01 16.58 -10.89
CA LYS B 365 -28.31 15.29 -10.24
C LYS B 365 -27.06 14.43 -10.14
N GLU B 366 -26.99 13.60 -9.10
CA GLU B 366 -25.97 12.55 -8.98
C GLU B 366 -25.96 11.61 -10.19
N VAL B 367 -24.79 11.28 -10.73
CA VAL B 367 -24.72 10.34 -11.84
C VAL B 367 -25.17 8.94 -11.40
N PHE B 368 -25.76 8.16 -12.30
CA PHE B 368 -26.07 6.76 -12.00
C PHE B 368 -24.79 5.96 -11.83
N GLU B 369 -24.66 5.26 -10.72
CA GLU B 369 -23.42 4.60 -10.33
C GLU B 369 -23.04 3.41 -11.23
N GLY B 370 -24.03 2.66 -11.68
CA GLY B 370 -23.74 1.53 -12.53
C GLY B 370 -23.18 1.95 -13.88
N ILE B 371 -23.66 3.09 -14.37
CA ILE B 371 -23.17 3.68 -15.61
C ILE B 371 -21.69 4.03 -15.43
N ILE B 372 -21.35 4.79 -14.39
CA ILE B 372 -19.93 5.15 -14.19
C ILE B 372 -19.06 3.92 -13.88
N ASP B 373 -19.54 2.92 -13.14
CA ASP B 373 -18.75 1.70 -12.97
C ASP B 373 -18.37 1.04 -14.33
N ALA B 374 -19.32 0.93 -15.25
CA ALA B 374 -19.02 0.41 -16.60
C ALA B 374 -17.91 1.20 -17.27
N VAL B 375 -18.03 2.54 -17.23
CA VAL B 375 -17.03 3.40 -17.80
C VAL B 375 -15.65 3.13 -17.20
N PHE B 376 -15.55 3.22 -15.88
CA PHE B 376 -14.24 3.36 -15.26
C PHE B 376 -13.61 2.01 -15.00
N THR B 377 -14.41 0.96 -14.74
CA THR B 377 -13.88 -0.40 -14.66
C THR B 377 -13.49 -0.90 -16.03
N GLY B 378 -14.26 -0.52 -17.05
CA GLY B 378 -13.96 -0.85 -18.43
C GLY B 378 -12.66 -0.22 -18.85
N LEU B 379 -12.55 1.07 -18.54
CA LEU B 379 -11.29 1.85 -18.82
C LEU B 379 -10.06 1.21 -18.23
N ALA B 380 -10.10 1.00 -16.91
CA ALA B 380 -8.99 0.42 -16.19
C ALA B 380 -8.61 -0.96 -16.73
N ALA B 381 -9.61 -1.70 -17.17
CA ALA B 381 -9.43 -3.06 -17.58
C ALA B 381 -8.75 -3.12 -18.95
N ILE B 382 -8.71 -2.03 -19.72
CA ILE B 382 -7.92 -2.07 -20.97
C ILE B 382 -6.45 -2.50 -20.71
N HIS B 383 -5.90 -2.14 -19.57
CA HIS B 383 -4.49 -2.42 -19.30
C HIS B 383 -4.25 -3.90 -19.08
N GLY B 384 -5.32 -4.61 -18.78
CA GLY B 384 -5.31 -6.07 -18.72
C GLY B 384 -5.37 -6.79 -20.07
N LEU B 385 -5.59 -6.05 -21.15
CA LEU B 385 -5.56 -6.61 -22.50
C LEU B 385 -4.34 -6.21 -23.28
N LYS B 386 -3.80 -5.03 -23.00
CA LYS B 386 -2.64 -4.52 -23.77
C LYS B 386 -1.33 -4.80 -23.07
N THR B 387 -0.26 -4.73 -23.86
CA THR B 387 1.05 -5.17 -23.47
C THR B 387 2.12 -4.14 -23.83
N GLY B 388 1.68 -2.88 -23.93
CA GLY B 388 2.61 -1.79 -24.16
C GLY B 388 3.27 -1.38 -22.85
N GLU B 389 4.19 -0.46 -22.99
CA GLU B 389 5.04 -0.06 -21.91
C GLU B 389 4.29 0.58 -20.76
N ALA B 390 3.22 1.32 -21.05
CA ALA B 390 2.43 1.98 -20.03
C ALA B 390 1.27 1.10 -19.43
N ASN B 391 1.20 -0.18 -19.83
CA ASN B 391 0.08 -1.08 -19.50
C ASN B 391 0.40 -2.05 -18.35
N GLY B 392 1.62 -2.00 -17.84
CA GLY B 392 2.00 -2.77 -16.62
C GLY B 392 2.53 -4.11 -17.06
N PRO B 393 3.05 -4.90 -16.12
CA PRO B 393 3.68 -6.12 -16.52
C PRO B 393 2.81 -7.33 -16.77
N LEU B 394 1.51 -7.25 -16.48
CA LEU B 394 0.67 -8.48 -16.54
C LEU B 394 -0.67 -8.24 -17.16
N THR B 395 -1.13 -9.24 -17.90
CA THR B 395 -2.43 -9.20 -18.51
C THR B 395 -3.36 -10.28 -17.93
N ASN B 396 -4.64 -10.04 -18.13
CA ASN B 396 -5.70 -10.84 -17.56
C ASN B 396 -6.20 -11.81 -18.64
N SER B 397 -7.17 -11.42 -19.46
CA SER B 397 -7.68 -12.28 -20.49
C SER B 397 -6.58 -12.67 -21.46
N ARG B 398 -6.72 -13.86 -22.03
CA ARG B 398 -5.88 -14.23 -23.16
C ARG B 398 -6.63 -14.18 -24.47
N THR B 399 -7.89 -13.76 -24.46
CA THR B 399 -8.73 -13.86 -25.66
C THR B 399 -9.39 -12.53 -26.03
N GLY B 400 -8.94 -11.44 -25.40
CA GLY B 400 -9.45 -10.11 -25.69
C GLY B 400 -10.76 -9.73 -25.01
N SER B 401 -11.16 -10.39 -23.91
CA SER B 401 -12.41 -10.04 -23.24
C SER B 401 -12.17 -9.42 -21.85
N ILE B 402 -13.12 -8.56 -21.47
CA ILE B 402 -13.26 -7.97 -20.14
CA ILE B 402 -13.24 -8.00 -20.13
C ILE B 402 -14.54 -8.53 -19.52
N TYR B 403 -14.50 -8.88 -18.25
CA TYR B 403 -15.63 -9.58 -17.66
C TYR B 403 -16.28 -8.79 -16.54
N ILE B 404 -17.51 -8.34 -16.74
CA ILE B 404 -18.26 -7.56 -15.73
C ILE B 404 -19.47 -8.37 -15.21
N VAL B 405 -19.53 -8.56 -13.89
CA VAL B 405 -20.69 -9.14 -13.29
C VAL B 405 -21.67 -7.99 -13.02
N LYS B 406 -22.91 -8.16 -13.49
CA LYS B 406 -23.98 -7.16 -13.30
C LYS B 406 -25.06 -7.75 -12.38
N PRO B 407 -25.14 -7.22 -11.15
CA PRO B 407 -26.02 -7.71 -10.14
C PRO B 407 -27.37 -7.06 -10.13
N LYS B 408 -28.32 -7.70 -9.45
CA LYS B 408 -29.58 -7.04 -9.10
C LYS B 408 -30.37 -6.50 -10.29
N MET B 409 -30.24 -7.13 -11.45
CA MET B 409 -31.19 -6.83 -12.52
C MET B 409 -32.55 -7.52 -12.37
N HIS B 410 -33.60 -6.83 -12.81
CA HIS B 410 -34.97 -7.29 -12.80
C HIS B 410 -35.54 -7.40 -14.17
N GLY B 411 -35.45 -8.57 -14.76
CA GLY B 411 -36.16 -8.86 -16.04
C GLY B 411 -35.34 -8.47 -17.26
N PRO B 412 -35.77 -8.91 -18.45
CA PRO B 412 -34.99 -8.83 -19.69
C PRO B 412 -34.75 -7.44 -20.25
N ALA B 413 -35.65 -6.48 -20.04
CA ALA B 413 -35.44 -5.12 -20.51
C ALA B 413 -34.22 -4.51 -19.77
N GLU B 414 -34.07 -4.84 -18.48
CA GLU B 414 -32.91 -4.39 -17.70
C GLU B 414 -31.57 -5.06 -18.13
N VAL B 415 -31.66 -6.30 -18.58
CA VAL B 415 -30.53 -6.92 -19.20
C VAL B 415 -30.20 -6.30 -20.55
N ALA B 416 -31.21 -6.02 -21.37
CA ALA B 416 -30.98 -5.35 -22.63
C ALA B 416 -30.30 -4.02 -22.37
N PHE B 417 -30.73 -3.33 -21.34
CA PHE B 417 -30.18 -2.00 -21.01
C PHE B 417 -28.70 -2.13 -20.65
N THR B 418 -28.39 -3.06 -19.77
CA THR B 418 -27.00 -3.38 -19.50
C THR B 418 -26.13 -3.62 -20.74
N CYS B 419 -26.62 -4.43 -21.68
CA CYS B 419 -25.85 -4.72 -22.87
C CYS B 419 -25.68 -3.47 -23.72
N GLU B 420 -26.68 -2.61 -23.73
CA GLU B 420 -26.58 -1.35 -24.51
C GLU B 420 -25.56 -0.40 -23.85
N LEU B 421 -25.56 -0.37 -22.51
CA LEU B 421 -24.56 0.40 -21.73
C LEU B 421 -23.20 -0.06 -22.09
N PHE B 422 -23.01 -1.37 -22.10
CA PHE B 422 -21.70 -1.95 -22.43
C PHE B 422 -21.24 -1.56 -23.84
N SER B 423 -22.14 -1.67 -24.81
CA SER B 423 -21.83 -1.31 -26.21
C SER B 423 -21.44 0.18 -26.36
N ARG B 424 -22.15 1.07 -25.69
CA ARG B 424 -21.83 2.50 -25.72
C ARG B 424 -20.48 2.80 -25.03
N VAL B 425 -20.18 2.09 -23.96
CA VAL B 425 -18.89 2.24 -23.29
C VAL B 425 -17.75 1.81 -24.21
N GLU B 426 -17.87 0.64 -24.83
CA GLU B 426 -16.89 0.14 -25.82
C GLU B 426 -16.54 1.19 -26.87
N ASP B 427 -17.58 1.80 -27.42
CA ASP B 427 -17.43 2.90 -28.32
C ASP B 427 -16.58 4.02 -27.72
N VAL B 428 -16.89 4.45 -26.49
CA VAL B 428 -16.10 5.55 -25.88
C VAL B 428 -14.66 5.10 -25.61
N LEU B 429 -14.51 3.83 -25.24
CA LEU B 429 -13.22 3.27 -24.93
C LEU B 429 -12.38 2.82 -26.12
N GLY B 430 -12.89 2.95 -27.35
CA GLY B 430 -12.14 2.50 -28.55
C GLY B 430 -11.98 0.98 -28.62
N LEU B 431 -12.87 0.25 -27.97
CA LEU B 431 -12.79 -1.22 -27.98
C LEU B 431 -13.74 -1.86 -29.00
N PRO B 432 -13.37 -3.03 -29.56
CA PRO B 432 -14.33 -3.78 -30.35
C PRO B 432 -15.67 -4.02 -29.65
N GLN B 433 -16.76 -3.89 -30.36
CA GLN B 433 -18.04 -4.31 -29.84
C GLN B 433 -17.96 -5.77 -29.36
N GLY B 434 -18.57 -6.03 -28.20
CA GLY B 434 -18.58 -7.38 -27.59
C GLY B 434 -17.46 -7.69 -26.62
N THR B 435 -16.46 -6.81 -26.53
CA THR B 435 -15.37 -6.96 -25.61
C THR B 435 -15.87 -7.13 -24.19
N LEU B 436 -16.79 -6.26 -23.77
CA LEU B 436 -17.37 -6.32 -22.42
C LEU B 436 -18.41 -7.43 -22.29
N LYS B 437 -18.03 -8.51 -21.65
CA LYS B 437 -18.90 -9.64 -21.46
C LYS B 437 -19.62 -9.50 -20.13
N VAL B 438 -20.76 -10.18 -20.00
CA VAL B 438 -21.59 -10.00 -18.82
C VAL B 438 -21.82 -11.30 -18.07
N GLY B 439 -21.59 -11.24 -16.77
CA GLY B 439 -22.00 -12.29 -15.83
C GLY B 439 -23.28 -11.86 -15.16
N ILE B 440 -24.37 -12.63 -15.40
CA ILE B 440 -25.70 -12.25 -14.98
C ILE B 440 -26.01 -12.95 -13.67
N MET B 441 -26.23 -12.16 -12.63
CA MET B 441 -26.71 -12.69 -11.40
C MET B 441 -28.20 -12.89 -11.62
N ASP B 442 -28.62 -14.11 -11.32
CA ASP B 442 -30.04 -14.47 -11.29
C ASP B 442 -30.37 -14.39 -9.81
N GLU B 443 -30.80 -13.20 -9.38
CA GLU B 443 -31.00 -12.92 -7.92
C GLU B 443 -32.16 -11.95 -7.60
N GLU B 444 -33.06 -11.80 -8.56
CA GLU B 444 -34.30 -11.06 -8.38
C GLU B 444 -35.38 -11.91 -9.00
N ARG B 445 -36.57 -11.86 -8.41
CA ARG B 445 -37.71 -12.68 -8.83
C ARG B 445 -38.09 -12.46 -10.29
N ARG B 446 -38.12 -11.22 -10.72
CA ARG B 446 -38.49 -10.89 -12.08
C ARG B 446 -37.50 -11.39 -13.10
N THR B 447 -36.28 -11.61 -12.70
CA THR B 447 -35.29 -12.18 -13.63
C THR B 447 -35.45 -13.69 -13.66
N THR B 448 -35.66 -14.28 -12.50
CA THR B 448 -35.85 -15.73 -12.43
C THR B 448 -37.04 -16.22 -13.23
N LEU B 449 -38.16 -15.55 -13.07
CA LEU B 449 -39.42 -15.89 -13.78
C LEU B 449 -39.35 -15.66 -15.28
N ASN B 450 -38.39 -14.84 -15.70
CA ASN B 450 -38.16 -14.54 -17.10
C ASN B 450 -36.72 -14.87 -17.46
N LEU B 451 -36.18 -15.94 -16.90
CA LEU B 451 -34.74 -16.17 -17.04
C LEU B 451 -34.32 -16.40 -18.52
N LYS B 452 -35.14 -17.11 -19.27
CA LYS B 452 -34.77 -17.47 -20.65
C LYS B 452 -34.62 -16.21 -21.52
N ALA B 453 -35.60 -15.30 -21.37
CA ALA B 453 -35.57 -13.99 -22.02
C ALA B 453 -34.41 -13.10 -21.52
N CYS B 454 -34.10 -13.15 -20.24
CA CYS B 454 -32.95 -12.41 -19.74
C CYS B 454 -31.64 -12.86 -20.41
N ILE B 455 -31.44 -14.17 -20.51
CA ILE B 455 -30.27 -14.72 -21.20
C ILE B 455 -30.26 -14.33 -22.69
N LYS B 456 -31.42 -14.44 -23.34
CA LYS B 456 -31.54 -14.08 -24.74
C LYS B 456 -31.16 -12.62 -24.98
N ALA B 457 -31.68 -11.69 -24.17
CA ALA B 457 -31.31 -10.26 -24.26
C ALA B 457 -29.77 -10.05 -24.24
N ALA B 458 -29.01 -10.99 -23.66
CA ALA B 458 -27.54 -10.82 -23.62
C ALA B 458 -26.84 -11.96 -24.29
N ALA B 459 -27.46 -12.54 -25.31
CA ALA B 459 -27.03 -13.85 -25.85
C ALA B 459 -25.63 -13.85 -26.48
N ASP B 460 -25.19 -12.65 -26.87
CA ASP B 460 -23.87 -12.52 -27.47
C ASP B 460 -22.77 -12.03 -26.50
N ARG B 461 -23.14 -11.74 -25.25
CA ARG B 461 -22.19 -11.23 -24.25
C ARG B 461 -22.07 -12.08 -22.99
N VAL B 462 -23.06 -12.92 -22.75
CA VAL B 462 -23.15 -13.67 -21.50
C VAL B 462 -22.08 -14.77 -21.35
N VAL B 463 -21.41 -14.72 -20.20
CA VAL B 463 -20.40 -15.69 -19.83
C VAL B 463 -20.77 -16.40 -18.56
N PHE B 464 -21.72 -15.86 -17.79
CA PHE B 464 -22.31 -16.70 -16.78
C PHE B 464 -23.67 -16.29 -16.36
N ILE B 465 -24.34 -17.26 -15.72
CA ILE B 465 -25.49 -17.01 -14.84
C ILE B 465 -25.14 -17.58 -13.47
N ASN B 466 -25.71 -16.99 -12.44
CA ASN B 466 -25.39 -17.47 -11.11
C ASN B 466 -26.55 -17.23 -10.17
N THR B 467 -26.89 -18.21 -9.35
CA THR B 467 -27.99 -18.06 -8.38
C THR B 467 -27.48 -17.35 -7.14
N GLY B 468 -27.76 -16.04 -7.15
CA GLY B 468 -27.46 -15.15 -6.04
C GLY B 468 -28.54 -15.31 -5.00
N PHE B 469 -28.49 -16.43 -4.27
CA PHE B 469 -29.63 -16.88 -3.47
C PHE B 469 -30.03 -15.97 -2.31
N LEU B 470 -29.08 -15.12 -1.83
CA LEU B 470 -29.40 -14.28 -0.65
C LEU B 470 -30.19 -13.05 -1.06
N ASP B 471 -29.70 -12.37 -2.07
CA ASP B 471 -30.45 -11.28 -2.66
C ASP B 471 -31.83 -11.80 -3.09
N ARG B 472 -31.84 -13.00 -3.70
CA ARG B 472 -33.03 -13.54 -4.29
C ARG B 472 -34.11 -13.81 -3.22
N THR B 473 -33.69 -14.23 -2.04
CA THR B 473 -34.63 -14.47 -0.92
C THR B 473 -35.17 -13.12 -0.41
N GLY B 474 -34.30 -12.11 -0.37
CA GLY B 474 -34.73 -10.74 -0.12
C GLY B 474 -35.82 -10.22 -1.05
N ASP B 475 -35.66 -10.41 -2.35
CA ASP B 475 -36.66 -9.98 -3.31
C ASP B 475 -37.94 -10.79 -3.18
N GLU B 476 -37.80 -12.09 -2.90
CA GLU B 476 -38.96 -12.96 -2.66
C GLU B 476 -39.86 -12.35 -1.59
N ILE B 477 -39.24 -12.08 -0.44
CA ILE B 477 -39.94 -11.47 0.67
C ILE B 477 -40.53 -10.11 0.31
N HIS B 478 -39.76 -9.21 -0.27
CA HIS B 478 -40.30 -7.88 -0.58
C HIS B 478 -41.43 -7.94 -1.54
N THR B 479 -41.30 -8.78 -2.56
CA THR B 479 -42.27 -8.80 -3.63
C THR B 479 -43.65 -9.21 -3.15
N SER B 480 -43.68 -10.20 -2.25
CA SER B 480 -44.91 -10.70 -1.68
C SER B 480 -45.12 -10.17 -0.28
N MET B 481 -44.59 -8.98 0.00
CA MET B 481 -44.68 -8.35 1.31
C MET B 481 -46.14 -8.32 1.83
N GLU B 482 -47.08 -8.00 0.95
CA GLU B 482 -48.46 -7.77 1.33
C GLU B 482 -49.31 -9.08 1.38
N ALA B 483 -48.74 -10.16 0.87
CA ALA B 483 -49.41 -11.44 0.78
C ALA B 483 -49.64 -12.08 2.17
N GLY B 484 -48.79 -11.78 3.15
CA GLY B 484 -48.90 -12.49 4.43
C GLY B 484 -47.56 -12.71 5.10
N PRO B 485 -47.58 -13.22 6.35
CA PRO B 485 -46.29 -13.44 7.02
C PRO B 485 -45.54 -14.58 6.38
N MET B 486 -44.23 -14.39 6.21
CA MET B 486 -43.34 -15.37 5.57
C MET B 486 -42.77 -16.36 6.57
N ILE B 487 -42.34 -17.53 6.07
CA ILE B 487 -41.58 -18.46 6.89
C ILE B 487 -40.26 -17.85 7.34
N ARG B 488 -39.68 -18.43 8.38
CA ARG B 488 -38.42 -17.97 8.94
C ARG B 488 -37.27 -18.09 7.94
N LYS B 489 -36.21 -17.35 8.24
CA LYS B 489 -35.02 -17.20 7.41
C LYS B 489 -34.40 -18.55 7.06
N GLY B 490 -34.12 -19.32 8.10
CA GLY B 490 -33.55 -20.63 7.92
C GLY B 490 -34.51 -21.73 7.50
N ALA B 491 -35.82 -21.45 7.36
CA ALA B 491 -36.75 -22.41 6.70
C ALA B 491 -36.82 -22.22 5.17
N MET B 492 -36.36 -21.06 4.66
CA MET B 492 -36.38 -20.79 3.22
C MET B 492 -35.66 -21.87 2.38
N LYS B 493 -34.55 -22.39 2.87
CA LYS B 493 -33.80 -23.45 2.23
C LYS B 493 -34.68 -24.60 1.74
N ASN B 494 -35.70 -24.96 2.52
CA ASN B 494 -36.56 -26.11 2.19
C ASN B 494 -37.84 -25.74 1.46
N SER B 495 -37.95 -24.49 1.01
CA SER B 495 -39.13 -24.04 0.32
C SER B 495 -39.21 -24.56 -1.14
N THR B 496 -40.44 -24.65 -1.61
CA THR B 496 -40.74 -25.02 -2.97
C THR B 496 -40.05 -24.06 -3.94
N TRP B 497 -40.20 -22.75 -3.71
CA TRP B 497 -39.69 -21.76 -4.68
C TRP B 497 -38.18 -21.82 -4.84
N ILE B 498 -37.45 -21.98 -3.74
CA ILE B 498 -35.97 -21.93 -3.84
C ILE B 498 -35.38 -23.14 -4.59
N LYS B 499 -35.98 -24.30 -4.41
CA LYS B 499 -35.57 -25.51 -5.09
C LYS B 499 -35.83 -25.31 -6.60
N ALA B 500 -37.00 -24.78 -6.96
CA ALA B 500 -37.28 -24.48 -8.38
C ALA B 500 -36.33 -23.44 -8.94
N TYR B 501 -36.02 -22.42 -8.16
CA TYR B 501 -35.09 -21.38 -8.58
C TYR B 501 -33.70 -21.98 -8.92
N GLU B 502 -33.25 -22.87 -8.08
CA GLU B 502 -31.91 -23.40 -8.26
C GLU B 502 -31.87 -24.33 -9.46
N ASP B 503 -32.85 -25.19 -9.62
CA ASP B 503 -32.82 -26.12 -10.74
C ASP B 503 -33.15 -25.50 -12.07
N ALA B 504 -34.09 -24.54 -12.04
CA ALA B 504 -34.53 -23.85 -13.25
C ALA B 504 -33.32 -23.15 -13.86
N ASN B 505 -32.48 -22.60 -12.98
CA ASN B 505 -31.30 -21.84 -13.45
C ASN B 505 -30.39 -22.72 -14.29
N VAL B 506 -30.07 -23.91 -13.78
CA VAL B 506 -29.21 -24.87 -14.45
C VAL B 506 -29.89 -25.43 -15.72
N ASP B 507 -31.19 -25.77 -15.62
CA ASP B 507 -31.95 -26.22 -16.77
C ASP B 507 -31.99 -25.17 -17.89
N ILE B 508 -32.35 -23.92 -17.57
CA ILE B 508 -32.39 -22.88 -18.57
C ILE B 508 -31.00 -22.57 -19.17
N GLY B 509 -30.00 -22.48 -18.29
CA GLY B 509 -28.58 -22.37 -18.74
C GLY B 509 -28.19 -23.46 -19.72
N LEU B 510 -28.41 -24.72 -19.37
CA LEU B 510 -27.99 -25.82 -20.27
C LEU B 510 -28.73 -25.74 -21.60
N ALA B 511 -30.02 -25.39 -21.51
CA ALA B 511 -30.87 -25.41 -22.67
C ALA B 511 -30.47 -24.27 -23.58
N ALA B 512 -29.93 -23.17 -23.02
CA ALA B 512 -29.40 -22.08 -23.82
C ALA B 512 -27.93 -22.33 -24.35
N GLY B 513 -27.45 -23.59 -24.29
CA GLY B 513 -26.10 -23.97 -24.69
C GLY B 513 -24.90 -23.47 -23.90
N PHE B 514 -25.03 -23.35 -22.58
CA PHE B 514 -23.94 -22.89 -21.74
C PHE B 514 -22.83 -23.91 -21.62
N LYS B 515 -23.16 -25.18 -21.70
CA LYS B 515 -22.13 -26.23 -21.65
C LYS B 515 -21.07 -25.97 -22.70
N GLY B 516 -19.83 -25.86 -22.21
CA GLY B 516 -18.69 -25.52 -23.05
C GLY B 516 -18.55 -24.03 -23.36
N LYS B 517 -19.49 -23.17 -22.94
CA LYS B 517 -19.44 -21.79 -23.37
C LYS B 517 -19.46 -20.74 -22.22
N ALA B 518 -20.16 -21.03 -21.13
CA ALA B 518 -20.41 -20.05 -20.10
C ALA B 518 -20.59 -20.81 -18.83
N GLN B 519 -20.25 -20.21 -17.71
CA GLN B 519 -20.41 -20.87 -16.45
C GLN B 519 -21.86 -20.86 -16.01
N ILE B 520 -22.25 -21.91 -15.31
CA ILE B 520 -23.49 -21.90 -14.56
C ILE B 520 -23.05 -21.97 -13.14
N GLY B 521 -23.35 -20.93 -12.37
CA GLY B 521 -22.80 -20.78 -11.03
C GLY B 521 -23.78 -20.78 -9.87
N LYS B 522 -23.29 -21.19 -8.70
CA LYS B 522 -24.07 -21.22 -7.45
C LYS B 522 -23.34 -20.46 -6.34
N GLY B 523 -24.02 -20.37 -5.19
CA GLY B 523 -23.77 -19.35 -4.18
C GLY B 523 -22.71 -19.59 -3.11
N MET B 524 -22.62 -18.60 -2.21
CA MET B 524 -21.50 -18.44 -1.28
C MET B 524 -21.68 -19.33 -0.09
N TRP B 525 -20.59 -19.96 0.34
CA TRP B 525 -20.51 -20.59 1.63
C TRP B 525 -20.05 -19.56 2.61
N ALA B 526 -20.89 -19.29 3.61
CA ALA B 526 -20.72 -18.14 4.49
C ALA B 526 -19.98 -18.48 5.78
N MET B 527 -19.91 -19.77 6.09
CA MET B 527 -19.36 -20.19 7.36
C MET B 527 -17.88 -20.41 7.31
N THR B 528 -17.12 -19.32 7.46
CA THR B 528 -15.69 -19.26 7.13
C THR B 528 -14.77 -20.18 7.94
N GLU B 529 -15.20 -20.53 9.16
CA GLU B 529 -14.45 -21.40 10.08
CA GLU B 529 -14.42 -21.40 10.03
C GLU B 529 -14.85 -22.87 9.96
N LEU B 530 -16.04 -23.16 9.44
CA LEU B 530 -16.53 -24.53 9.32
C LEU B 530 -16.18 -25.14 7.96
N MET B 531 -14.91 -25.50 7.82
CA MET B 531 -14.42 -26.06 6.58
C MET B 531 -14.73 -27.53 6.43
N ALA B 532 -14.72 -28.30 7.54
CA ALA B 532 -15.08 -29.72 7.50
C ALA B 532 -16.51 -29.80 7.01
N ASP B 533 -17.39 -28.94 7.53
CA ASP B 533 -18.74 -28.87 6.98
C ASP B 533 -18.79 -28.42 5.50
N MET B 534 -17.94 -27.49 5.10
CA MET B 534 -17.93 -27.12 3.67
C MET B 534 -17.53 -28.27 2.76
N VAL B 535 -16.50 -29.00 3.14
CA VAL B 535 -16.03 -30.11 2.32
C VAL B 535 -17.09 -31.23 2.22
N GLU B 536 -17.88 -31.39 3.29
CA GLU B 536 -18.96 -32.37 3.32
C GLU B 536 -20.13 -31.89 2.46
N GLN B 537 -20.56 -30.63 2.59
CA GLN B 537 -21.84 -30.20 1.97
C GLN B 537 -21.75 -29.55 0.59
N LYS B 538 -20.77 -28.68 0.39
CA LYS B 538 -20.72 -27.88 -0.83
C LYS B 538 -20.45 -28.72 -2.09
N ILE B 539 -20.02 -29.99 -1.94
CA ILE B 539 -20.01 -30.98 -3.05
C ILE B 539 -21.37 -31.07 -3.78
N GLY B 540 -22.45 -30.79 -3.07
CA GLY B 540 -23.76 -30.66 -3.70
C GLY B 540 -23.82 -29.74 -4.92
N GLN B 541 -23.03 -28.67 -4.94
CA GLN B 541 -23.14 -27.73 -6.05
C GLN B 541 -22.61 -28.27 -7.37
N PRO B 542 -21.38 -28.82 -7.41
CA PRO B 542 -20.96 -29.49 -8.66
C PRO B 542 -21.85 -30.68 -9.03
N LYS B 543 -22.39 -31.37 -8.03
CA LYS B 543 -23.32 -32.48 -8.30
C LYS B 543 -24.63 -32.01 -8.94
N ALA B 544 -24.99 -30.75 -8.72
CA ALA B 544 -26.14 -30.13 -9.32
C ALA B 544 -25.85 -29.52 -10.68
N GLY B 545 -24.63 -29.67 -11.19
CA GLY B 545 -24.31 -29.30 -12.60
C GLY B 545 -23.78 -27.88 -12.73
N ALA B 546 -23.48 -27.27 -11.59
CA ALA B 546 -22.85 -25.96 -11.54
C ALA B 546 -21.39 -26.09 -11.89
N THR B 547 -20.95 -25.42 -12.96
CA THR B 547 -19.54 -25.40 -13.30
C THR B 547 -18.70 -24.48 -12.39
N THR B 548 -19.36 -23.70 -11.51
CA THR B 548 -18.65 -22.89 -10.54
C THR B 548 -19.52 -22.59 -9.32
N ALA B 549 -18.88 -22.20 -8.24
CA ALA B 549 -19.61 -21.80 -7.05
C ALA B 549 -18.74 -20.93 -6.18
N TRP B 550 -19.35 -20.06 -5.36
CA TRP B 550 -18.62 -19.07 -4.64
C TRP B 550 -18.06 -19.58 -3.34
N VAL B 551 -16.82 -19.16 -3.07
CA VAL B 551 -16.11 -19.43 -1.86
C VAL B 551 -15.59 -18.13 -1.27
N PRO B 552 -15.50 -18.06 0.06
CA PRO B 552 -15.22 -16.80 0.75
C PRO B 552 -13.73 -16.47 0.94
N SER B 553 -12.83 -17.38 0.62
CA SER B 553 -11.42 -17.16 0.90
C SER B 553 -10.58 -18.07 0.00
N PRO B 554 -9.31 -17.75 -0.12
CA PRO B 554 -8.36 -18.59 -0.83
C PRO B 554 -8.25 -20.00 -0.28
N THR B 555 -8.27 -20.14 1.04
CA THR B 555 -8.20 -21.46 1.70
C THR B 555 -9.44 -22.26 1.29
N ALA B 556 -10.59 -21.59 1.29
CA ALA B 556 -11.86 -22.26 0.96
C ALA B 556 -11.86 -22.60 -0.54
N ALA B 557 -11.26 -21.75 -1.37
CA ALA B 557 -11.08 -22.07 -2.79
C ALA B 557 -10.29 -23.41 -2.95
N THR B 558 -9.24 -23.60 -2.16
CA THR B 558 -8.40 -24.76 -2.32
C THR B 558 -9.09 -26.06 -1.89
N LEU B 559 -9.81 -26.00 -0.78
CA LEU B 559 -10.64 -27.13 -0.31
C LEU B 559 -11.80 -27.48 -1.28
N HIS B 560 -12.55 -26.48 -1.74
CA HIS B 560 -13.68 -26.72 -2.63
C HIS B 560 -13.22 -27.27 -3.95
N ALA B 561 -12.00 -26.94 -4.33
CA ALA B 561 -11.42 -27.45 -5.58
C ALA B 561 -11.47 -28.99 -5.57
N MET B 562 -11.25 -29.58 -4.41
CA MET B 562 -11.31 -31.05 -4.30
C MET B 562 -12.60 -31.65 -4.86
N HIS B 563 -13.71 -30.94 -4.65
CA HIS B 563 -15.04 -31.35 -5.14
C HIS B 563 -15.08 -31.56 -6.63
N TYR B 564 -14.39 -30.68 -7.37
CA TYR B 564 -14.36 -30.73 -8.82
C TYR B 564 -13.49 -31.85 -9.33
N HIS B 565 -12.59 -32.31 -8.46
CA HIS B 565 -11.85 -33.57 -8.74
C HIS B 565 -12.72 -34.80 -8.47
N GLN B 566 -13.61 -34.69 -7.49
CA GLN B 566 -14.40 -35.87 -7.09
C GLN B 566 -15.64 -36.03 -8.00
N VAL B 567 -16.09 -34.91 -8.55
CA VAL B 567 -17.31 -34.80 -9.36
C VAL B 567 -16.94 -34.38 -10.79
N ASP B 568 -17.34 -35.18 -11.76
CA ASP B 568 -17.14 -34.84 -13.14
C ASP B 568 -18.31 -34.00 -13.58
N VAL B 569 -18.17 -32.67 -13.45
CA VAL B 569 -19.27 -31.72 -13.71
C VAL B 569 -19.70 -31.80 -15.18
N ALA B 570 -18.76 -32.01 -16.10
CA ALA B 570 -19.17 -32.10 -17.50
C ALA B 570 -20.13 -33.29 -17.68
N ALA B 571 -19.83 -34.43 -17.04
CA ALA B 571 -20.71 -35.61 -17.16
C ALA B 571 -22.04 -35.34 -16.44
N VAL B 572 -21.98 -34.66 -15.31
CA VAL B 572 -23.23 -34.33 -14.62
C VAL B 572 -24.12 -33.46 -15.52
N GLN B 573 -23.54 -32.42 -16.12
CA GLN B 573 -24.31 -31.54 -17.01
C GLN B 573 -24.87 -32.31 -18.19
N GLN B 574 -24.09 -33.25 -18.71
CA GLN B 574 -24.55 -34.15 -19.76
C GLN B 574 -25.79 -34.93 -19.36
N GLU B 575 -25.76 -35.56 -18.19
CA GLU B 575 -26.94 -36.25 -17.63
C GLU B 575 -28.18 -35.32 -17.49
N LEU B 576 -27.95 -34.05 -17.15
CA LEU B 576 -29.05 -33.10 -16.89
C LEU B 576 -29.65 -32.58 -18.16
N THR B 577 -28.92 -32.70 -19.26
CA THR B 577 -29.36 -32.21 -20.55
C THR B 577 -30.73 -32.70 -21.01
N GLY B 578 -31.63 -31.78 -21.27
CA GLY B 578 -32.95 -32.14 -21.77
C GLY B 578 -34.05 -32.26 -20.71
N GLN B 579 -33.65 -32.39 -19.44
CA GLN B 579 -34.59 -32.46 -18.33
C GLN B 579 -35.19 -31.12 -18.00
N ARG B 580 -36.41 -31.19 -17.47
CA ARG B 580 -37.12 -30.01 -17.06
C ARG B 580 -37.59 -30.26 -15.66
N ARG B 581 -36.88 -29.69 -14.69
CA ARG B 581 -36.98 -30.15 -13.33
C ARG B 581 -37.74 -29.20 -12.42
N ALA B 582 -38.11 -28.02 -12.93
CA ALA B 582 -38.83 -27.02 -12.18
C ALA B 582 -39.96 -26.41 -13.01
N THR B 583 -40.91 -25.75 -12.35
CA THR B 583 -42.03 -25.16 -13.07
C THR B 583 -42.29 -23.73 -12.61
N VAL B 584 -42.90 -22.91 -13.48
CA VAL B 584 -43.32 -21.55 -13.08
C VAL B 584 -44.23 -21.60 -11.86
N ASP B 585 -45.04 -22.65 -11.73
CA ASP B 585 -45.99 -22.73 -10.61
C ASP B 585 -45.25 -22.98 -9.28
N GLN B 586 -44.17 -23.76 -9.33
CA GLN B 586 -43.32 -23.87 -8.12
C GLN B 586 -42.66 -22.52 -7.80
N LEU B 587 -42.15 -21.84 -8.81
CA LEU B 587 -41.51 -20.53 -8.59
C LEU B 587 -42.51 -19.54 -7.99
N LEU B 588 -43.76 -19.57 -8.44
CA LEU B 588 -44.78 -18.63 -7.95
C LEU B 588 -45.42 -19.04 -6.61
N THR B 589 -44.92 -20.11 -6.00
CA THR B 589 -45.44 -20.59 -4.71
C THR B 589 -44.78 -19.78 -3.61
N ILE B 590 -45.47 -18.72 -3.18
CA ILE B 590 -44.91 -17.77 -2.20
C ILE B 590 -44.72 -18.52 -0.89
N PRO B 591 -43.58 -18.35 -0.21
CA PRO B 591 -43.31 -19.11 1.02
C PRO B 591 -43.98 -18.48 2.24
N LEU B 592 -45.31 -18.46 2.24
CA LEU B 592 -46.09 -17.86 3.36
C LEU B 592 -46.15 -18.84 4.50
N ALA B 593 -45.93 -18.37 5.73
CA ALA B 593 -46.14 -19.18 6.93
C ALA B 593 -47.60 -19.65 7.03
N LYS B 594 -47.82 -20.85 7.52
CA LYS B 594 -49.18 -21.31 7.80
C LYS B 594 -49.63 -20.80 9.18
N LYS B 595 -50.91 -20.72 9.42
CA LYS B 595 -51.38 -20.09 10.66
C LYS B 595 -50.74 -20.58 11.96
N LEU B 596 -50.40 -19.63 12.81
CA LEU B 596 -49.90 -19.87 14.16
C LEU B 596 -48.70 -20.78 14.20
N ALA B 597 -47.87 -20.68 13.17
CA ALA B 597 -46.75 -21.61 12.96
C ALA B 597 -45.67 -21.62 14.09
N TRP B 598 -45.62 -20.59 14.94
CA TRP B 598 -44.49 -20.39 15.88
C TRP B 598 -44.88 -20.27 17.32
N ALA B 599 -44.21 -21.01 18.20
CA ALA B 599 -44.21 -20.70 19.62
C ALA B 599 -43.58 -19.32 19.82
N PRO B 600 -43.92 -18.63 20.92
CA PRO B 600 -43.23 -17.37 21.24
C PRO B 600 -41.69 -17.49 21.23
N GLU B 601 -41.15 -18.57 21.78
CA GLU B 601 -39.71 -18.85 21.77
C GLU B 601 -39.12 -18.80 20.37
N GLU B 602 -39.89 -19.29 19.39
CA GLU B 602 -39.41 -19.29 18.01
C GLU B 602 -39.47 -17.89 17.37
N ILE B 603 -40.56 -17.14 17.64
CA ILE B 603 -40.70 -15.74 17.20
C ILE B 603 -39.47 -14.97 17.75
N ARG B 604 -39.16 -15.21 19.02
CA ARG B 604 -38.07 -14.53 19.74
C ARG B 604 -36.65 -14.90 19.23
N GLU B 605 -36.33 -16.18 19.12
CA GLU B 605 -35.06 -16.59 18.52
C GLU B 605 -34.89 -15.94 17.15
N GLU B 606 -35.95 -15.90 16.32
CA GLU B 606 -35.84 -15.24 15.00
C GLU B 606 -35.59 -13.71 15.06
N VAL B 607 -36.29 -12.97 15.93
CA VAL B 607 -36.14 -11.51 16.01
C VAL B 607 -34.75 -11.17 16.54
N ASP B 608 -34.34 -11.80 17.64
CA ASP B 608 -33.00 -11.58 18.17
C ASP B 608 -31.89 -11.94 17.19
N ASN B 609 -31.99 -13.10 16.54
CA ASN B 609 -30.95 -13.54 15.63
C ASN B 609 -30.84 -12.53 14.49
N ASP B 610 -31.98 -12.12 13.95
CA ASP B 610 -31.98 -11.19 12.83
C ASP B 610 -31.53 -9.80 13.23
N CYS B 611 -31.95 -9.34 14.41
CA CYS B 611 -31.47 -8.08 14.96
C CYS B 611 -29.96 -8.10 15.20
N GLN B 612 -29.42 -9.19 15.74
CA GLN B 612 -27.98 -9.24 16.00
C GLN B 612 -27.12 -9.24 14.75
N SER B 613 -27.54 -10.02 13.76
CA SER B 613 -26.80 -10.05 12.50
C SER B 613 -26.89 -8.71 11.76
N ILE B 614 -28.07 -8.10 11.71
CA ILE B 614 -28.18 -6.75 11.15
C ILE B 614 -27.24 -5.80 11.90
N LEU B 615 -27.29 -5.80 13.23
CA LEU B 615 -26.40 -4.93 14.02
C LEU B 615 -24.90 -5.20 13.79
N GLY B 616 -24.50 -6.46 13.82
CA GLY B 616 -23.09 -6.79 13.69
C GLY B 616 -22.49 -6.39 12.34
N TYR B 617 -23.29 -6.50 11.28
CA TYR B 617 -22.84 -6.05 9.95
C TYR B 617 -22.87 -4.51 9.88
N VAL B 618 -24.02 -3.92 10.21
CA VAL B 618 -24.24 -2.49 10.05
C VAL B 618 -23.22 -1.67 10.86
N VAL B 619 -22.87 -2.08 12.08
CA VAL B 619 -21.96 -1.26 12.91
C VAL B 619 -20.62 -1.09 12.21
N ARG B 620 -20.17 -2.14 11.52
CA ARG B 620 -18.87 -2.11 10.86
C ARG B 620 -18.97 -1.39 9.51
N TRP B 621 -20.10 -1.55 8.84
CA TRP B 621 -20.41 -0.78 7.65
C TRP B 621 -20.39 0.70 7.92
N VAL B 622 -21.13 1.14 8.93
CA VAL B 622 -21.37 2.57 9.11
C VAL B 622 -20.18 3.31 9.73
N ASP B 623 -19.63 2.75 10.80
CA ASP B 623 -18.58 3.42 11.56
C ASP B 623 -17.23 3.26 10.90
N GLN B 624 -17.02 2.14 10.23
CA GLN B 624 -15.67 1.80 9.73
C GLN B 624 -15.55 1.68 8.21
N GLY B 625 -16.68 1.67 7.51
CA GLY B 625 -16.67 1.57 6.03
C GLY B 625 -16.14 0.21 5.64
N ILE B 626 -16.42 -0.79 6.46
CA ILE B 626 -16.06 -2.17 6.14
C ILE B 626 -17.31 -2.88 5.67
N GLY B 627 -17.24 -3.40 4.45
CA GLY B 627 -18.46 -3.87 3.78
C GLY B 627 -18.69 -5.35 3.86
N CYS B 628 -17.71 -6.06 4.39
CA CYS B 628 -17.79 -7.49 4.49
C CYS B 628 -17.18 -7.85 5.84
N SER B 629 -17.98 -8.34 6.78
CA SER B 629 -17.49 -8.68 8.13
C SER B 629 -17.81 -10.13 8.51
N LYS B 630 -16.86 -10.83 9.13
CA LYS B 630 -17.17 -12.07 9.89
C LYS B 630 -17.98 -11.73 11.16
N VAL B 631 -19.28 -12.07 11.20
CA VAL B 631 -20.16 -11.78 12.32
C VAL B 631 -20.86 -13.02 12.91
N PRO B 632 -20.56 -13.35 14.17
CA PRO B 632 -21.18 -14.50 14.77
C PRO B 632 -22.66 -14.27 15.02
N ASP B 633 -23.41 -15.35 14.95
CA ASP B 633 -24.83 -15.27 15.16
C ASP B 633 -25.27 -15.74 16.57
N ILE B 634 -26.59 -15.79 16.78
CA ILE B 634 -27.21 -16.33 17.99
C ILE B 634 -26.61 -17.67 18.43
N HIS B 635 -26.08 -18.42 17.48
CA HIS B 635 -25.57 -19.74 17.74
C HIS B 635 -24.06 -19.77 17.75
N ASN B 636 -23.41 -18.59 17.82
CA ASN B 636 -21.94 -18.51 17.81
C ASN B 636 -21.20 -18.92 16.52
N VAL B 637 -21.93 -19.26 15.47
CA VAL B 637 -21.32 -19.55 14.19
C VAL B 637 -20.87 -18.26 13.51
N ALA B 638 -19.59 -18.24 13.11
CA ALA B 638 -18.99 -17.12 12.42
C ALA B 638 -19.42 -17.09 10.93
N LEU B 639 -20.19 -16.06 10.55
CA LEU B 639 -20.74 -15.91 9.18
C LEU B 639 -20.17 -14.69 8.42
N MET B 640 -19.95 -14.87 7.13
CA MET B 640 -19.63 -13.72 6.27
C MET B 640 -20.90 -12.96 5.97
N GLU B 641 -20.98 -11.75 6.47
CA GLU B 641 -22.13 -10.88 6.23
C GLU B 641 -21.79 -9.89 5.10
N ASP B 642 -22.81 -9.59 4.28
CA ASP B 642 -22.72 -8.65 3.16
C ASP B 642 -24.12 -8.04 3.04
N ARG B 643 -24.32 -7.07 2.15
CA ARG B 643 -25.61 -6.37 2.10
C ARG B 643 -26.79 -7.31 1.84
N ALA B 644 -26.57 -8.38 1.08
CA ALA B 644 -27.67 -9.26 0.75
C ALA B 644 -28.13 -10.02 1.97
N THR B 645 -27.19 -10.51 2.78
CA THR B 645 -27.62 -11.18 4.02
C THR B 645 -28.41 -10.14 4.84
N LEU B 646 -27.95 -8.90 4.85
CA LEU B 646 -28.73 -7.83 5.48
C LEU B 646 -30.14 -7.64 4.91
N ARG B 647 -30.24 -7.76 3.59
CA ARG B 647 -31.48 -7.55 2.88
C ARG B 647 -32.52 -8.57 3.35
N ILE B 648 -32.06 -9.79 3.56
CA ILE B 648 -32.92 -10.88 3.99
C ILE B 648 -33.46 -10.61 5.39
N SER B 649 -32.52 -10.35 6.33
CA SER B 649 -32.88 -10.15 7.72
C SER B 649 -33.79 -8.94 7.90
N SER B 650 -33.43 -7.78 7.34
CA SER B 650 -34.30 -6.63 7.41
C SER B 650 -35.70 -6.87 6.80
N GLN B 651 -35.76 -7.55 5.67
CA GLN B 651 -37.06 -7.76 5.00
C GLN B 651 -37.99 -8.74 5.74
N LEU B 652 -37.41 -9.84 6.22
CA LEU B 652 -38.14 -10.78 7.01
C LEU B 652 -38.78 -10.01 8.15
N LEU B 653 -38.00 -9.18 8.85
CA LEU B 653 -38.57 -8.43 9.98
C LEU B 653 -39.63 -7.42 9.55
N ALA B 654 -39.37 -6.65 8.49
CA ALA B 654 -40.42 -5.74 7.97
C ALA B 654 -41.71 -6.49 7.67
N ASN B 655 -41.57 -7.73 7.20
CA ASN B 655 -42.75 -8.48 6.86
C ASN B 655 -43.49 -8.87 8.13
N TRP B 656 -42.75 -9.32 9.13
CA TRP B 656 -43.40 -9.78 10.33
C TRP B 656 -44.12 -8.61 10.98
N LEU B 657 -43.49 -7.45 10.88
CA LEU B 657 -44.10 -6.21 11.29
C LEU B 657 -45.39 -5.92 10.53
N ARG B 658 -45.36 -6.02 9.19
CA ARG B 658 -46.52 -5.60 8.39
C ARG B 658 -47.77 -6.37 8.85
N HIS B 659 -47.57 -7.66 9.15
CA HIS B 659 -48.68 -8.59 9.43
C HIS B 659 -48.86 -8.90 10.88
N GLY B 660 -48.14 -8.15 11.72
CA GLY B 660 -48.33 -8.15 13.13
C GLY B 660 -47.87 -9.36 13.91
N VAL B 661 -46.90 -10.11 13.39
CA VAL B 661 -46.31 -11.23 14.12
C VAL B 661 -45.47 -10.68 15.27
N ILE B 662 -44.92 -9.48 15.05
CA ILE B 662 -44.22 -8.68 16.05
C ILE B 662 -44.59 -7.21 15.82
N THR B 663 -44.27 -6.37 16.82
CA THR B 663 -44.57 -4.95 16.85
C THR B 663 -43.27 -4.14 16.82
N SER B 664 -43.37 -2.85 16.50
CA SER B 664 -42.20 -1.96 16.47
C SER B 664 -41.47 -1.94 17.81
N GLU B 665 -42.26 -2.03 18.87
CA GLU B 665 -41.74 -2.17 20.24
C GLU B 665 -40.89 -3.43 20.43
N ASP B 666 -41.32 -4.55 19.86
CA ASP B 666 -40.54 -5.79 19.94
C ASP B 666 -39.20 -5.61 19.27
N VAL B 667 -39.22 -4.94 18.12
CA VAL B 667 -38.04 -4.77 17.31
C VAL B 667 -37.06 -3.92 18.06
N ARG B 668 -37.54 -2.81 18.62
CA ARG B 668 -36.67 -1.89 19.30
C ARG B 668 -36.08 -2.60 20.52
N ALA B 669 -36.91 -3.35 21.23
CA ALA B 669 -36.49 -4.06 22.43
C ALA B 669 -35.38 -5.06 22.10
N SER B 670 -35.53 -5.85 21.04
CA SER B 670 -34.50 -6.82 20.66
C SER B 670 -33.19 -6.12 20.28
N LEU B 671 -33.33 -5.02 19.54
CA LEU B 671 -32.14 -4.28 19.11
C LEU B 671 -31.34 -3.82 20.33
N GLU B 672 -32.03 -3.32 21.36
CA GLU B 672 -31.33 -2.89 22.57
C GLU B 672 -30.68 -4.09 23.29
N ARG B 673 -31.37 -5.23 23.36
CA ARG B 673 -30.77 -6.51 23.87
C ARG B 673 -29.49 -6.97 23.12
N MET B 674 -29.52 -6.91 21.79
CA MET B 674 -28.37 -7.47 21.03
C MET B 674 -27.17 -6.49 20.88
N ALA B 675 -27.46 -5.20 20.73
CA ALA B 675 -26.37 -4.21 20.58
C ALA B 675 -25.17 -4.44 21.53
N PRO B 676 -25.41 -4.56 22.85
CA PRO B 676 -24.30 -4.74 23.78
C PRO B 676 -23.46 -6.01 23.51
N LEU B 677 -24.09 -7.07 23.03
CA LEU B 677 -23.38 -8.31 22.70
C LEU B 677 -22.55 -8.13 21.42
N VAL B 678 -23.08 -7.40 20.46
CA VAL B 678 -22.23 -6.97 19.32
C VAL B 678 -21.06 -6.11 19.82
N ASP B 679 -21.31 -5.16 20.75
CA ASP B 679 -20.24 -4.29 21.26
C ASP B 679 -19.15 -5.13 21.85
N GLN B 680 -19.56 -6.15 22.59
CA GLN B 680 -18.66 -7.09 23.24
C GLN B 680 -17.95 -7.98 22.23
N GLN B 681 -18.65 -8.48 21.21
CA GLN B 681 -17.99 -9.26 20.19
C GLN B 681 -16.83 -8.44 19.57
N ASN B 682 -16.98 -7.11 19.49
CA ASN B 682 -15.94 -6.25 18.84
C ASN B 682 -15.04 -5.56 19.83
N ALA B 683 -15.23 -5.82 21.12
CA ALA B 683 -14.54 -5.11 22.19
C ALA B 683 -13.01 -5.14 22.05
N GLU B 684 -12.45 -6.23 21.52
CA GLU B 684 -10.97 -6.39 21.42
C GLU B 684 -10.40 -5.67 20.20
N ASP B 685 -11.28 -5.16 19.35
CA ASP B 685 -10.84 -4.32 18.19
C ASP B 685 -10.60 -2.89 18.64
N PRO B 686 -9.35 -2.41 18.63
CA PRO B 686 -9.04 -1.00 18.97
C PRO B 686 -9.76 0.09 18.16
N ALA B 687 -10.14 -0.22 16.92
CA ALA B 687 -10.85 0.74 16.09
C ALA B 687 -12.37 0.77 16.37
N TYR B 688 -12.89 -0.14 17.20
CA TYR B 688 -14.32 -0.22 17.48
C TYR B 688 -14.72 0.82 18.50
N ARG B 689 -15.91 1.37 18.35
CA ARG B 689 -16.52 2.31 19.29
C ARG B 689 -17.97 1.78 19.54
N PRO B 690 -18.40 1.70 20.81
CA PRO B 690 -19.60 0.91 21.13
C PRO B 690 -20.92 1.62 20.81
N MET B 691 -21.97 0.87 20.44
CA MET B 691 -23.33 1.47 20.27
C MET B 691 -24.06 1.77 21.59
N ALA B 692 -23.83 0.93 22.59
CA ALA B 692 -24.53 1.09 23.87
C ALA B 692 -23.72 1.99 24.79
N PRO B 693 -24.36 2.66 25.75
CA PRO B 693 -25.78 2.62 26.02
C PRO B 693 -26.58 3.71 25.28
N ASN B 694 -25.92 4.74 24.76
CA ASN B 694 -26.62 5.88 24.15
C ASN B 694 -27.18 5.57 22.73
N PHE B 695 -28.15 4.66 22.65
CA PHE B 695 -28.62 4.13 21.40
C PHE B 695 -29.17 5.22 20.47
N ASP B 696 -29.88 6.20 21.01
CA ASP B 696 -30.44 7.21 20.13
C ASP B 696 -29.40 8.16 19.54
N ASP B 697 -28.17 8.10 20.04
CA ASP B 697 -27.05 8.88 19.53
C ASP B 697 -26.07 8.06 18.71
N SER B 698 -26.40 6.81 18.45
CA SER B 698 -25.60 5.98 17.54
C SER B 698 -26.19 6.04 16.13
N ILE B 699 -25.44 6.59 15.19
CA ILE B 699 -25.79 6.54 13.76
C ILE B 699 -25.96 5.06 13.34
N ALA B 700 -25.03 4.21 13.75
CA ALA B 700 -25.04 2.79 13.37
C ALA B 700 -26.32 2.07 13.90
N PHE B 701 -26.61 2.27 15.17
CA PHE B 701 -27.84 1.74 15.77
C PHE B 701 -29.07 2.23 15.03
N LEU B 702 -29.18 3.55 14.85
CA LEU B 702 -30.32 4.09 14.12
C LEU B 702 -30.38 3.55 12.67
N ALA B 703 -29.24 3.36 12.00
CA ALA B 703 -29.21 2.70 10.68
C ALA B 703 -29.88 1.31 10.74
N ALA B 704 -29.49 0.51 11.72
CA ALA B 704 -30.06 -0.84 11.90
C ALA B 704 -31.59 -0.82 12.09
N GLN B 705 -32.06 0.05 13.00
CA GLN B 705 -33.49 0.26 13.27
C GLN B 705 -34.17 0.76 12.01
N GLU B 706 -33.56 1.75 11.37
CA GLU B 706 -34.16 2.26 10.16
C GLU B 706 -34.34 1.15 9.12
N LEU B 707 -33.34 0.28 8.96
CA LEU B 707 -33.45 -0.78 7.92
C LEU B 707 -34.66 -1.73 8.16
N ILE B 708 -34.95 -1.98 9.44
CA ILE B 708 -36.11 -2.81 9.84
C ILE B 708 -37.42 -2.02 9.71
N LEU B 709 -37.54 -0.89 10.41
CA LEU B 709 -38.83 -0.19 10.54
C LEU B 709 -39.26 0.52 9.26
N SER B 710 -38.31 0.81 8.36
CA SER B 710 -38.58 1.42 7.04
C SER B 710 -38.42 0.41 5.89
N GLY B 711 -38.04 -0.82 6.21
CA GLY B 711 -37.76 -1.84 5.20
C GLY B 711 -38.86 -1.96 4.17
N ALA B 712 -40.12 -1.89 4.60
CA ALA B 712 -41.20 -2.11 3.66
C ALA B 712 -41.26 -1.01 2.64
N GLN B 713 -40.78 0.19 2.98
CA GLN B 713 -40.82 1.28 2.01
C GLN B 713 -39.53 1.41 1.20
N GLN B 714 -38.58 0.51 1.37
CA GLN B 714 -37.40 0.56 0.50
C GLN B 714 -37.66 -0.13 -0.82
N PRO B 715 -37.23 0.48 -1.94
CA PRO B 715 -37.46 -0.09 -3.25
C PRO B 715 -36.82 -1.48 -3.38
N ASN B 716 -37.68 -2.48 -3.58
CA ASN B 716 -37.33 -3.91 -3.67
C ASN B 716 -36.56 -4.42 -2.43
N GLY B 717 -36.73 -3.74 -1.30
CA GLY B 717 -36.07 -4.11 -0.03
C GLY B 717 -34.58 -3.79 0.02
N TYR B 718 -34.11 -2.99 -0.94
CA TYR B 718 -32.68 -2.73 -1.06
C TYR B 718 -32.15 -1.88 0.12
N THR B 719 -30.94 -2.22 0.56
CA THR B 719 -30.37 -1.63 1.76
C THR B 719 -29.52 -0.38 1.48
N GLU B 720 -29.21 -0.13 0.22
CA GLU B 720 -28.27 0.94 -0.12
C GLU B 720 -28.76 2.35 0.25
N PRO B 721 -30.03 2.70 -0.05
CA PRO B 721 -30.36 4.10 0.20
C PRO B 721 -30.16 4.47 1.68
N ILE B 722 -30.56 3.59 2.58
CA ILE B 722 -30.40 3.83 4.02
C ILE B 722 -28.94 3.77 4.44
N LEU B 723 -28.23 2.70 4.03
CA LEU B 723 -26.82 2.52 4.39
C LEU B 723 -25.92 3.65 3.91
N HIS B 724 -26.02 3.99 2.62
CA HIS B 724 -25.24 5.10 2.06
C HIS B 724 -25.48 6.39 2.78
N ARG B 725 -26.75 6.70 2.96
CA ARG B 725 -27.12 7.89 3.70
C ARG B 725 -26.50 7.84 5.11
N ARG B 726 -26.60 6.71 5.79
CA ARG B 726 -26.09 6.66 7.18
C ARG B 726 -24.57 6.74 7.29
N ARG B 727 -23.90 6.13 6.31
CA ARG B 727 -22.43 6.15 6.29
C ARG B 727 -21.90 7.54 5.96
N ARG B 728 -22.58 8.23 5.06
CA ARG B 728 -22.24 9.61 4.80
C ARG B 728 -22.42 10.49 6.05
N GLU B 729 -23.53 10.28 6.74
CA GLU B 729 -23.80 10.98 8.00
C GLU B 729 -22.69 10.74 9.01
N PHE B 730 -22.26 9.50 9.14
CA PHE B 730 -21.14 9.20 10.00
C PHE B 730 -19.89 9.96 9.57
N LYS B 731 -19.55 9.90 8.28
CA LYS B 731 -18.36 10.60 7.75
C LYS B 731 -18.45 12.12 8.02
N ALA B 732 -19.62 12.68 7.80
CA ALA B 732 -19.80 14.12 7.97
C ALA B 732 -19.79 14.52 9.46
N GLN B 733 -19.95 13.59 10.39
CA GLN B 733 -19.65 13.89 11.80
C GLN B 733 -18.25 13.36 12.08
MG MG C . 25.12 12.09 8.27
MG MG D . 7.28 11.04 -14.13
MG MG E . 8.65 19.45 -11.44
C1 EDO F . 39.56 27.40 5.63
O1 EDO F . 40.25 26.68 4.60
C2 EDO F . 39.02 28.73 5.14
O2 EDO F . 38.40 29.46 6.25
MG MG G . -26.19 -10.64 -4.62
MG MG H . -1.41 -4.96 -17.74
MG MG I . -3.26 -13.59 -18.00
#